data_7PH7
#
_entry.id   7PH7
#
_cell.length_a   1.00
_cell.length_b   1.00
_cell.length_c   1.00
_cell.angle_alpha   90.00
_cell.angle_beta   90.00
_cell.angle_gamma   90.00
#
_symmetry.space_group_name_H-M   'P 1'
#
loop_
_entity.id
_entity.type
_entity.pdbx_description
1 polymer 'ATP-binding transport protein multicopy suppressor of htrB'
2 polymer Nb_MsbA#1
3 non-polymer '(2~{R},4~{R},5~{R},6~{R})-6-[(1~{R})-1,2-bis(oxidanyl)ethyl]-4-[(2~{R},3~{S},4~{S},5~{R},6~{R})-6-[(1~{S})-1,2-bis(oxidanyl)ethyl]-4-[(2~{R},3~{S},4~{S},5~{S},6~{R})-6-[(1~{S})-1,2-bis(oxidanyl)ethyl]-3,4,5-tris(oxidanyl)oxan-2-yl]oxy-3,5-bis(oxidanyl)oxan-2-yl]oxy-2-[[(2~{R},3~{S},4~{R},5~{R},6~{R})-4-[(3~{R})-3-nonanoyloxytetradecanoyl]oxy-5-[[(3~{R})-3-octanoyloxytetradecanoyl]amino]-6-[[(2~{R},3~{S},4~{S},5~{S},6~{R})-3-oxidanyl-5-[[(3~{R})-3-oxidanylnonanoyl]amino]-4-[(3~{R})-3-oxidanyltetradecanoyl]oxy-6-phosphonooxy-oxan-2-yl]methoxy]-3-phosphonooxy-oxan-2-yl]methoxy]-5-oxidanyl-oxane-2-carboxylic acid'
4 non-polymer (1~{R},4~{R},11~{S},14~{S},19~{Z})-19-[2-[2,5-bis(oxidanylidene)pyrrolidin-1-yl]ethylimino]-7,8,17,18-tetraoxa-1,4,11,14-tetrazatricyclo[12.6.2.2^{4,11}]tetracosane-6,9,16-trione
5 non-polymer 'GADOLINIUM ATOM'
#
loop_
_entity_poly.entity_id
_entity_poly.type
_entity_poly.pdbx_seq_one_letter_code
_entity_poly.pdbx_strand_id
1 'polypeptide(L)'
;GPDEAEKLFNQMHNDKDLSTWQTFRRLWPTIAPFKAGLIVAGVALILNAASDTFMLSLLKPLLDDGFGKTDRSVLVWMPL
VVIGLMILRGITSYVSSYCISWVSGKVVMTMRRRLFGHMMGMPVSFFDKQSTGTLLSRITYDSEQVASSSSGALITVVRE
GASIIGLFIMMFYYSWQLSIILIVLAPIVSIAIRVVSKRFRNISKNMQNTMGQVTTSAEQMLKGHKEVLIFGGQEVETKR
FDKVSNRMRLQGMKMVSASSISDPIIQLIASLALAFVLYAASFPSVMDSLTAGTITVVFSSMIALMRPLKSLTNVNAQFQ
RGMAACQTLFTILDSEQEKDEGKRVIERATGDVEFRNVTFTYPGRDVPALRNINLKIPAGKTVALVGRSGSGKSTIASLI
TRFYDIDEGEILMDGHDLREYTLASLRNQVALVSQNVHLFNDTVANNIAYARTEQYSREQIEEAARMAYAMDFINKMDNG
LDTVIGENGVLLSGGQRQRIAIARALLRDSPILILDEATSALDTESERAIQAALDELQKNRTSLVIAHRLSTIEKADEIV
VVEDGVIVERGTHNDLLEHRGVYAQLHKMQFGQ
;
A,B
2 'polypeptide(L)'
;GPSQMQLVESGGGLVQAGGSLRLSCAVSGSIFSIITLAWYRQAPGKPRENVATITRGSRTSYADSVKGRFCISKDNAKST
VYLQMNKLKPEDTADYYCNAEGPAGYWGQGTPVTVS
;
C,D
#
loop_
_chem_comp.id
_chem_comp.type
_chem_comp.name
_chem_comp.formula
88T non-polymer (1~{R},4~{R},11~{S},14~{S},19~{Z})-19-[2-[2,5-bis(oxidanylidene)pyrrolidin-1-yl]ethylimino]-7,8,17,18-tetraoxa-1,4,11,14-tetrazatricyclo[12.6.2.2^{4,11}]tetracosane-6,9,16-trione 'C22 H32 N6 O9'
EIW non-polymer '(2~{R},4~{R},5~{R},6~{R})-6-[(1~{R})-1,2-bis(oxidanyl)ethyl]-4-[(2~{R},3~{S},4~{S},5~{R},6~{R})-6-[(1~{S})-1,2-bis(oxidanyl)ethyl]-4-[(2~{R},3~{S},4~{S},5~{S},6~{R})-6-[(1~{S})-1,2-bis(oxidanyl)ethyl]-3,4,5-tris(oxidanyl)oxan-2-yl]oxy-3,5-bis(oxidanyl)oxan-2-yl]oxy-2-[[(2~{R},3~{S},4~{R},5~{R},6~{R})-4-[(3~{R})-3-nonanoyloxytetradecanoyl]oxy-5-[[(3~{R})-3-octanoyloxytetradecanoyl]amino]-6-[[(2~{R},3~{S},4~{S},5~{S},6~{R})-3-oxidanyl-5-[[(3~{R})-3-oxidanylnonanoyl]amino]-4-[(3~{R})-3-oxidanyltetradecanoyl]oxy-6-phosphonooxy-oxan-2-yl]methoxy]-3-phosphonooxy-oxan-2-yl]methoxy]-5-oxidanyl-oxane-2-carboxylic acid' 'C102 H186 N2 O44 P2'
GD non-polymer 'GADOLINIUM ATOM' Gd
#
# COMPACT_ATOMS: atom_id res chain seq x y z
N THR A 23 38.34 -8.14 -7.76
CA THR A 23 38.41 -9.24 -8.70
C THR A 23 37.28 -9.14 -9.72
N PHE A 24 37.44 -8.20 -10.66
CA PHE A 24 36.46 -8.00 -11.73
C PHE A 24 36.97 -8.47 -13.09
N ARG A 25 37.88 -9.44 -13.11
CA ARG A 25 38.36 -9.98 -14.37
C ARG A 25 37.21 -10.65 -15.12
N ARG A 26 37.27 -10.56 -16.46
CA ARG A 26 36.20 -11.02 -17.34
C ARG A 26 34.90 -10.27 -17.07
N LEU A 27 34.99 -8.98 -16.76
CA LEU A 27 33.81 -8.13 -16.69
C LEU A 27 34.06 -6.75 -17.28
N TRP A 28 35.21 -6.49 -17.89
CA TRP A 28 35.47 -5.21 -18.53
C TRP A 28 34.52 -4.92 -19.70
N PRO A 29 34.32 -5.82 -20.67
CA PRO A 29 33.62 -5.40 -21.90
C PRO A 29 32.14 -5.09 -21.73
N THR A 30 31.66 -5.07 -20.48
CA THR A 30 30.30 -4.61 -20.25
C THR A 30 30.19 -3.10 -20.43
N ILE A 31 31.31 -2.38 -20.25
CA ILE A 31 31.39 -0.94 -20.41
C ILE A 31 32.35 -0.57 -21.54
N ALA A 32 32.77 -1.56 -22.31
CA ALA A 32 33.77 -1.35 -23.36
C ALA A 32 33.43 -0.23 -24.34
N PRO A 33 32.20 -0.06 -24.81
CA PRO A 33 31.92 1.06 -25.70
C PRO A 33 32.06 2.42 -25.04
N PHE A 34 32.33 2.47 -23.73
CA PHE A 34 32.42 3.73 -23.01
C PHE A 34 33.84 4.02 -22.52
N LYS A 35 34.84 3.32 -23.04
CA LYS A 35 36.19 3.48 -22.55
C LYS A 35 36.71 4.89 -22.78
N ALA A 36 36.17 5.61 -23.76
CA ALA A 36 36.59 6.99 -23.96
C ALA A 36 36.35 7.81 -22.71
N GLY A 37 35.15 7.70 -22.15
CA GLY A 37 34.83 8.47 -20.95
C GLY A 37 35.72 8.12 -19.79
N LEU A 38 35.94 6.83 -19.56
CA LEU A 38 36.78 6.45 -18.43
C LEU A 38 38.23 6.86 -18.64
N ILE A 39 38.73 6.81 -19.87
CA ILE A 39 40.14 7.18 -20.04
C ILE A 39 40.31 8.69 -19.91
N VAL A 40 39.31 9.46 -20.32
CA VAL A 40 39.35 10.89 -20.03
C VAL A 40 39.25 11.12 -18.53
N ALA A 41 38.45 10.31 -17.85
CA ALA A 41 38.39 10.40 -16.40
C ALA A 41 39.76 10.19 -15.78
N GLY A 42 40.45 9.14 -16.22
CA GLY A 42 41.77 8.87 -15.65
C GLY A 42 42.76 9.97 -15.95
N VAL A 43 42.83 10.40 -17.21
CA VAL A 43 43.80 11.42 -17.61
C VAL A 43 43.54 12.72 -16.89
N ALA A 44 42.29 13.14 -16.81
CA ALA A 44 41.96 14.42 -16.21
C ALA A 44 41.63 14.28 -14.74
N LEU A 45 41.83 13.10 -14.17
CA LEU A 45 41.64 12.90 -12.75
C LEU A 45 42.95 12.79 -12.01
N ILE A 46 43.93 12.08 -12.58
CA ILE A 46 45.24 12.05 -11.95
C ILE A 46 45.81 13.46 -11.88
N LEU A 47 45.44 14.32 -12.82
CA LEU A 47 45.83 15.71 -12.74
C LEU A 47 45.27 16.39 -11.51
N ASN A 48 44.06 16.01 -11.09
CA ASN A 48 43.45 16.66 -9.94
C ASN A 48 44.16 16.35 -8.64
N ALA A 49 45.07 15.39 -8.63
CA ALA A 49 45.96 15.19 -7.51
C ALA A 49 47.36 15.71 -7.78
N ALA A 50 47.77 15.71 -9.05
CA ALA A 50 49.03 16.33 -9.40
C ALA A 50 49.02 17.81 -9.03
N SER A 51 47.87 18.47 -9.19
CA SER A 51 47.76 19.87 -8.78
C SER A 51 47.96 20.03 -7.27
N ASP A 52 47.34 19.14 -6.49
CA ASP A 52 47.45 19.25 -5.04
C ASP A 52 48.86 18.98 -4.56
N THR A 53 49.60 18.11 -5.25
CA THR A 53 50.99 17.91 -4.87
C THR A 53 51.86 19.07 -5.32
N PHE A 54 51.59 19.61 -6.51
CA PHE A 54 52.35 20.76 -6.98
C PHE A 54 52.22 21.94 -6.04
N MET A 55 51.05 22.14 -5.43
CA MET A 55 50.91 23.31 -4.58
C MET A 55 51.90 23.27 -3.42
N LEU A 56 52.01 22.13 -2.75
CA LEU A 56 52.92 22.06 -1.61
C LEU A 56 54.37 22.12 -2.08
N SER A 57 54.68 21.38 -3.15
CA SER A 57 56.03 21.45 -3.69
C SER A 57 56.40 22.90 -4.00
N LEU A 58 55.43 23.68 -4.45
CA LEU A 58 55.61 25.12 -4.60
C LEU A 58 55.80 25.79 -3.25
N LEU A 59 55.07 25.35 -2.24
CA LEU A 59 55.17 26.03 -0.95
C LEU A 59 56.60 26.07 -0.47
N LYS A 60 57.38 25.05 -0.76
CA LYS A 60 58.76 25.09 -0.27
C LYS A 60 59.58 26.26 -0.83
N PRO A 61 59.70 26.46 -2.15
CA PRO A 61 60.44 27.63 -2.64
C PRO A 61 59.76 28.96 -2.37
N LEU A 62 58.66 28.99 -1.63
CA LEU A 62 58.09 30.26 -1.22
C LEU A 62 58.39 30.60 0.22
N LEU A 63 59.01 29.68 0.96
CA LEU A 63 59.31 29.92 2.37
C LEU A 63 60.80 30.18 2.57
N ASP A 64 61.65 29.25 2.12
CA ASP A 64 63.09 29.47 2.20
C ASP A 64 63.55 30.46 1.14
N ASP A 65 63.36 30.11 -0.13
CA ASP A 65 63.86 30.89 -1.25
C ASP A 65 63.12 32.22 -1.43
N GLY A 66 62.10 32.48 -0.62
CA GLY A 66 61.34 33.71 -0.75
C GLY A 66 61.59 34.71 0.36
N PHE A 67 61.81 34.22 1.57
CA PHE A 67 62.04 35.09 2.71
C PHE A 67 63.47 34.97 3.23
N GLY A 68 63.94 33.74 3.40
CA GLY A 68 65.31 33.53 3.83
C GLY A 68 66.31 34.12 2.85
N LYS A 69 66.08 33.92 1.55
CA LYS A 69 66.99 34.41 0.53
C LYS A 69 66.62 35.83 0.17
N THR A 70 66.33 36.64 1.20
CA THR A 70 66.52 38.08 1.21
C THR A 70 65.58 38.88 0.30
N ASP A 71 64.87 38.23 -0.61
CA ASP A 71 64.31 39.04 -1.70
C ASP A 71 63.13 38.50 -2.49
N ARG A 72 62.59 39.38 -3.32
CA ARG A 72 61.54 39.17 -4.31
C ARG A 72 62.07 38.34 -5.46
N SER A 73 61.32 38.29 -6.57
CA SER A 73 61.64 37.57 -7.80
C SER A 73 61.31 36.09 -7.69
N VAL A 74 60.61 35.69 -6.63
CA VAL A 74 59.93 34.41 -6.57
C VAL A 74 58.46 34.71 -6.33
N LEU A 75 58.20 35.63 -5.41
CA LEU A 75 56.86 35.97 -4.99
C LEU A 75 56.15 36.87 -5.94
N VAL A 76 56.67 37.02 -7.16
CA VAL A 76 55.86 37.51 -8.26
C VAL A 76 55.50 36.42 -9.23
N TRP A 77 56.30 35.37 -9.36
CA TRP A 77 55.87 34.13 -9.98
C TRP A 77 54.70 33.53 -9.19
N MET A 78 54.99 33.13 -7.95
CA MET A 78 54.19 32.09 -7.31
C MET A 78 52.76 32.52 -7.04
N PRO A 79 52.45 33.80 -6.77
CA PRO A 79 51.03 34.20 -6.75
C PRO A 79 50.29 33.93 -8.04
N LEU A 80 50.98 33.81 -9.17
CA LEU A 80 50.33 33.39 -10.40
C LEU A 80 50.35 31.89 -10.59
N VAL A 81 51.42 31.21 -10.17
CA VAL A 81 51.43 29.76 -10.30
C VAL A 81 50.34 29.14 -9.44
N VAL A 82 50.08 29.74 -8.27
CA VAL A 82 49.07 29.17 -7.39
C VAL A 82 47.69 29.27 -8.01
N ILE A 83 47.37 30.41 -8.61
CA ILE A 83 46.06 30.52 -9.24
C ILE A 83 45.99 29.65 -10.49
N GLY A 84 47.11 29.48 -11.19
CA GLY A 84 47.10 28.57 -12.34
C GLY A 84 46.85 27.14 -11.91
N LEU A 85 47.53 26.69 -10.87
CA LEU A 85 47.28 25.35 -10.36
C LEU A 85 45.86 25.22 -9.88
N MET A 86 45.31 26.28 -9.27
CA MET A 86 43.92 26.20 -8.84
C MET A 86 42.96 26.07 -10.01
N ILE A 87 43.18 26.82 -11.09
CA ILE A 87 42.25 26.70 -12.20
C ILE A 87 42.40 25.33 -12.87
N LEU A 88 43.61 24.80 -12.91
CA LEU A 88 43.80 23.44 -13.39
C LEU A 88 43.04 22.46 -12.52
N ARG A 89 43.13 22.63 -11.20
CA ARG A 89 42.44 21.74 -10.28
C ARG A 89 40.94 21.81 -10.45
N GLY A 90 40.39 23.02 -10.56
CA GLY A 90 38.96 23.15 -10.76
C GLY A 90 38.50 22.53 -12.07
N ILE A 91 39.21 22.81 -13.15
CA ILE A 91 38.79 22.29 -14.45
C ILE A 91 38.89 20.78 -14.49
N THR A 92 39.97 20.22 -13.94
CA THR A 92 40.06 18.77 -13.91
C THR A 92 38.98 18.17 -13.04
N SER A 93 38.66 18.81 -11.92
CA SER A 93 37.56 18.32 -11.09
C SER A 93 36.29 18.24 -11.92
N TYR A 94 35.99 19.31 -12.65
CA TYR A 94 34.76 19.30 -13.44
C TYR A 94 34.79 18.22 -14.50
N VAL A 95 35.85 18.15 -15.28
CA VAL A 95 35.86 17.19 -16.37
C VAL A 95 35.80 15.77 -15.84
N SER A 96 36.56 15.48 -14.80
CA SER A 96 36.51 14.14 -14.21
C SER A 96 35.11 13.80 -13.75
N SER A 97 34.50 14.67 -12.94
CA SER A 97 33.17 14.36 -12.42
C SER A 97 32.17 14.22 -13.56
N TYR A 98 32.18 15.12 -14.52
CA TYR A 98 31.18 15.09 -15.57
C TYR A 98 31.35 13.88 -16.46
N CYS A 99 32.56 13.63 -16.95
CA CYS A 99 32.75 12.51 -17.85
C CYS A 99 32.94 11.20 -17.12
N ILE A 100 32.73 11.14 -15.81
CA ILE A 100 32.55 9.84 -15.18
C ILE A 100 31.06 9.66 -14.90
N SER A 101 30.37 10.76 -14.65
CA SER A 101 28.92 10.66 -14.48
C SER A 101 28.23 10.38 -15.80
N TRP A 102 28.84 10.74 -16.90
CA TRP A 102 28.28 10.37 -18.20
C TRP A 102 28.27 8.86 -18.38
N VAL A 103 29.37 8.20 -18.05
CA VAL A 103 29.37 6.74 -18.14
C VAL A 103 28.48 6.13 -17.08
N SER A 104 28.47 6.70 -15.88
CA SER A 104 27.53 6.24 -14.87
C SER A 104 26.11 6.26 -15.42
N GLY A 105 25.72 7.36 -16.05
CA GLY A 105 24.37 7.47 -16.57
C GLY A 105 24.09 6.50 -17.70
N LYS A 106 25.02 6.38 -18.63
CA LYS A 106 24.76 5.50 -19.76
C LYS A 106 25.03 4.05 -19.46
N VAL A 107 25.43 3.71 -18.24
CA VAL A 107 25.41 2.34 -17.77
C VAL A 107 24.17 2.05 -16.94
N VAL A 108 23.73 3.02 -16.13
CA VAL A 108 22.43 2.90 -15.51
C VAL A 108 21.35 2.69 -16.55
N MET A 109 21.38 3.47 -17.64
CA MET A 109 20.38 3.29 -18.68
C MET A 109 20.37 1.87 -19.21
N THR A 110 21.53 1.37 -19.61
CA THR A 110 21.54 0.05 -20.22
C THR A 110 21.08 -1.02 -19.25
N MET A 111 21.57 -0.97 -18.01
CA MET A 111 21.18 -2.00 -17.05
C MET A 111 19.69 -1.93 -16.79
N ARG A 112 19.15 -0.73 -16.59
CA ARG A 112 17.74 -0.58 -16.27
C ARG A 112 16.86 -0.97 -17.44
N ARG A 113 17.27 -0.62 -18.66
CA ARG A 113 16.52 -0.97 -19.85
C ARG A 113 16.47 -2.48 -20.04
N ARG A 114 17.59 -3.17 -19.87
CA ARG A 114 17.56 -4.62 -20.00
C ARG A 114 16.73 -5.24 -18.88
N LEU A 115 16.81 -4.67 -17.68
CA LEU A 115 15.99 -5.15 -16.59
C LEU A 115 14.51 -5.04 -16.93
N PHE A 116 14.08 -3.87 -17.41
CA PHE A 116 12.68 -3.67 -17.75
C PHE A 116 12.25 -4.58 -18.87
N GLY A 117 12.99 -4.58 -19.98
CA GLY A 117 12.71 -5.49 -21.07
C GLY A 117 12.66 -6.93 -20.67
N HIS A 118 13.16 -7.28 -19.50
CA HIS A 118 12.87 -8.57 -18.93
C HIS A 118 11.55 -8.62 -18.17
N MET A 119 11.05 -7.48 -17.67
CA MET A 119 9.82 -7.51 -16.89
C MET A 119 8.55 -7.55 -17.74
N MET A 120 8.67 -7.42 -19.06
CA MET A 120 7.50 -7.50 -19.93
C MET A 120 7.26 -8.90 -20.45
N GLY A 121 7.93 -9.89 -19.89
CA GLY A 121 7.66 -11.25 -20.28
C GLY A 121 7.45 -12.13 -19.08
N MET A 122 7.69 -11.60 -17.89
CA MET A 122 7.61 -12.38 -16.68
C MET A 122 6.15 -12.67 -16.39
N PRO A 123 5.79 -13.93 -16.19
CA PRO A 123 4.40 -14.34 -16.33
C PRO A 123 3.46 -13.68 -15.34
N VAL A 124 2.21 -13.56 -15.75
CA VAL A 124 1.22 -12.72 -15.08
C VAL A 124 1.11 -13.03 -13.61
N SER A 125 1.40 -14.26 -13.21
CA SER A 125 1.21 -14.65 -11.82
C SER A 125 1.95 -13.72 -10.88
N PHE A 126 3.10 -13.21 -11.32
CA PHE A 126 3.87 -12.30 -10.48
C PHE A 126 3.14 -10.98 -10.32
N PHE A 127 2.95 -10.25 -11.42
CA PHE A 127 2.28 -8.95 -11.40
C PHE A 127 1.03 -8.95 -10.54
N ASP A 128 0.39 -10.10 -10.37
CA ASP A 128 -0.86 -10.19 -9.63
C ASP A 128 -0.59 -10.05 -8.14
N LYS A 129 -0.25 -8.83 -7.74
CA LYS A 129 -0.09 -8.39 -6.37
C LYS A 129 0.99 -9.15 -5.62
N GLN A 130 1.75 -10.04 -6.27
CA GLN A 130 2.87 -10.65 -5.59
C GLN A 130 3.89 -9.58 -5.17
N SER A 131 4.31 -8.75 -6.12
CA SER A 131 5.15 -7.60 -5.82
C SER A 131 4.95 -6.61 -6.97
N THR A 132 4.17 -5.56 -6.71
CA THR A 132 4.02 -4.46 -7.65
C THR A 132 4.09 -3.10 -6.99
N GLY A 133 3.84 -3.00 -5.69
CA GLY A 133 3.80 -1.70 -5.04
C GLY A 133 5.12 -0.97 -5.15
N THR A 134 6.22 -1.69 -4.96
CA THR A 134 7.55 -1.09 -4.98
C THR A 134 8.41 -1.71 -6.08
N LEU A 135 7.78 -2.16 -7.17
CA LEU A 135 8.56 -2.73 -8.27
C LEU A 135 9.42 -1.65 -8.91
N LEU A 136 8.79 -0.60 -9.44
CA LEU A 136 9.53 0.39 -10.19
C LEU A 136 10.54 1.11 -9.30
N SER A 137 10.14 1.44 -8.07
CA SER A 137 11.08 2.05 -7.16
C SER A 137 12.21 1.09 -6.81
N ARG A 138 11.88 -0.17 -6.54
CA ARG A 138 12.92 -1.09 -6.13
C ARG A 138 13.83 -1.49 -7.28
N ILE A 139 13.51 -1.12 -8.51
CA ILE A 139 14.49 -1.25 -9.58
C ILE A 139 15.23 0.06 -9.82
N THR A 140 14.56 1.21 -9.81
CA THR A 140 15.28 2.45 -10.11
C THR A 140 16.20 2.86 -8.96
N TYR A 141 15.72 2.81 -7.73
CA TYR A 141 16.56 3.08 -6.57
C TYR A 141 17.72 2.09 -6.50
N ASP A 142 17.42 0.81 -6.69
CA ASP A 142 18.45 -0.20 -6.60
C ASP A 142 19.52 -0.02 -7.67
N SER A 143 19.11 0.14 -8.93
CA SER A 143 20.08 0.27 -10.00
C SER A 143 20.68 1.66 -10.10
N GLU A 144 20.19 2.60 -9.31
CA GLU A 144 20.92 3.84 -9.15
C GLU A 144 21.91 3.77 -8.00
N GLN A 145 21.67 2.92 -7.01
CA GLN A 145 22.67 2.65 -6.00
C GLN A 145 23.72 1.64 -6.45
N VAL A 146 23.48 0.93 -7.56
CA VAL A 146 24.50 0.01 -8.05
C VAL A 146 25.61 0.74 -8.79
N ALA A 147 25.34 1.92 -9.33
CA ALA A 147 26.36 2.66 -10.04
C ALA A 147 26.89 3.84 -9.25
N SER A 148 26.10 4.40 -8.34
CA SER A 148 26.62 5.44 -7.48
C SER A 148 27.78 4.92 -6.63
N SER A 149 27.62 3.72 -6.07
CA SER A 149 28.67 3.18 -5.21
C SER A 149 29.89 2.79 -6.02
N SER A 150 29.70 2.09 -7.13
CA SER A 150 30.86 1.67 -7.91
C SER A 150 31.58 2.85 -8.53
N SER A 151 30.83 3.83 -9.06
CA SER A 151 31.47 5.01 -9.62
C SER A 151 32.18 5.82 -8.54
N GLY A 152 31.60 5.89 -7.34
CA GLY A 152 32.31 6.51 -6.25
C GLY A 152 33.60 5.80 -5.90
N ALA A 153 33.57 4.47 -5.88
CA ALA A 153 34.79 3.72 -5.65
C ALA A 153 35.82 4.04 -6.71
N LEU A 154 35.38 4.22 -7.96
CA LEU A 154 36.33 4.55 -9.02
C LEU A 154 36.93 5.94 -8.79
N ILE A 155 36.10 6.93 -8.49
CA ILE A 155 36.64 8.29 -8.39
C ILE A 155 37.31 8.45 -7.04
N THR A 156 37.34 7.39 -6.24
CA THR A 156 38.11 7.37 -5.01
C THR A 156 39.44 6.64 -5.11
N VAL A 157 39.50 5.50 -5.80
CA VAL A 157 40.72 4.69 -5.81
C VAL A 157 41.73 5.21 -6.84
N VAL A 158 41.45 6.35 -7.47
CA VAL A 158 42.37 6.88 -8.46
C VAL A 158 42.87 8.26 -8.06
N ARG A 159 41.95 9.20 -7.82
CA ARG A 159 42.39 10.49 -7.29
C ARG A 159 43.08 10.30 -5.95
N GLU A 160 42.41 9.62 -5.04
CA GLU A 160 42.90 9.41 -3.70
C GLU A 160 43.83 8.21 -3.63
N GLY A 161 44.34 7.78 -4.77
CA GLY A 161 45.40 6.81 -4.84
C GLY A 161 46.59 7.43 -5.56
N ALA A 162 46.31 8.37 -6.45
CA ALA A 162 47.39 9.16 -7.02
C ALA A 162 47.90 10.18 -6.02
N SER A 163 47.03 10.60 -5.10
CA SER A 163 47.47 11.55 -4.10
C SER A 163 48.59 10.98 -3.25
N ILE A 164 48.47 9.73 -2.85
CA ILE A 164 49.52 9.10 -2.04
C ILE A 164 50.82 9.02 -2.82
N ILE A 165 50.73 8.62 -4.08
CA ILE A 165 51.93 8.48 -4.89
C ILE A 165 52.62 9.83 -5.02
N GLY A 166 51.84 10.87 -5.29
CA GLY A 166 52.43 12.19 -5.42
C GLY A 166 53.06 12.69 -4.14
N LEU A 167 52.39 12.47 -3.02
CA LEU A 167 52.93 12.99 -1.77
C LEU A 167 54.21 12.26 -1.38
N PHE A 168 54.27 10.94 -1.55
CA PHE A 168 55.54 10.27 -1.28
C PHE A 168 56.63 10.72 -2.25
N ILE A 169 56.33 10.88 -3.53
CA ILE A 169 57.34 11.37 -4.44
C ILE A 169 57.89 12.70 -3.94
N MET A 170 56.99 13.58 -3.52
CA MET A 170 57.42 14.91 -3.13
C MET A 170 58.12 14.91 -1.78
N MET A 171 57.83 13.94 -0.91
CA MET A 171 58.64 13.79 0.29
C MET A 171 60.05 13.30 0.00
N PHE A 172 60.19 12.25 -0.83
CA PHE A 172 61.53 11.72 -1.11
C PHE A 172 62.40 12.75 -1.82
N TYR A 173 61.86 13.42 -2.83
CA TYR A 173 62.68 14.40 -3.53
C TYR A 173 63.13 15.51 -2.60
N TYR A 174 62.48 15.69 -1.45
CA TYR A 174 62.86 16.68 -0.47
C TYR A 174 63.54 16.11 0.75
N SER A 175 63.41 14.83 1.04
CA SER A 175 63.96 14.29 2.28
C SER A 175 64.37 12.84 2.08
N TRP A 176 65.08 12.33 3.08
CA TRP A 176 65.65 10.98 3.03
C TRP A 176 65.10 10.10 4.14
N GLN A 177 64.99 10.63 5.35
CA GLN A 177 64.67 9.78 6.50
C GLN A 177 63.18 9.81 6.80
N LEU A 178 62.62 11.02 6.95
CA LEU A 178 61.23 11.15 7.40
C LEU A 178 60.29 10.33 6.54
N SER A 179 60.53 10.31 5.23
CA SER A 179 59.66 9.56 4.34
C SER A 179 59.73 8.07 4.64
N ILE A 180 60.90 7.58 5.05
CA ILE A 180 61.03 6.14 5.31
C ILE A 180 60.27 5.73 6.55
N ILE A 181 60.39 6.51 7.63
CA ILE A 181 59.60 6.18 8.82
C ILE A 181 58.12 6.36 8.53
N LEU A 182 57.77 7.29 7.62
CA LEU A 182 56.37 7.45 7.29
C LEU A 182 55.84 6.25 6.50
N ILE A 183 56.62 5.70 5.57
CA ILE A 183 56.14 4.51 4.85
C ILE A 183 56.19 3.27 5.73
N VAL A 184 57.03 3.26 6.76
CA VAL A 184 56.95 2.20 7.76
C VAL A 184 55.70 2.36 8.62
N LEU A 185 55.30 3.61 8.88
CA LEU A 185 54.36 3.90 9.94
C LEU A 185 52.93 4.03 9.46
N ALA A 186 52.70 4.53 8.25
CA ALA A 186 51.34 4.69 7.75
C ALA A 186 50.57 3.39 7.69
N PRO A 187 51.12 2.26 7.25
CA PRO A 187 50.36 1.00 7.28
C PRO A 187 49.76 0.69 8.64
N ILE A 188 50.46 1.03 9.72
CA ILE A 188 49.88 0.89 11.05
C ILE A 188 48.64 1.77 11.15
N VAL A 189 48.72 3.00 10.63
CA VAL A 189 47.58 3.89 10.63
C VAL A 189 46.42 3.27 9.88
N SER A 190 46.71 2.66 8.74
CA SER A 190 45.67 2.05 7.92
C SER A 190 44.98 0.92 8.65
N ILE A 191 45.75 0.03 9.29
CA ILE A 191 45.09 -1.09 9.96
C ILE A 191 44.30 -0.58 11.16
N ALA A 192 44.75 0.47 11.82
CA ALA A 192 43.92 1.08 12.84
C ALA A 192 42.60 1.57 12.26
N ILE A 193 42.67 2.23 11.09
CA ILE A 193 41.46 2.70 10.41
C ILE A 193 40.51 1.52 10.21
N ARG A 194 41.05 0.43 9.68
CA ARG A 194 40.28 -0.73 9.25
C ARG A 194 39.67 -1.49 10.42
N VAL A 195 40.31 -1.47 11.59
CA VAL A 195 39.70 -2.12 12.74
C VAL A 195 38.63 -1.24 13.36
N VAL A 196 38.84 0.08 13.39
CA VAL A 196 37.84 0.93 14.03
C VAL A 196 36.58 1.02 13.19
N SER A 197 36.72 1.18 11.87
CA SER A 197 35.52 1.13 11.03
C SER A 197 34.80 -0.20 11.20
N LYS A 198 35.54 -1.29 11.44
CA LYS A 198 34.92 -2.58 11.67
C LYS A 198 34.09 -2.55 12.95
N ARG A 199 34.61 -1.91 14.00
CA ARG A 199 33.79 -1.68 15.18
C ARG A 199 32.47 -1.03 14.81
N PHE A 200 32.52 0.03 14.01
CA PHE A 200 31.29 0.77 13.74
C PHE A 200 30.28 -0.07 12.97
N ARG A 201 30.72 -0.72 11.88
CA ARG A 201 29.79 -1.58 11.16
C ARG A 201 29.20 -2.65 12.07
N ASN A 202 30.02 -3.30 12.89
CA ASN A 202 29.47 -4.38 13.72
C ASN A 202 28.49 -3.86 14.75
N ILE A 203 28.61 -2.60 15.18
CA ILE A 203 27.55 -2.03 16.01
C ILE A 203 26.28 -1.85 15.20
N SER A 204 26.43 -1.48 13.93
CA SER A 204 25.29 -1.07 13.13
C SER A 204 24.23 -2.17 13.00
N LYS A 205 24.66 -3.42 12.80
CA LYS A 205 23.68 -4.47 12.52
C LYS A 205 22.90 -4.86 13.76
N ASN A 206 23.56 -4.96 14.91
CA ASN A 206 22.84 -5.24 16.14
C ASN A 206 21.85 -4.13 16.46
N MET A 207 22.23 -2.88 16.22
CA MET A 207 21.25 -1.82 16.46
C MET A 207 20.14 -1.85 15.41
N GLN A 208 20.41 -2.37 14.21
CA GLN A 208 19.34 -2.55 13.24
C GLN A 208 18.31 -3.55 13.76
N ASN A 209 18.79 -4.66 14.34
CA ASN A 209 17.87 -5.63 14.93
C ASN A 209 17.07 -5.01 16.08
N THR A 210 17.72 -4.19 16.90
CA THR A 210 16.96 -3.55 17.99
C THR A 210 15.97 -2.51 17.47
N MET A 211 16.23 -1.91 16.32
CA MET A 211 15.23 -1.01 15.74
C MET A 211 14.03 -1.78 15.19
N GLY A 212 14.26 -2.98 14.67
CA GLY A 212 13.14 -3.73 14.10
C GLY A 212 12.00 -3.94 15.09
N GLN A 213 12.33 -4.43 16.28
CA GLN A 213 11.32 -4.74 17.29
C GLN A 213 10.55 -3.50 17.72
N VAL A 214 11.27 -2.39 17.93
CA VAL A 214 10.64 -1.19 18.44
C VAL A 214 9.73 -0.56 17.39
N THR A 215 10.15 -0.55 16.13
CA THR A 215 9.27 -0.09 15.07
C THR A 215 8.03 -0.97 14.96
N THR A 216 8.22 -2.29 15.08
CA THR A 216 7.09 -3.21 15.01
C THR A 216 6.07 -2.93 16.11
N SER A 217 6.54 -2.72 17.35
CA SER A 217 5.60 -2.43 18.43
C SER A 217 4.89 -1.10 18.21
N ALA A 218 5.64 -0.08 17.77
CA ALA A 218 5.03 1.22 17.51
C ALA A 218 3.93 1.09 16.46
N GLU A 219 4.15 0.26 15.43
CA GLU A 219 3.09 -0.01 14.47
C GLU A 219 1.94 -0.77 15.12
N GLN A 220 2.26 -1.70 16.01
CA GLN A 220 1.23 -2.59 16.55
C GLN A 220 0.18 -1.81 17.33
N MET A 221 0.60 -0.84 18.13
CA MET A 221 -0.37 -0.21 19.06
C MET A 221 -1.46 0.56 18.32
N LEU A 222 -1.26 0.91 17.06
CA LEU A 222 -2.21 1.80 16.41
C LEU A 222 -3.38 1.05 15.78
N LYS A 223 -3.09 0.08 14.91
CA LYS A 223 -4.07 -0.39 13.94
C LYS A 223 -5.39 -0.79 14.59
N GLY A 224 -5.36 -1.12 15.87
CA GLY A 224 -6.59 -1.42 16.58
C GLY A 224 -7.14 -0.23 17.34
N HIS A 225 -6.94 0.98 16.80
CA HIS A 225 -7.41 2.19 17.45
C HIS A 225 -8.86 2.09 17.87
N LYS A 226 -9.69 1.49 17.02
CA LYS A 226 -11.07 1.25 17.38
C LYS A 226 -11.11 0.59 18.73
N GLU A 227 -10.32 -0.46 18.90
CA GLU A 227 -10.38 -1.20 20.14
C GLU A 227 -9.84 -0.43 21.31
N VAL A 228 -8.83 0.41 21.12
CA VAL A 228 -8.36 1.24 22.21
C VAL A 228 -9.45 2.17 22.67
N LEU A 229 -10.15 2.80 21.74
CA LEU A 229 -11.14 3.79 22.13
C LEU A 229 -12.39 3.16 22.69
N ILE A 230 -12.73 1.95 22.26
CA ILE A 230 -14.00 1.37 22.65
C ILE A 230 -13.97 0.96 24.11
N PHE A 231 -12.84 0.44 24.59
CA PHE A 231 -12.74 -0.01 25.97
C PHE A 231 -12.34 1.09 26.92
N GLY A 232 -12.16 2.31 26.44
CA GLY A 232 -11.72 3.40 27.30
C GLY A 232 -10.33 3.19 27.85
N GLY A 233 -9.42 2.70 27.04
CA GLY A 233 -8.10 2.33 27.52
C GLY A 233 -7.00 3.23 27.03
N GLN A 234 -7.23 4.54 27.02
CA GLN A 234 -6.18 5.44 26.55
C GLN A 234 -4.95 5.39 27.44
N GLU A 235 -5.14 5.27 28.75
CA GLU A 235 -4.02 5.40 29.69
C GLU A 235 -2.95 4.37 29.42
N VAL A 236 -3.34 3.11 29.26
CA VAL A 236 -2.39 2.04 29.01
C VAL A 236 -1.64 2.29 27.70
N GLU A 237 -2.32 2.83 26.70
CA GLU A 237 -1.64 3.13 25.45
C GLU A 237 -0.56 4.20 25.63
N THR A 238 -0.87 5.25 26.39
CA THR A 238 0.16 6.27 26.62
C THR A 238 1.36 5.69 27.35
N LYS A 239 1.12 4.85 28.37
CA LYS A 239 2.27 4.29 29.07
C LYS A 239 3.07 3.35 28.19
N ARG A 240 2.40 2.58 27.33
CA ARG A 240 3.13 1.71 26.42
C ARG A 240 3.98 2.50 25.46
N PHE A 241 3.43 3.58 24.89
CA PHE A 241 4.25 4.36 23.98
C PHE A 241 5.39 5.04 24.72
N ASP A 242 5.16 5.41 25.98
CA ASP A 242 6.24 6.00 26.76
C ASP A 242 7.40 5.02 26.88
N LYS A 243 7.11 3.77 27.25
CA LYS A 243 8.16 2.77 27.34
C LYS A 243 8.88 2.61 26.00
N VAL A 244 8.12 2.40 24.92
CA VAL A 244 8.76 2.05 23.66
C VAL A 244 9.50 3.25 23.06
N SER A 245 9.02 4.47 23.33
CA SER A 245 9.72 5.65 22.84
C SER A 245 10.99 5.89 23.63
N ASN A 246 10.97 5.62 24.92
CA ASN A 246 12.22 5.69 25.68
C ASN A 246 13.21 4.67 25.14
N ARG A 247 12.72 3.51 24.70
CA ARG A 247 13.62 2.55 24.06
C ARG A 247 14.16 3.08 22.75
N MET A 248 13.32 3.77 21.95
CA MET A 248 13.83 4.40 20.73
C MET A 248 14.93 5.41 21.05
N ARG A 249 14.70 6.23 22.08
CA ARG A 249 15.70 7.21 22.50
C ARG A 249 17.00 6.53 22.88
N LEU A 250 16.92 5.47 23.68
CA LEU A 250 18.13 4.79 24.10
C LEU A 250 18.82 4.08 22.94
N GLN A 251 18.08 3.55 21.96
CA GLN A 251 18.73 2.95 20.81
C GLN A 251 19.49 4.00 19.98
N GLY A 252 18.84 5.14 19.72
CA GLY A 252 19.54 6.20 19.02
C GLY A 252 20.75 6.66 19.79
N MET A 253 20.64 6.69 21.12
CA MET A 253 21.76 7.06 21.96
C MET A 253 22.92 6.10 21.77
N LYS A 254 22.66 4.80 21.85
CA LYS A 254 23.73 3.84 21.74
C LYS A 254 24.34 3.78 20.34
N MET A 255 23.61 4.20 19.30
CA MET A 255 24.29 4.25 18.02
C MET A 255 25.11 5.52 17.83
N VAL A 256 24.59 6.68 18.24
CA VAL A 256 25.39 7.90 18.10
C VAL A 256 26.63 7.82 18.99
N SER A 257 26.50 7.24 20.18
CA SER A 257 27.65 7.12 21.06
C SER A 257 28.71 6.22 20.48
N ALA A 258 28.32 5.25 19.66
CA ALA A 258 29.32 4.46 18.96
C ALA A 258 29.93 5.26 17.82
N SER A 259 29.11 5.99 17.07
CA SER A 259 29.61 6.70 15.90
C SER A 259 30.63 7.77 16.30
N SER A 260 30.43 8.41 17.44
CA SER A 260 31.30 9.50 17.83
C SER A 260 32.69 9.05 18.25
N ILE A 261 32.97 7.75 18.27
CA ILE A 261 34.27 7.21 18.65
C ILE A 261 35.13 6.87 17.45
N SER A 262 34.52 6.45 16.33
CA SER A 262 35.30 5.94 15.22
C SER A 262 36.21 7.00 14.62
N ASP A 263 35.89 8.28 14.76
CA ASP A 263 36.78 9.30 14.24
C ASP A 263 37.95 9.62 15.19
N PRO A 264 37.69 9.99 16.45
CA PRO A 264 38.81 10.45 17.29
C PRO A 264 39.89 9.43 17.54
N ILE A 265 39.55 8.14 17.60
CA ILE A 265 40.58 7.14 17.87
C ILE A 265 41.62 7.13 16.76
N ILE A 266 41.17 7.08 15.51
CA ILE A 266 42.12 7.06 14.42
C ILE A 266 42.79 8.42 14.26
N GLN A 267 42.08 9.50 14.59
CA GLN A 267 42.75 10.80 14.65
C GLN A 267 43.93 10.74 15.60
N LEU A 268 43.77 10.05 16.73
CA LEU A 268 44.86 10.01 17.70
C LEU A 268 45.96 9.08 17.27
N ILE A 269 45.64 7.96 16.62
CA ILE A 269 46.72 7.10 16.12
C ILE A 269 47.57 7.87 15.12
N ALA A 270 46.92 8.54 14.18
CA ALA A 270 47.68 9.31 13.21
C ALA A 270 48.46 10.42 13.87
N SER A 271 47.86 11.09 14.86
CA SER A 271 48.58 12.17 15.53
C SER A 271 49.77 11.65 16.29
N LEU A 272 49.66 10.45 16.84
CA LEU A 272 50.79 9.86 17.52
C LEU A 272 51.90 9.59 16.53
N ALA A 273 51.53 9.17 15.31
CA ALA A 273 52.50 9.08 14.23
C ALA A 273 53.13 10.43 13.96
N LEU A 274 52.33 11.49 14.00
CA LEU A 274 52.83 12.84 13.77
C LEU A 274 53.84 13.22 14.83
N ALA A 275 53.54 12.91 16.09
CA ALA A 275 54.49 13.19 17.15
C ALA A 275 55.77 12.41 16.94
N PHE A 276 55.66 11.17 16.47
CA PHE A 276 56.85 10.37 16.22
C PHE A 276 57.73 11.00 15.14
N VAL A 277 57.15 11.30 13.98
CA VAL A 277 57.94 11.86 12.89
C VAL A 277 58.41 13.26 13.23
N LEU A 278 57.76 13.92 14.17
CA LEU A 278 58.27 15.18 14.68
C LEU A 278 59.45 14.95 15.61
N TYR A 279 59.40 13.89 16.41
CA TYR A 279 60.51 13.54 17.28
C TYR A 279 61.76 13.28 16.46
N ALA A 280 61.62 12.51 15.40
CA ALA A 280 62.79 12.17 14.59
C ALA A 280 63.43 13.36 13.93
N ALA A 281 62.94 14.58 14.12
CA ALA A 281 63.62 15.77 13.63
C ALA A 281 64.56 16.38 14.66
N SER A 282 64.74 15.72 15.82
CA SER A 282 65.63 16.25 16.84
C SER A 282 67.00 15.63 16.79
N PHE A 283 67.12 14.45 16.18
CA PHE A 283 68.39 13.75 16.16
C PHE A 283 69.42 14.54 15.37
N PRO A 284 70.70 14.49 15.75
CA PRO A 284 71.70 15.39 15.14
C PRO A 284 71.84 15.22 13.63
N SER A 285 71.72 14.00 13.13
CA SER A 285 71.92 13.76 11.71
C SER A 285 70.84 14.43 10.87
N VAL A 286 69.62 14.51 11.42
CA VAL A 286 68.48 14.91 10.59
C VAL A 286 68.52 16.41 10.30
N MET A 287 69.15 17.19 11.17
CA MET A 287 69.29 18.60 10.87
C MET A 287 70.29 18.81 9.74
N ASP A 288 70.28 20.03 9.19
CA ASP A 288 71.14 20.47 8.10
C ASP A 288 70.73 19.79 6.79
N SER A 289 69.83 18.83 6.88
CA SER A 289 69.07 18.34 5.75
C SER A 289 67.71 19.00 5.69
N LEU A 290 67.45 19.94 6.60
CA LEU A 290 66.13 20.50 6.85
C LEU A 290 66.24 22.02 6.83
N THR A 291 66.10 22.60 5.64
CA THR A 291 65.94 24.04 5.60
C THR A 291 64.58 24.35 6.25
N ALA A 292 64.35 25.60 6.59
CA ALA A 292 63.07 25.95 7.21
C ALA A 292 61.91 25.64 6.29
N GLY A 293 62.16 25.50 5.00
CA GLY A 293 61.10 25.19 4.07
C GLY A 293 60.78 23.72 3.97
N THR A 294 61.80 22.91 3.67
CA THR A 294 61.56 21.49 3.42
C THR A 294 60.81 20.83 4.57
N ILE A 295 61.08 21.25 5.80
CA ILE A 295 60.30 20.72 6.92
C ILE A 295 58.83 21.08 6.75
N THR A 296 58.56 22.31 6.32
CA THR A 296 57.18 22.75 6.18
C THR A 296 56.45 21.93 5.12
N VAL A 297 57.11 21.67 3.99
CA VAL A 297 56.41 20.97 2.93
C VAL A 297 56.25 19.48 3.28
N VAL A 298 57.22 18.90 3.97
CA VAL A 298 57.06 17.52 4.40
C VAL A 298 55.91 17.39 5.39
N PHE A 299 55.82 18.31 6.35
CA PHE A 299 54.70 18.25 7.29
C PHE A 299 53.38 18.51 6.61
N SER A 300 53.35 19.47 5.67
CA SER A 300 52.12 19.72 4.93
C SER A 300 51.68 18.45 4.22
N SER A 301 52.60 17.79 3.53
CA SER A 301 52.25 16.53 2.90
C SER A 301 51.77 15.51 3.92
N MET A 302 52.30 15.57 5.15
CA MET A 302 51.80 14.65 6.21
C MET A 302 50.33 14.92 6.51
N ILE A 303 49.95 16.19 6.67
CA ILE A 303 48.57 16.37 7.10
C ILE A 303 47.61 16.26 5.91
N ALA A 304 48.10 16.43 4.69
CA ALA A 304 47.23 16.21 3.54
C ALA A 304 47.11 14.75 3.18
N LEU A 305 48.11 13.94 3.53
CA LEU A 305 48.04 12.51 3.29
C LEU A 305 46.94 11.84 4.09
N MET A 306 46.42 12.50 5.12
CA MET A 306 45.47 11.86 6.01
C MET A 306 44.17 11.51 5.30
N ARG A 307 43.62 12.45 4.52
CA ARG A 307 42.34 12.16 3.87
C ARG A 307 42.46 11.02 2.87
N PRO A 308 43.44 11.00 1.96
CA PRO A 308 43.60 9.80 1.15
C PRO A 308 43.82 8.55 1.96
N LEU A 309 44.63 8.62 3.02
CA LEU A 309 44.94 7.39 3.74
C LEU A 309 43.76 6.86 4.52
N LYS A 310 42.80 7.72 4.86
CA LYS A 310 41.60 7.27 5.54
C LYS A 310 40.50 6.85 4.57
N SER A 311 40.41 7.52 3.42
CA SER A 311 39.38 7.22 2.44
C SER A 311 39.79 6.14 1.46
N LEU A 312 41.03 5.67 1.53
CA LEU A 312 41.47 4.64 0.61
C LEU A 312 41.33 3.24 1.17
N THR A 313 41.44 3.07 2.49
CA THR A 313 41.29 1.76 3.08
C THR A 313 39.86 1.48 3.51
N ASN A 314 38.89 2.22 2.98
CA ASN A 314 37.48 1.89 3.14
C ASN A 314 36.80 1.69 1.79
N VAL A 315 37.57 1.46 0.73
CA VAL A 315 36.96 1.27 -0.58
C VAL A 315 36.27 -0.07 -0.64
N ASN A 316 36.65 -1.01 0.22
CA ASN A 316 35.88 -2.24 0.31
C ASN A 316 34.45 -1.94 0.73
N ALA A 317 34.25 -0.95 1.60
CA ALA A 317 32.90 -0.61 2.02
C ALA A 317 32.08 -0.03 0.88
N GLN A 318 32.70 0.31 -0.25
CA GLN A 318 31.95 0.79 -1.40
C GLN A 318 31.81 -0.28 -2.47
N PHE A 319 32.88 -0.99 -2.79
CA PHE A 319 32.74 -2.16 -3.65
C PHE A 319 31.70 -3.12 -3.11
N GLN A 320 31.58 -3.25 -1.79
CA GLN A 320 30.62 -4.20 -1.24
C GLN A 320 29.19 -3.68 -1.35
N ARG A 321 28.96 -2.40 -1.13
CA ARG A 321 27.64 -1.85 -1.38
C ARG A 321 27.25 -2.07 -2.84
N GLY A 322 28.19 -1.79 -3.75
CA GLY A 322 27.92 -1.93 -5.16
C GLY A 322 27.60 -3.35 -5.55
N MET A 323 28.41 -4.30 -5.07
CA MET A 323 28.17 -5.68 -5.47
C MET A 323 26.97 -6.27 -4.73
N ALA A 324 26.62 -5.72 -3.56
CA ALA A 324 25.42 -6.17 -2.89
C ALA A 324 24.18 -5.80 -3.70
N ALA A 325 24.07 -4.53 -4.10
CA ALA A 325 22.95 -4.17 -4.96
C ALA A 325 23.02 -4.90 -6.29
N CYS A 326 24.24 -5.09 -6.81
CA CYS A 326 24.40 -5.77 -8.08
C CYS A 326 23.87 -7.20 -8.00
N GLN A 327 24.12 -7.88 -6.88
CA GLN A 327 23.56 -9.22 -6.72
C GLN A 327 22.06 -9.17 -6.49
N THR A 328 21.57 -8.21 -5.70
CA THR A 328 20.13 -8.21 -5.42
C THR A 328 19.33 -7.86 -6.67
N LEU A 329 19.99 -7.37 -7.71
CA LEU A 329 19.25 -7.29 -8.97
C LEU A 329 19.71 -8.29 -10.03
N PHE A 330 20.86 -8.95 -9.86
CA PHE A 330 21.20 -10.04 -10.78
C PHE A 330 20.55 -11.36 -10.38
N THR A 331 19.96 -11.45 -9.19
CA THR A 331 19.01 -12.53 -8.94
C THR A 331 17.73 -12.28 -9.72
N ILE A 332 17.28 -11.02 -9.77
CA ILE A 332 16.02 -10.68 -10.41
C ILE A 332 16.12 -10.87 -11.91
N LEU A 333 17.24 -10.43 -12.51
CA LEU A 333 17.32 -10.29 -13.96
C LEU A 333 17.00 -11.60 -14.67
N ASP A 334 17.64 -12.69 -14.26
CA ASP A 334 17.36 -14.00 -14.82
C ASP A 334 16.49 -14.78 -13.84
N SER A 335 15.19 -14.75 -14.05
CA SER A 335 14.23 -15.50 -13.26
C SER A 335 13.33 -16.25 -14.21
N GLU A 336 12.22 -16.78 -13.70
CA GLU A 336 11.27 -17.50 -14.54
C GLU A 336 10.56 -16.52 -15.45
N GLN A 337 10.24 -16.95 -16.65
CA GLN A 337 9.38 -16.21 -17.56
C GLN A 337 8.20 -17.09 -17.98
N GLU A 338 7.37 -16.56 -18.86
CA GLU A 338 6.33 -17.38 -19.45
C GLU A 338 6.95 -18.51 -20.25
N LYS A 339 6.64 -19.75 -19.86
CA LYS A 339 7.11 -20.87 -20.64
C LYS A 339 6.58 -20.75 -22.05
N ASP A 340 7.47 -20.55 -23.01
CA ASP A 340 7.13 -20.62 -24.41
C ASP A 340 7.52 -21.99 -24.93
N GLU A 341 6.53 -22.82 -25.22
CA GLU A 341 6.76 -24.13 -25.79
C GLU A 341 5.83 -24.32 -26.97
N GLY A 342 6.07 -25.35 -27.74
CA GLY A 342 5.32 -25.56 -28.95
C GLY A 342 5.81 -24.66 -30.07
N LYS A 343 5.35 -24.96 -31.28
CA LYS A 343 5.87 -24.24 -32.44
C LYS A 343 4.74 -23.76 -33.34
N ARG A 344 3.60 -24.44 -33.30
CA ARG A 344 2.54 -24.15 -34.27
C ARG A 344 2.02 -22.74 -34.13
N VAL A 345 1.70 -22.12 -35.25
CA VAL A 345 1.26 -20.74 -35.32
C VAL A 345 -0.17 -20.73 -35.87
N ILE A 346 -0.85 -19.59 -35.70
CA ILE A 346 -2.22 -19.44 -36.15
C ILE A 346 -2.37 -18.12 -36.88
N GLU A 347 -3.20 -18.12 -37.93
CA GLU A 347 -3.63 -16.86 -38.53
C GLU A 347 -4.97 -16.42 -37.95
N ARG A 348 -5.98 -17.28 -38.02
CA ARG A 348 -7.30 -16.95 -37.51
C ARG A 348 -7.99 -18.25 -37.13
N ALA A 349 -8.07 -18.53 -35.83
CA ALA A 349 -8.61 -19.80 -35.33
C ALA A 349 -10.13 -19.69 -35.27
N THR A 350 -10.74 -19.68 -36.44
CA THR A 350 -12.19 -19.66 -36.56
C THR A 350 -12.72 -21.06 -36.26
N GLY A 351 -13.03 -21.30 -34.99
CA GLY A 351 -13.46 -22.63 -34.57
C GLY A 351 -14.10 -22.69 -33.19
N ASP A 352 -13.93 -23.84 -32.54
CA ASP A 352 -14.58 -24.15 -31.27
C ASP A 352 -13.51 -24.24 -30.20
N VAL A 353 -13.51 -23.30 -29.25
CA VAL A 353 -12.71 -23.47 -28.05
C VAL A 353 -13.46 -24.38 -27.09
N GLU A 354 -12.80 -25.44 -26.64
CA GLU A 354 -13.42 -26.41 -25.76
C GLU A 354 -12.59 -26.60 -24.51
N PHE A 355 -13.24 -26.55 -23.36
CA PHE A 355 -12.65 -26.98 -22.11
C PHE A 355 -12.94 -28.47 -21.91
N ARG A 356 -11.95 -29.19 -21.40
CA ARG A 356 -12.10 -30.64 -21.22
C ARG A 356 -11.46 -31.03 -19.90
N ASN A 357 -12.30 -31.40 -18.92
CA ASN A 357 -11.86 -31.86 -17.61
C ASN A 357 -10.87 -30.89 -16.97
N VAL A 358 -10.90 -29.64 -17.38
CA VAL A 358 -9.91 -28.68 -16.92
C VAL A 358 -10.13 -28.38 -15.45
N THR A 359 -9.04 -28.17 -14.73
CA THR A 359 -9.09 -27.92 -13.30
C THR A 359 -7.88 -27.10 -12.91
N PHE A 360 -8.13 -25.91 -12.39
CA PHE A 360 -7.08 -24.93 -12.22
C PHE A 360 -7.09 -24.34 -10.81
N THR A 361 -5.88 -24.02 -10.34
CA THR A 361 -5.63 -23.52 -9.00
C THR A 361 -4.78 -22.28 -9.07
N TYR A 362 -5.20 -21.22 -8.39
CA TYR A 362 -4.29 -20.08 -8.20
C TYR A 362 -3.05 -20.48 -7.41
N PRO A 363 -1.86 -20.08 -7.85
CA PRO A 363 -0.68 -20.26 -7.00
C PRO A 363 -0.83 -19.48 -5.71
N GLY A 364 -0.23 -20.01 -4.65
CA GLY A 364 -0.34 -19.39 -3.35
C GLY A 364 -1.61 -19.69 -2.60
N ARG A 365 -2.48 -20.53 -3.16
CA ARG A 365 -3.71 -20.94 -2.49
C ARG A 365 -3.78 -22.46 -2.53
N ASP A 366 -4.84 -23.01 -1.94
CA ASP A 366 -5.05 -24.45 -1.95
C ASP A 366 -6.36 -24.84 -2.61
N VAL A 367 -7.46 -24.16 -2.29
CA VAL A 367 -8.76 -24.51 -2.84
C VAL A 367 -8.74 -24.34 -4.35
N PRO A 368 -9.11 -25.36 -5.12
CA PRO A 368 -9.21 -25.19 -6.57
C PRO A 368 -10.27 -24.17 -6.92
N ALA A 369 -10.03 -23.42 -7.99
CA ALA A 369 -10.99 -22.44 -8.45
C ALA A 369 -11.98 -23.04 -9.43
N LEU A 370 -11.55 -24.00 -10.23
CA LEU A 370 -12.42 -24.71 -11.17
C LEU A 370 -12.21 -26.21 -10.99
N ARG A 371 -13.22 -26.92 -10.52
CA ARG A 371 -13.15 -28.37 -10.52
C ARG A 371 -13.49 -28.83 -11.93
N ASN A 372 -13.74 -30.12 -12.15
CA ASN A 372 -13.90 -30.61 -13.51
C ASN A 372 -14.94 -29.80 -14.28
N ILE A 373 -14.52 -29.28 -15.45
CA ILE A 373 -15.26 -28.25 -16.16
C ILE A 373 -15.31 -28.62 -17.64
N ASN A 374 -16.44 -28.36 -18.29
CA ASN A 374 -16.67 -28.91 -19.61
C ASN A 374 -17.40 -27.93 -20.54
N LEU A 375 -16.94 -26.68 -20.61
CA LEU A 375 -17.46 -25.76 -21.61
C LEU A 375 -17.12 -26.25 -23.02
N LYS A 376 -18.05 -26.07 -23.94
CA LYS A 376 -17.88 -26.62 -25.29
C LYS A 376 -18.32 -25.59 -26.35
N ILE A 377 -17.78 -24.37 -26.26
CA ILE A 377 -18.17 -23.20 -27.06
C ILE A 377 -18.36 -23.48 -28.55
N PRO A 378 -19.55 -23.24 -29.11
CA PRO A 378 -19.71 -23.31 -30.56
C PRO A 378 -18.86 -22.28 -31.29
N ALA A 379 -18.48 -22.54 -32.54
CA ALA A 379 -17.98 -21.48 -33.39
C ALA A 379 -19.12 -20.56 -33.80
N GLY A 380 -18.83 -19.26 -33.83
CA GLY A 380 -19.80 -18.29 -34.27
C GLY A 380 -20.96 -18.05 -33.33
N LYS A 381 -20.97 -18.67 -32.15
CA LYS A 381 -22.02 -18.48 -31.18
C LYS A 381 -21.41 -17.88 -29.91
N THR A 382 -22.23 -17.78 -28.87
CA THR A 382 -21.81 -17.17 -27.62
C THR A 382 -22.32 -17.97 -26.44
N VAL A 383 -21.55 -17.96 -25.35
CA VAL A 383 -21.95 -18.57 -24.09
C VAL A 383 -21.83 -17.52 -23.00
N ALA A 384 -22.71 -17.59 -22.01
CA ALA A 384 -22.76 -16.58 -20.97
C ALA A 384 -22.55 -17.24 -19.63
N LEU A 385 -21.59 -16.72 -18.86
CA LEU A 385 -21.23 -17.29 -17.56
C LEU A 385 -21.85 -16.48 -16.44
N VAL A 386 -23.15 -16.62 -16.25
CA VAL A 386 -23.84 -15.95 -15.15
C VAL A 386 -23.47 -16.67 -13.88
N GLY A 387 -23.29 -15.92 -12.80
CA GLY A 387 -22.91 -16.50 -11.53
C GLY A 387 -23.30 -15.60 -10.38
N ARG A 388 -23.63 -16.24 -9.25
CA ARG A 388 -23.99 -15.49 -8.05
C ARG A 388 -22.79 -14.94 -7.32
N SER A 389 -21.59 -15.40 -7.66
CA SER A 389 -20.44 -15.12 -6.81
C SER A 389 -19.77 -13.81 -7.19
N GLY A 390 -19.37 -13.66 -8.44
CA GLY A 390 -18.31 -12.74 -8.79
C GLY A 390 -16.93 -13.31 -8.58
N SER A 391 -16.84 -14.51 -8.02
CA SER A 391 -15.61 -15.24 -7.82
C SER A 391 -15.76 -16.62 -8.44
N GLY A 392 -14.76 -17.04 -9.22
CA GLY A 392 -14.79 -18.32 -9.87
C GLY A 392 -15.18 -18.30 -11.33
N LYS A 393 -15.51 -17.13 -11.89
CA LYS A 393 -15.80 -17.03 -13.31
C LYS A 393 -14.77 -16.23 -14.08
N SER A 394 -14.27 -15.13 -13.51
CA SER A 394 -13.31 -14.30 -14.24
C SER A 394 -12.00 -15.02 -14.42
N THR A 395 -11.82 -16.15 -13.73
CA THR A 395 -10.63 -16.96 -13.93
C THR A 395 -10.85 -18.01 -15.00
N ILE A 396 -11.84 -17.80 -15.85
CA ILE A 396 -11.89 -18.44 -17.16
C ILE A 396 -11.37 -17.51 -18.25
N ALA A 397 -11.71 -16.23 -18.15
CA ALA A 397 -11.07 -15.23 -18.99
C ALA A 397 -9.60 -15.12 -18.75
N SER A 398 -9.05 -15.87 -17.80
CA SER A 398 -7.61 -15.99 -17.63
C SER A 398 -7.14 -17.40 -17.89
N LEU A 399 -7.86 -18.17 -18.71
CA LEU A 399 -7.36 -19.46 -19.13
C LEU A 399 -7.41 -19.60 -20.63
N ILE A 400 -8.46 -19.03 -21.25
CA ILE A 400 -8.63 -19.14 -22.68
C ILE A 400 -7.66 -18.28 -23.44
N THR A 401 -6.90 -17.44 -22.73
CA THR A 401 -5.83 -16.66 -23.32
C THR A 401 -4.49 -16.98 -22.69
N ARG A 402 -4.44 -17.92 -21.76
CA ARG A 402 -3.18 -18.41 -21.20
C ARG A 402 -2.41 -17.29 -20.49
N PHE A 403 -3.12 -16.50 -19.71
CA PHE A 403 -2.43 -15.68 -18.73
C PHE A 403 -1.72 -16.65 -17.80
N TYR A 404 -2.49 -17.43 -17.04
CA TYR A 404 -1.96 -18.52 -16.27
C TYR A 404 -1.83 -19.75 -17.17
N ASP A 405 -1.46 -20.87 -16.58
CA ASP A 405 -1.47 -22.14 -17.27
C ASP A 405 -2.13 -23.17 -16.36
N ILE A 406 -2.95 -24.02 -16.94
CA ILE A 406 -3.76 -24.95 -16.15
C ILE A 406 -2.86 -25.96 -15.48
N ASP A 407 -3.41 -26.73 -14.55
CA ASP A 407 -2.68 -27.79 -13.87
C ASP A 407 -3.11 -29.17 -14.36
N GLU A 408 -4.41 -29.44 -14.37
CA GLU A 408 -4.95 -30.73 -14.77
C GLU A 408 -6.08 -30.52 -15.77
N GLY A 409 -5.83 -30.84 -17.03
CA GLY A 409 -6.86 -30.72 -18.05
C GLY A 409 -6.25 -30.48 -19.41
N GLU A 410 -7.07 -29.96 -20.32
CA GLU A 410 -6.62 -29.68 -21.68
C GLU A 410 -7.64 -28.76 -22.34
N ILE A 411 -7.17 -27.63 -22.88
CA ILE A 411 -8.06 -26.70 -23.58
C ILE A 411 -7.89 -26.87 -25.08
N LEU A 412 -8.75 -27.68 -25.68
CA LEU A 412 -8.61 -27.96 -27.10
C LEU A 412 -9.10 -26.79 -27.93
N MET A 413 -8.21 -26.19 -28.71
CA MET A 413 -8.56 -25.15 -29.66
C MET A 413 -8.35 -25.68 -31.08
N ASP A 414 -9.46 -25.97 -31.76
CA ASP A 414 -9.42 -26.49 -33.13
C ASP A 414 -8.54 -27.73 -33.23
N GLY A 415 -8.70 -28.63 -32.26
CA GLY A 415 -7.93 -29.85 -32.21
C GLY A 415 -6.54 -29.70 -31.63
N HIS A 416 -6.21 -28.54 -31.06
CA HIS A 416 -4.87 -28.27 -30.59
C HIS A 416 -4.94 -27.79 -29.16
N ASP A 417 -3.82 -27.86 -28.45
CA ASP A 417 -3.77 -27.41 -27.07
C ASP A 417 -2.98 -26.11 -26.94
N LEU A 418 -3.50 -25.21 -26.11
CA LEU A 418 -2.88 -23.89 -25.97
C LEU A 418 -1.45 -23.97 -25.49
N ARG A 419 -1.07 -25.05 -24.82
CA ARG A 419 0.32 -25.19 -24.45
C ARG A 419 1.19 -25.56 -25.64
N GLU A 420 0.57 -25.89 -26.77
CA GLU A 420 1.31 -26.23 -27.98
C GLU A 420 1.35 -25.09 -29.00
N TYR A 421 0.44 -24.12 -28.88
CA TYR A 421 0.47 -22.94 -29.73
C TYR A 421 1.54 -21.98 -29.26
N THR A 422 2.03 -21.13 -30.16
CA THR A 422 2.96 -20.09 -29.77
C THR A 422 2.21 -18.86 -29.29
N LEU A 423 2.66 -18.29 -28.17
CA LEU A 423 1.88 -17.26 -27.50
C LEU A 423 1.64 -16.06 -28.41
N ALA A 424 2.60 -15.73 -29.27
CA ALA A 424 2.50 -14.52 -30.06
C ALA A 424 1.24 -14.49 -30.91
N SER A 425 0.70 -15.66 -31.25
CA SER A 425 -0.50 -15.72 -32.07
C SER A 425 -1.74 -16.05 -31.24
N LEU A 426 -1.62 -17.02 -30.34
CA LEU A 426 -2.75 -17.34 -29.46
C LEU A 426 -3.27 -16.09 -28.80
N ARG A 427 -2.36 -15.29 -28.22
CA ARG A 427 -2.79 -14.01 -27.61
C ARG A 427 -3.33 -13.08 -28.71
N ASN A 428 -2.84 -13.23 -29.95
CA ASN A 428 -3.35 -12.39 -31.02
C ASN A 428 -4.79 -12.74 -31.36
N GLN A 429 -5.27 -13.89 -30.90
CA GLN A 429 -6.64 -14.29 -31.19
C GLN A 429 -7.65 -13.46 -30.39
N VAL A 430 -7.58 -13.56 -29.07
CA VAL A 430 -8.64 -13.07 -28.18
C VAL A 430 -8.70 -11.56 -28.17
N ALA A 431 -9.74 -10.99 -27.55
CA ALA A 431 -9.85 -9.54 -27.45
C ALA A 431 -10.58 -9.21 -26.15
N LEU A 432 -9.82 -8.90 -25.11
CA LEU A 432 -10.37 -8.63 -23.79
C LEU A 432 -11.04 -7.26 -23.80
N VAL A 433 -12.25 -7.23 -24.35
CA VAL A 433 -13.07 -6.03 -24.31
C VAL A 433 -13.75 -5.93 -22.96
N SER A 434 -13.38 -4.92 -22.18
CA SER A 434 -13.88 -4.85 -20.83
C SER A 434 -14.41 -3.47 -20.52
N GLN A 435 -14.72 -3.22 -19.25
CA GLN A 435 -15.09 -1.88 -18.80
C GLN A 435 -14.00 -1.29 -17.93
N ASN A 436 -12.78 -1.82 -18.02
CA ASN A 436 -11.66 -1.37 -17.21
C ASN A 436 -10.36 -1.31 -18.00
N VAL A 437 -10.43 -1.35 -19.33
CA VAL A 437 -9.22 -1.47 -20.14
C VAL A 437 -8.26 -0.36 -19.79
N HIS A 438 -7.00 -0.72 -19.56
CA HIS A 438 -5.98 0.29 -19.35
C HIS A 438 -5.74 1.04 -20.65
N LEU A 439 -5.70 2.38 -20.56
CA LEU A 439 -5.52 3.21 -21.78
C LEU A 439 -4.09 3.75 -21.84
N PHE A 440 -3.33 3.42 -22.89
CA PHE A 440 -2.02 4.01 -23.06
C PHE A 440 -2.16 5.53 -23.06
N ASN A 441 -1.11 6.23 -22.64
CA ASN A 441 -1.13 7.69 -22.71
C ASN A 441 -0.50 8.15 -24.02
N ASP A 442 -1.30 7.99 -25.09
CA ASP A 442 -0.89 8.41 -26.46
C ASP A 442 -2.16 8.89 -27.15
N THR A 443 -2.06 9.26 -28.43
CA THR A 443 -3.16 9.81 -29.18
C THR A 443 -4.24 8.76 -29.37
N VAL A 444 -5.51 9.23 -29.42
CA VAL A 444 -6.68 8.30 -29.54
C VAL A 444 -6.45 7.34 -30.69
N ALA A 445 -6.23 7.87 -31.89
CA ALA A 445 -6.08 7.01 -33.05
C ALA A 445 -4.90 6.09 -32.89
N ASN A 446 -4.01 6.38 -31.94
CA ASN A 446 -2.94 5.46 -31.66
C ASN A 446 -3.35 4.45 -30.59
N ASN A 447 -4.31 4.80 -29.75
CA ASN A 447 -4.82 3.85 -28.71
C ASN A 447 -5.79 2.83 -29.34
N ILE A 448 -6.42 3.15 -30.47
CA ILE A 448 -7.30 2.19 -31.12
C ILE A 448 -6.51 1.23 -31.99
N ALA A 449 -5.62 1.75 -32.82
CA ALA A 449 -4.85 0.90 -33.71
C ALA A 449 -3.58 0.38 -33.06
N TYR A 450 -3.58 0.24 -31.75
CA TYR A 450 -2.36 0.05 -30.98
C TYR A 450 -1.52 -1.11 -31.52
N ALA A 451 -0.21 -0.89 -31.49
CA ALA A 451 0.83 -1.86 -31.83
C ALA A 451 0.97 -2.11 -33.32
N ARG A 452 0.03 -1.66 -34.14
CA ARG A 452 0.22 -1.77 -35.59
C ARG A 452 -0.27 -0.53 -36.33
N THR A 453 0.03 0.66 -35.82
CA THR A 453 -0.19 1.84 -36.65
C THR A 453 0.58 1.74 -37.95
N GLU A 454 1.66 0.95 -37.94
CA GLU A 454 2.42 0.70 -39.16
C GLU A 454 1.54 0.10 -40.25
N GLN A 455 0.83 -0.99 -39.93
CA GLN A 455 0.12 -1.74 -40.94
C GLN A 455 -1.37 -1.44 -41.01
N TYR A 456 -1.84 -0.41 -40.32
CA TYR A 456 -3.20 0.06 -40.47
C TYR A 456 -3.20 1.49 -41.00
N SER A 457 -4.21 1.80 -41.81
CA SER A 457 -4.37 3.11 -42.43
C SER A 457 -5.46 3.90 -41.72
N ARG A 458 -5.22 5.20 -41.54
CA ARG A 458 -6.08 6.02 -40.71
C ARG A 458 -7.53 6.01 -41.17
N GLU A 459 -7.78 5.67 -42.43
CA GLU A 459 -9.15 5.51 -42.88
C GLU A 459 -9.86 4.40 -42.12
N GLN A 460 -9.17 3.27 -41.88
CA GLN A 460 -9.76 2.20 -41.10
C GLN A 460 -10.06 2.64 -39.68
N ILE A 461 -9.13 3.37 -39.05
CA ILE A 461 -9.36 3.84 -37.69
C ILE A 461 -10.58 4.74 -37.65
N GLU A 462 -10.70 5.67 -38.59
CA GLU A 462 -11.85 6.56 -38.60
C GLU A 462 -13.15 5.78 -38.79
N GLU A 463 -13.15 4.86 -39.75
CA GLU A 463 -14.38 4.12 -40.06
C GLU A 463 -14.80 3.23 -38.90
N ALA A 464 -13.84 2.62 -38.21
CA ALA A 464 -14.19 1.78 -37.07
C ALA A 464 -14.64 2.62 -35.89
N ALA A 465 -13.91 3.70 -35.59
CA ALA A 465 -14.34 4.58 -34.52
C ALA A 465 -15.75 5.10 -34.74
N ARG A 466 -16.13 5.29 -36.00
CA ARG A 466 -17.55 5.49 -36.29
C ARG A 466 -18.35 4.22 -35.98
N MET A 467 -17.87 3.08 -36.48
CA MET A 467 -18.63 1.83 -36.40
C MET A 467 -18.96 1.48 -34.95
N ALA A 468 -17.99 1.64 -34.06
CA ALA A 468 -18.19 1.34 -32.67
C ALA A 468 -19.04 2.37 -31.95
N TYR A 469 -19.70 3.26 -32.70
CA TYR A 469 -20.42 4.37 -32.11
C TYR A 469 -19.53 5.10 -31.13
N ALA A 470 -18.29 5.34 -31.56
CA ALA A 470 -17.31 6.02 -30.74
C ALA A 470 -16.92 7.40 -31.24
N MET A 471 -17.13 7.69 -32.53
CA MET A 471 -16.73 8.98 -33.08
C MET A 471 -17.53 10.14 -32.51
N ASP A 472 -18.71 9.87 -31.94
CA ASP A 472 -19.58 10.94 -31.49
C ASP A 472 -18.95 11.78 -30.40
N PHE A 473 -18.13 11.15 -29.55
CA PHE A 473 -17.47 11.84 -28.45
C PHE A 473 -15.96 11.91 -28.60
N ILE A 474 -15.42 11.59 -29.77
CA ILE A 474 -14.04 11.93 -30.05
C ILE A 474 -13.97 13.23 -30.84
N ASN A 475 -14.96 13.49 -31.69
CA ASN A 475 -14.99 14.73 -32.44
C ASN A 475 -15.17 15.92 -31.51
N LYS A 476 -16.00 15.76 -30.47
CA LYS A 476 -16.16 16.82 -29.48
C LYS A 476 -14.85 17.13 -28.78
N MET A 477 -13.95 16.15 -28.69
CA MET A 477 -12.64 16.40 -28.12
C MET A 477 -11.90 17.42 -28.98
N ASP A 478 -11.11 18.28 -28.34
CA ASP A 478 -10.60 19.47 -29.02
C ASP A 478 -9.66 19.11 -30.18
N ASN A 479 -8.67 18.26 -29.93
CA ASN A 479 -7.72 17.93 -31.00
C ASN A 479 -8.26 16.81 -31.88
N GLY A 480 -8.86 15.79 -31.27
CA GLY A 480 -9.43 14.70 -32.04
C GLY A 480 -8.47 13.53 -32.14
N LEU A 481 -8.24 13.06 -33.37
CA LEU A 481 -7.44 11.86 -33.59
C LEU A 481 -6.00 12.03 -33.15
N ASP A 482 -5.66 13.19 -32.58
CA ASP A 482 -4.37 13.37 -31.95
C ASP A 482 -4.49 13.84 -30.51
N THR A 483 -5.67 13.68 -29.89
CA THR A 483 -5.79 14.05 -28.45
C THR A 483 -5.33 12.86 -27.59
N VAL A 484 -4.54 13.12 -26.54
CA VAL A 484 -4.15 12.00 -25.62
C VAL A 484 -5.34 11.69 -24.72
N ILE A 485 -5.81 10.43 -24.73
CA ILE A 485 -6.92 10.01 -23.83
C ILE A 485 -6.36 9.07 -22.76
N GLY A 486 -5.03 9.02 -22.63
CA GLY A 486 -4.40 8.19 -21.60
C GLY A 486 -4.24 8.92 -20.30
N GLU A 487 -3.50 8.34 -19.35
CA GLU A 487 -3.36 8.96 -18.01
C GLU A 487 -2.33 10.09 -18.13
N ASN A 488 -2.28 11.00 -17.15
CA ASN A 488 -1.42 12.17 -17.28
C ASN A 488 -1.67 12.82 -18.65
N GLY A 489 -2.86 12.58 -19.19
CA GLY A 489 -3.33 13.26 -20.39
C GLY A 489 -4.58 14.06 -20.14
N VAL A 490 -5.70 13.63 -20.73
CA VAL A 490 -6.99 14.31 -20.45
C VAL A 490 -7.92 13.14 -20.11
N LEU A 491 -7.77 12.02 -20.81
CA LEU A 491 -8.51 10.76 -20.46
C LEU A 491 -9.95 10.73 -20.97
N LEU A 492 -10.62 9.58 -20.78
CA LEU A 492 -12.05 9.45 -21.13
C LEU A 492 -12.68 8.74 -19.92
N SER A 493 -13.94 9.05 -19.58
CA SER A 493 -14.52 8.48 -18.36
C SER A 493 -14.80 7.00 -18.55
N GLY A 494 -15.24 6.35 -17.47
CA GLY A 494 -15.59 4.93 -17.56
C GLY A 494 -16.70 4.75 -18.56
N GLY A 495 -17.19 5.86 -19.12
CA GLY A 495 -18.29 5.59 -20.02
C GLY A 495 -17.90 5.37 -21.46
N GLN A 496 -16.64 5.58 -21.79
CA GLN A 496 -16.25 5.23 -23.19
C GLN A 496 -14.98 4.42 -23.19
N ARG A 497 -14.39 4.26 -22.01
CA ARG A 497 -13.20 3.41 -21.93
C ARG A 497 -13.56 2.14 -22.68
N GLN A 498 -14.69 1.55 -22.35
CA GLN A 498 -15.07 0.32 -23.01
C GLN A 498 -15.43 0.60 -24.46
N ARG A 499 -15.98 1.78 -24.73
CA ARG A 499 -16.42 2.09 -26.09
C ARG A 499 -15.22 2.13 -27.03
N ILE A 500 -14.13 2.76 -26.58
CA ILE A 500 -12.87 2.69 -27.29
C ILE A 500 -12.42 1.25 -27.40
N ALA A 501 -12.67 0.46 -26.36
CA ALA A 501 -12.26 -0.94 -26.42
C ALA A 501 -12.98 -1.69 -27.54
N ILE A 502 -14.29 -1.48 -27.67
CA ILE A 502 -14.99 -2.07 -28.79
C ILE A 502 -14.41 -1.57 -30.11
N ALA A 503 -14.04 -0.29 -30.15
CA ALA A 503 -13.39 0.19 -31.35
C ALA A 503 -12.17 -0.67 -31.67
N ARG A 504 -11.37 -0.94 -30.65
CA ARG A 504 -10.14 -1.70 -30.85
C ARG A 504 -10.43 -3.12 -31.33
N ALA A 505 -11.43 -3.75 -30.73
CA ALA A 505 -11.78 -5.09 -31.16
C ALA A 505 -12.27 -5.09 -32.60
N LEU A 506 -13.11 -4.12 -32.97
CA LEU A 506 -13.61 -4.08 -34.33
C LEU A 506 -12.46 -3.91 -35.32
N LEU A 507 -11.56 -2.97 -35.02
CA LEU A 507 -10.44 -2.75 -35.92
C LEU A 507 -9.58 -3.99 -36.07
N ARG A 508 -9.26 -4.64 -34.95
CA ARG A 508 -8.43 -5.83 -35.01
C ARG A 508 -9.20 -7.05 -35.50
N ASP A 509 -10.53 -7.01 -35.44
CA ASP A 509 -11.39 -8.10 -35.89
C ASP A 509 -10.92 -9.44 -35.31
N SER A 510 -10.92 -9.50 -33.99
CA SER A 510 -10.52 -10.72 -33.32
C SER A 510 -11.53 -11.82 -33.56
N PRO A 511 -11.12 -13.05 -33.51
CA PRO A 511 -12.05 -14.15 -33.73
C PRO A 511 -12.70 -14.68 -32.46
N ILE A 512 -12.23 -14.25 -31.29
CA ILE A 512 -12.70 -14.76 -30.02
C ILE A 512 -12.83 -13.60 -29.05
N LEU A 513 -13.98 -13.48 -28.40
CA LEU A 513 -14.29 -12.32 -27.57
C LEU A 513 -14.58 -12.76 -26.14
N ILE A 514 -14.12 -11.96 -25.18
CA ILE A 514 -14.35 -12.22 -23.76
C ILE A 514 -14.77 -10.89 -23.13
N LEU A 515 -16.07 -10.65 -23.05
CA LEU A 515 -16.55 -9.43 -22.42
C LEU A 515 -16.50 -9.55 -20.91
N ASP A 516 -16.63 -8.42 -20.24
CA ASP A 516 -16.64 -8.41 -18.77
C ASP A 516 -17.92 -7.78 -18.23
N GLU A 517 -18.37 -6.70 -18.84
CA GLU A 517 -19.52 -5.94 -18.34
C GLU A 517 -19.32 -5.59 -16.86
N ALA A 518 -18.16 -5.00 -16.56
CA ALA A 518 -17.66 -4.92 -15.19
C ALA A 518 -18.63 -4.18 -14.27
N THR A 519 -19.05 -2.98 -14.67
CA THR A 519 -19.96 -2.23 -13.83
C THR A 519 -21.29 -2.96 -13.74
N SER A 520 -21.89 -2.93 -12.54
CA SER A 520 -23.11 -3.69 -12.30
C SER A 520 -24.26 -3.19 -13.17
N ALA A 521 -24.26 -1.90 -13.52
CA ALA A 521 -25.32 -1.34 -14.35
C ALA A 521 -24.70 -0.38 -15.36
N LEU A 522 -25.40 -0.21 -16.47
CA LEU A 522 -24.96 0.69 -17.52
C LEU A 522 -25.04 2.14 -17.05
N ASP A 523 -24.17 2.97 -17.59
CA ASP A 523 -24.14 4.38 -17.22
C ASP A 523 -25.38 5.09 -17.74
N THR A 524 -25.78 6.14 -17.03
CA THR A 524 -26.98 6.90 -17.39
C THR A 524 -26.83 7.51 -18.77
N GLU A 525 -27.86 7.34 -19.60
CA GLU A 525 -27.93 7.83 -20.98
C GLU A 525 -26.80 7.30 -21.85
N SER A 526 -26.04 6.32 -21.38
CA SER A 526 -24.94 5.76 -22.15
C SER A 526 -25.21 4.35 -22.62
N GLU A 527 -26.25 3.69 -22.12
CA GLU A 527 -26.57 2.34 -22.54
C GLU A 527 -26.87 2.28 -24.03
N ARG A 528 -27.50 3.33 -24.57
CA ARG A 528 -27.93 3.34 -25.96
C ARG A 528 -26.77 3.10 -26.92
N ALA A 529 -25.57 3.51 -26.56
CA ALA A 529 -24.39 3.27 -27.36
C ALA A 529 -23.69 1.96 -27.02
N ILE A 530 -23.54 1.68 -25.73
CA ILE A 530 -22.92 0.43 -25.30
C ILE A 530 -23.61 -0.76 -25.96
N GLN A 531 -24.90 -0.94 -25.66
CA GLN A 531 -25.59 -2.14 -26.10
C GLN A 531 -25.62 -2.23 -27.61
N ALA A 532 -25.82 -1.11 -28.29
CA ALA A 532 -25.84 -1.12 -29.74
C ALA A 532 -24.50 -1.56 -30.32
N ALA A 533 -23.43 -0.89 -29.90
CA ALA A 533 -22.11 -1.19 -30.44
C ALA A 533 -21.75 -2.64 -30.21
N LEU A 534 -21.99 -3.12 -29.00
CA LEU A 534 -21.75 -4.54 -28.72
C LEU A 534 -22.61 -5.41 -29.63
N ASP A 535 -23.85 -4.98 -29.88
CA ASP A 535 -24.71 -5.75 -30.77
C ASP A 535 -24.08 -5.93 -32.14
N GLU A 536 -23.37 -4.91 -32.64
CA GLU A 536 -22.59 -5.19 -33.84
C GLU A 536 -21.37 -6.07 -33.52
N LEU A 537 -20.81 -5.95 -32.33
CA LEU A 537 -19.55 -6.62 -32.04
C LEU A 537 -19.69 -8.14 -31.91
N GLN A 538 -20.86 -8.65 -31.56
CA GLN A 538 -21.06 -10.09 -31.41
C GLN A 538 -22.15 -10.61 -32.34
N LYS A 539 -22.25 -10.04 -33.54
CA LYS A 539 -23.12 -10.62 -34.56
C LYS A 539 -22.48 -11.82 -35.22
N ASN A 540 -21.20 -12.04 -34.96
CA ASN A 540 -20.40 -13.14 -35.48
C ASN A 540 -19.37 -13.44 -34.41
N ARG A 541 -18.26 -14.08 -34.80
CA ARG A 541 -17.08 -13.97 -33.95
C ARG A 541 -17.29 -14.62 -32.58
N THR A 542 -17.29 -15.95 -32.54
CA THR A 542 -17.50 -16.71 -31.31
C THR A 542 -16.94 -16.03 -30.07
N SER A 543 -17.77 -15.92 -29.03
CA SER A 543 -17.53 -14.97 -27.95
C SER A 543 -18.01 -15.55 -26.63
N LEU A 544 -17.08 -15.86 -25.73
CA LEU A 544 -17.40 -16.24 -24.36
C LEU A 544 -17.61 -14.97 -23.55
N VAL A 545 -18.86 -14.66 -23.21
CA VAL A 545 -19.20 -13.38 -22.61
C VAL A 545 -19.52 -13.58 -21.12
N ILE A 546 -18.53 -13.31 -20.28
CA ILE A 546 -18.81 -13.19 -18.86
C ILE A 546 -19.83 -12.11 -18.68
N ALA A 547 -20.99 -12.47 -18.13
CA ALA A 547 -22.10 -11.55 -18.10
C ALA A 547 -22.78 -11.62 -16.75
N HIS A 548 -23.31 -10.48 -16.31
CA HIS A 548 -24.10 -10.49 -15.10
C HIS A 548 -25.29 -9.53 -15.23
N ARG A 549 -25.58 -9.10 -16.46
CA ARG A 549 -26.68 -8.17 -16.72
C ARG A 549 -27.68 -8.80 -17.68
N LEU A 550 -28.96 -8.60 -17.40
CA LEU A 550 -30.08 -9.29 -18.05
C LEU A 550 -30.23 -8.97 -19.52
N SER A 551 -29.36 -8.20 -20.17
CA SER A 551 -29.52 -7.88 -21.58
C SER A 551 -28.81 -8.87 -22.49
N THR A 552 -27.49 -9.00 -22.35
CA THR A 552 -26.74 -9.92 -23.21
C THR A 552 -27.07 -11.37 -22.86
N ILE A 553 -27.30 -11.66 -21.57
CA ILE A 553 -27.62 -13.02 -21.17
C ILE A 553 -28.85 -13.52 -21.90
N GLU A 554 -29.88 -12.67 -22.01
CA GLU A 554 -31.13 -13.11 -22.62
C GLU A 554 -30.92 -13.56 -24.06
N LYS A 555 -30.15 -12.81 -24.82
CA LYS A 555 -29.91 -13.17 -26.22
C LYS A 555 -28.90 -14.26 -26.37
N ALA A 556 -28.47 -14.91 -25.29
CA ALA A 556 -27.35 -15.83 -25.39
C ALA A 556 -27.74 -17.07 -26.19
N ASP A 557 -26.74 -17.91 -26.44
CA ASP A 557 -26.91 -19.11 -27.23
C ASP A 557 -26.93 -20.39 -26.41
N GLU A 558 -25.98 -20.57 -25.51
CA GLU A 558 -26.11 -21.59 -24.47
C GLU A 558 -25.51 -21.02 -23.20
N ILE A 559 -26.31 -20.95 -22.14
CA ILE A 559 -25.88 -20.30 -20.90
C ILE A 559 -25.36 -21.34 -19.92
N VAL A 560 -24.30 -20.96 -19.21
CA VAL A 560 -23.62 -21.81 -18.26
C VAL A 560 -23.44 -21.02 -16.97
N VAL A 561 -23.89 -21.58 -15.85
CA VAL A 561 -23.77 -20.92 -14.57
C VAL A 561 -22.52 -21.43 -13.89
N VAL A 562 -22.08 -20.74 -12.85
CA VAL A 562 -20.95 -21.19 -12.06
C VAL A 562 -21.27 -21.01 -10.59
N GLU A 563 -21.17 -22.08 -9.81
CA GLU A 563 -21.39 -21.99 -8.37
C GLU A 563 -20.12 -22.37 -7.63
N ASP A 564 -19.26 -21.37 -7.47
CA ASP A 564 -18.19 -21.32 -6.51
C ASP A 564 -17.05 -22.26 -6.87
N GLY A 565 -17.29 -23.27 -7.68
CA GLY A 565 -16.15 -24.00 -8.18
C GLY A 565 -16.33 -24.72 -9.49
N VAL A 566 -17.52 -24.71 -10.05
CA VAL A 566 -17.82 -25.75 -11.02
C VAL A 566 -19.07 -25.44 -11.83
N ILE A 567 -19.08 -25.88 -13.08
CA ILE A 567 -20.30 -25.83 -13.87
C ILE A 567 -21.39 -26.52 -13.10
N VAL A 568 -22.58 -25.93 -13.10
CA VAL A 568 -23.69 -26.41 -12.29
C VAL A 568 -24.92 -26.66 -13.14
N GLU A 569 -25.31 -25.68 -13.93
CA GLU A 569 -26.61 -25.68 -14.59
C GLU A 569 -26.45 -24.99 -15.93
N ARG A 570 -26.27 -25.76 -17.00
CA ARG A 570 -26.04 -25.20 -18.31
C ARG A 570 -27.31 -25.36 -19.14
N GLY A 571 -27.56 -24.40 -20.03
CA GLY A 571 -28.75 -24.45 -20.85
C GLY A 571 -29.10 -23.07 -21.38
N THR A 572 -29.80 -23.08 -22.52
CA THR A 572 -30.25 -21.84 -23.12
C THR A 572 -31.35 -21.20 -22.29
N HIS A 573 -31.41 -19.87 -22.32
CA HIS A 573 -32.26 -19.15 -21.38
C HIS A 573 -33.72 -19.54 -21.51
N ASN A 574 -34.22 -19.62 -22.74
CA ASN A 574 -35.64 -19.89 -22.93
C ASN A 574 -36.03 -21.27 -22.42
N ASP A 575 -35.19 -22.27 -22.63
CA ASP A 575 -35.43 -23.61 -22.11
C ASP A 575 -34.82 -23.82 -20.74
N LEU A 576 -34.64 -22.76 -19.96
CA LEU A 576 -34.09 -22.89 -18.61
C LEU A 576 -35.05 -22.43 -17.55
N LEU A 577 -35.74 -21.31 -17.77
CA LEU A 577 -36.58 -20.73 -16.72
C LEU A 577 -37.60 -21.73 -16.21
N GLU A 578 -38.08 -22.61 -17.09
CA GLU A 578 -38.98 -23.66 -16.65
C GLU A 578 -38.27 -24.62 -15.70
N HIS A 579 -37.00 -24.90 -15.95
CA HIS A 579 -36.17 -25.74 -15.11
C HIS A 579 -35.55 -24.86 -14.02
N ARG A 580 -36.19 -24.84 -12.84
CA ARG A 580 -35.93 -23.79 -11.86
C ARG A 580 -34.46 -23.71 -11.48
N GLY A 581 -33.94 -24.74 -10.81
CA GLY A 581 -32.51 -24.84 -10.55
C GLY A 581 -31.89 -23.56 -10.04
N VAL A 582 -30.64 -23.33 -10.43
CA VAL A 582 -29.91 -22.17 -9.92
C VAL A 582 -30.24 -20.91 -10.69
N TYR A 583 -30.24 -20.96 -12.02
CA TYR A 583 -30.32 -19.74 -12.81
C TYR A 583 -31.62 -18.99 -12.57
N ALA A 584 -32.74 -19.70 -12.48
CA ALA A 584 -33.99 -19.04 -12.15
C ALA A 584 -33.94 -18.45 -10.75
N GLN A 585 -33.36 -19.18 -9.79
CA GLN A 585 -33.17 -18.61 -8.46
C GLN A 585 -32.35 -17.34 -8.52
N LEU A 586 -31.21 -17.38 -9.20
CA LEU A 586 -30.41 -16.18 -9.36
C LEU A 586 -31.08 -15.16 -10.26
N HIS A 587 -32.04 -15.58 -11.09
CA HIS A 587 -32.78 -14.62 -11.90
C HIS A 587 -33.74 -13.81 -11.06
N LYS A 588 -34.44 -14.46 -10.13
CA LYS A 588 -35.48 -13.77 -9.38
C LYS A 588 -34.91 -12.61 -8.58
N MET A 589 -33.86 -12.87 -7.79
CA MET A 589 -33.31 -11.83 -6.94
C MET A 589 -32.57 -10.75 -7.72
N GLN A 590 -32.58 -10.81 -9.04
CA GLN A 590 -32.00 -9.80 -9.90
C GLN A 590 -32.98 -9.40 -10.99
N PHE A 591 -34.26 -9.47 -10.66
CA PHE A 591 -35.33 -9.20 -11.61
C PHE A 591 -35.31 -7.74 -12.05
N THR B 23 15.46 35.32 16.12
CA THR B 23 14.86 34.27 15.32
C THR B 23 13.77 33.55 16.10
N PHE B 24 14.17 32.74 17.07
CA PHE B 24 13.26 31.98 17.92
C PHE B 24 13.61 32.24 19.39
N ARG B 25 13.05 33.31 19.95
CA ARG B 25 13.28 33.61 21.36
C ARG B 25 12.40 32.75 22.26
N ARG B 26 11.30 32.22 21.70
CA ARG B 26 10.32 31.50 22.52
C ARG B 26 10.75 30.06 22.75
N LEU B 27 11.77 29.59 22.04
CA LEU B 27 12.11 28.17 22.08
C LEU B 27 12.81 27.76 23.38
N TRP B 28 13.56 28.67 24.00
CA TRP B 28 14.45 28.30 25.12
C TRP B 28 13.74 27.55 26.23
N PRO B 29 12.57 27.97 26.74
CA PRO B 29 11.93 27.19 27.81
C PRO B 29 11.33 25.87 27.35
N THR B 30 11.28 25.60 26.04
CA THR B 30 10.85 24.28 25.59
C THR B 30 11.89 23.24 25.93
N ILE B 31 13.16 23.66 26.03
CA ILE B 31 14.30 22.78 26.24
C ILE B 31 15.04 23.08 27.53
N ALA B 32 14.61 24.11 28.26
CA ALA B 32 15.22 24.56 29.52
C ALA B 32 15.52 23.44 30.51
N PRO B 33 14.75 22.36 30.54
CA PRO B 33 15.18 21.22 31.35
C PRO B 33 16.55 20.68 30.99
N PHE B 34 17.02 20.89 29.77
CA PHE B 34 18.27 20.31 29.29
C PHE B 34 19.37 21.35 29.11
N LYS B 35 19.25 22.46 29.82
CA LYS B 35 20.29 23.48 29.77
C LYS B 35 21.63 22.93 30.24
N ALA B 36 21.62 21.96 31.16
CA ALA B 36 22.87 21.34 31.58
C ALA B 36 23.60 20.74 30.39
N GLY B 37 22.88 19.91 29.63
CA GLY B 37 23.49 19.30 28.47
C GLY B 37 23.93 20.32 27.44
N LEU B 38 23.11 21.32 27.18
CA LEU B 38 23.51 22.32 26.20
C LEU B 38 24.71 23.13 26.65
N ILE B 39 24.82 23.44 27.93
CA ILE B 39 25.94 24.29 28.33
C ILE B 39 27.22 23.47 28.40
N VAL B 40 27.12 22.17 28.73
CA VAL B 40 28.30 21.32 28.58
C VAL B 40 28.68 21.21 27.12
N ALA B 41 27.69 21.14 26.23
CA ALA B 41 27.99 21.15 24.81
C ALA B 41 28.77 22.40 24.43
N GLY B 42 28.28 23.56 24.85
CA GLY B 42 28.96 24.80 24.47
C GLY B 42 30.37 24.88 25.04
N VAL B 43 30.51 24.62 26.34
CA VAL B 43 31.81 24.66 26.98
C VAL B 43 32.80 23.68 26.39
N ALA B 44 32.41 22.42 26.21
CA ALA B 44 33.33 21.43 25.69
C ALA B 44 33.33 21.40 24.18
N LEU B 45 32.62 22.31 23.54
CA LEU B 45 32.69 22.41 22.10
C LEU B 45 33.59 23.54 21.66
N ILE B 46 33.56 24.67 22.37
CA ILE B 46 34.48 25.75 22.01
C ILE B 46 35.92 25.29 22.17
N LEU B 47 36.20 24.45 23.17
CA LEU B 47 37.53 23.87 23.29
C LEU B 47 37.92 23.09 22.04
N ASN B 48 36.96 22.48 21.36
CA ASN B 48 37.30 21.68 20.20
C ASN B 48 37.95 22.54 19.12
N ALA B 49 37.43 23.74 18.91
CA ALA B 49 38.08 24.66 17.99
C ALA B 49 39.33 25.27 18.61
N ALA B 50 39.35 25.42 19.93
CA ALA B 50 40.54 25.93 20.58
C ALA B 50 41.73 25.02 20.36
N SER B 51 41.50 23.71 20.25
CA SER B 51 42.61 22.80 19.97
C SER B 51 43.24 23.10 18.63
N ASP B 52 42.42 23.25 17.58
CA ASP B 52 42.96 23.54 16.26
C ASP B 52 43.69 24.87 16.24
N THR B 53 43.10 25.89 16.86
CA THR B 53 43.76 27.20 16.88
C THR B 53 45.08 27.15 17.64
N PHE B 54 45.11 26.48 18.79
CA PHE B 54 46.36 26.35 19.53
C PHE B 54 47.41 25.63 18.71
N MET B 55 47.03 24.59 17.99
CA MET B 55 48.03 23.84 17.25
C MET B 55 48.63 24.68 16.14
N LEU B 56 47.77 25.36 15.36
CA LEU B 56 48.31 26.23 14.33
C LEU B 56 49.20 27.30 14.92
N SER B 57 48.84 27.82 16.10
CA SER B 57 49.71 28.78 16.77
C SER B 57 51.05 28.17 17.11
N LEU B 58 51.02 26.95 17.65
CA LEU B 58 52.24 26.24 17.99
C LEU B 58 53.14 26.02 16.80
N LEU B 59 52.58 26.07 15.60
CA LEU B 59 53.40 25.76 14.42
C LEU B 59 54.62 26.67 14.32
N LYS B 60 54.56 27.91 14.83
CA LYS B 60 55.71 28.80 14.65
C LYS B 60 56.91 28.38 15.48
N PRO B 61 56.84 28.33 16.82
CA PRO B 61 58.03 27.91 17.57
C PRO B 61 58.49 26.50 17.24
N LEU B 62 57.79 25.83 16.34
CA LEU B 62 58.37 24.73 15.58
C LEU B 62 59.30 25.20 14.48
N LEU B 63 58.94 26.28 13.78
CA LEU B 63 59.54 26.58 12.49
C LEU B 63 60.67 27.60 12.62
N ASP B 64 60.42 28.72 13.27
CA ASP B 64 61.47 29.72 13.44
C ASP B 64 62.41 29.32 14.56
N ASP B 65 61.89 29.15 15.77
CA ASP B 65 62.69 28.85 16.94
C ASP B 65 63.17 27.41 16.98
N GLY B 66 62.73 26.59 16.03
CA GLY B 66 63.09 25.18 16.07
C GLY B 66 64.20 24.82 15.10
N PHE B 67 64.31 25.56 14.00
CA PHE B 67 65.26 25.21 12.94
C PHE B 67 66.10 26.38 12.47
N GLY B 68 65.64 27.61 12.69
CA GLY B 68 66.47 28.75 12.34
C GLY B 68 67.60 28.88 13.34
N LYS B 69 67.23 29.05 14.60
CA LYS B 69 68.22 29.03 15.67
C LYS B 69 68.70 27.60 15.88
N THR B 70 69.57 27.44 16.88
CA THR B 70 70.05 26.11 17.25
C THR B 70 69.19 25.46 18.32
N ASP B 71 68.10 26.09 18.71
CA ASP B 71 67.32 25.64 19.85
C ASP B 71 66.75 24.25 19.62
N ARG B 72 67.05 23.35 20.54
CA ARG B 72 66.48 22.00 20.56
C ARG B 72 65.61 21.80 21.79
N SER B 73 65.44 22.84 22.60
CA SER B 73 64.70 22.72 23.84
C SER B 73 63.20 22.62 23.59
N VAL B 74 62.67 23.48 22.72
CA VAL B 74 61.24 23.42 22.42
C VAL B 74 60.91 22.17 21.63
N LEU B 75 61.79 21.79 20.71
CA LEU B 75 61.50 20.69 19.80
C LEU B 75 61.34 19.37 20.53
N VAL B 76 61.75 19.30 21.81
CA VAL B 76 61.70 18.04 22.51
C VAL B 76 60.45 17.94 23.38
N TRP B 77 59.87 19.09 23.77
CA TRP B 77 58.58 18.96 24.44
C TRP B 77 57.42 19.03 23.44
N MET B 78 57.63 19.67 22.31
CA MET B 78 56.55 19.91 21.36
C MET B 78 55.82 18.65 20.90
N PRO B 79 56.45 17.52 20.64
CA PRO B 79 55.67 16.33 20.33
C PRO B 79 54.67 15.98 21.42
N LEU B 80 55.09 16.16 22.67
CA LEU B 80 54.20 15.88 23.78
C LEU B 80 53.02 16.83 23.81
N VAL B 81 53.25 18.13 23.59
CA VAL B 81 52.12 19.04 23.60
C VAL B 81 51.21 18.80 22.41
N VAL B 82 51.75 18.31 21.29
CA VAL B 82 50.88 17.95 20.17
C VAL B 82 49.98 16.80 20.55
N ILE B 83 50.55 15.75 21.14
CA ILE B 83 49.70 14.63 21.57
C ILE B 83 48.67 15.09 22.57
N GLY B 84 49.05 15.98 23.48
CA GLY B 84 48.10 16.48 24.45
C GLY B 84 46.98 17.28 23.80
N LEU B 85 47.33 18.13 22.85
CA LEU B 85 46.30 18.92 22.19
C LEU B 85 45.35 18.02 21.43
N MET B 86 45.87 16.97 20.79
CA MET B 86 44.98 16.00 20.17
C MET B 86 44.13 15.22 21.16
N ILE B 87 44.64 14.86 22.32
CA ILE B 87 43.77 14.14 23.24
C ILE B 87 42.67 15.07 23.73
N LEU B 88 42.99 16.34 23.94
CA LEU B 88 41.93 17.29 24.30
C LEU B 88 40.93 17.41 23.16
N ARG B 89 41.42 17.45 21.92
CA ARG B 89 40.54 17.57 20.77
C ARG B 89 39.61 16.38 20.65
N GLY B 90 40.15 15.18 20.79
CA GLY B 90 39.31 13.99 20.70
C GLY B 90 38.29 13.93 21.82
N ILE B 91 38.72 14.21 23.05
CA ILE B 91 37.80 14.12 24.18
C ILE B 91 36.70 15.15 24.05
N THR B 92 37.05 16.38 23.69
CA THR B 92 36.01 17.38 23.51
C THR B 92 35.09 17.02 22.35
N SER B 93 35.63 16.44 21.28
CA SER B 93 34.76 16.01 20.19
C SER B 93 33.74 15.00 20.70
N TYR B 94 34.19 14.04 21.51
CA TYR B 94 33.26 13.05 22.03
C TYR B 94 32.19 13.71 22.89
N VAL B 95 32.61 14.49 23.88
CA VAL B 95 31.62 15.01 24.82
C VAL B 95 30.66 15.95 24.10
N SER B 96 31.17 16.81 23.23
CA SER B 96 30.27 17.70 22.52
C SER B 96 29.49 17.01 21.42
N SER B 97 29.78 15.76 21.10
CA SER B 97 28.89 15.02 20.23
C SER B 97 27.98 14.06 20.98
N TYR B 98 28.32 13.71 22.21
CA TYR B 98 27.43 12.91 23.02
C TYR B 98 26.41 13.77 23.73
N CYS B 99 26.86 14.66 24.58
CA CYS B 99 25.91 15.44 25.34
C CYS B 99 25.19 16.46 24.52
N ILE B 100 25.29 16.47 23.19
CA ILE B 100 24.32 17.20 22.37
C ILE B 100 23.43 16.25 21.59
N SER B 101 23.76 14.96 21.57
CA SER B 101 22.85 13.92 21.12
C SER B 101 22.17 13.22 22.28
N TRP B 102 22.34 13.75 23.49
CA TRP B 102 21.51 13.35 24.61
C TRP B 102 20.40 14.35 24.87
N VAL B 103 20.48 15.55 24.31
CA VAL B 103 19.36 16.45 24.27
C VAL B 103 18.56 16.29 22.99
N SER B 104 19.25 16.12 21.87
CA SER B 104 18.55 15.73 20.65
C SER B 104 17.66 14.53 20.89
N GLY B 105 18.16 13.55 21.62
CA GLY B 105 17.35 12.36 21.89
C GLY B 105 16.14 12.67 22.75
N LYS B 106 16.32 13.41 23.84
CA LYS B 106 15.17 13.65 24.68
C LYS B 106 14.20 14.63 24.08
N VAL B 107 14.67 15.59 23.28
CA VAL B 107 13.70 16.50 22.70
C VAL B 107 12.85 15.78 21.65
N VAL B 108 13.47 14.91 20.84
CA VAL B 108 12.68 14.18 19.86
C VAL B 108 11.74 13.21 20.56
N MET B 109 12.20 12.60 21.66
CA MET B 109 11.32 11.66 22.37
C MET B 109 10.14 12.40 22.98
N THR B 110 10.37 13.56 23.59
CA THR B 110 9.26 14.31 24.16
C THR B 110 8.30 14.75 23.08
N MET B 111 8.82 15.20 21.93
CA MET B 111 7.91 15.65 20.88
C MET B 111 7.11 14.48 20.33
N ARG B 112 7.73 13.30 20.20
CA ARG B 112 6.97 12.13 19.77
C ARG B 112 5.87 11.79 20.76
N ARG B 113 6.19 11.78 22.05
CA ARG B 113 5.18 11.40 23.04
C ARG B 113 4.04 12.42 23.08
N ARG B 114 4.34 13.69 22.82
CA ARG B 114 3.28 14.69 22.78
C ARG B 114 2.58 14.70 21.44
N LEU B 115 3.13 14.02 20.44
CA LEU B 115 2.45 13.90 19.16
C LEU B 115 1.48 12.72 19.17
N PHE B 116 1.96 11.56 19.57
CA PHE B 116 1.15 10.35 19.58
C PHE B 116 -0.04 10.48 20.50
N GLY B 117 0.19 11.04 21.69
CA GLY B 117 -0.89 11.25 22.65
C GLY B 117 -1.96 12.17 22.12
N HIS B 118 -1.76 12.63 20.89
CA HIS B 118 -2.76 13.36 20.15
C HIS B 118 -3.32 12.54 19.00
N MET B 119 -2.65 11.47 18.59
CA MET B 119 -3.20 10.57 17.59
C MET B 119 -4.21 9.59 18.16
N MET B 120 -4.39 9.56 19.48
CA MET B 120 -5.40 8.75 20.13
C MET B 120 -6.67 9.54 20.40
N GLY B 121 -6.87 10.65 19.70
CA GLY B 121 -8.06 11.42 19.90
C GLY B 121 -8.74 11.83 18.61
N MET B 122 -8.06 11.64 17.48
CA MET B 122 -8.66 12.08 16.24
C MET B 122 -9.86 11.21 15.89
N PRO B 123 -10.81 11.73 15.12
CA PRO B 123 -12.00 10.95 14.79
C PRO B 123 -11.66 9.71 14.00
N VAL B 124 -12.45 8.67 14.21
CA VAL B 124 -12.19 7.38 13.58
C VAL B 124 -12.13 7.54 12.07
N SER B 125 -12.83 8.54 11.54
CA SER B 125 -12.80 8.75 10.10
C SER B 125 -11.40 9.05 9.60
N PHE B 126 -10.54 9.61 10.44
CA PHE B 126 -9.14 9.80 10.06
C PHE B 126 -8.47 8.47 9.75
N PHE B 127 -8.34 7.63 10.78
CA PHE B 127 -7.72 6.32 10.63
C PHE B 127 -8.34 5.48 9.53
N ASP B 128 -9.51 5.87 9.04
CA ASP B 128 -10.30 4.96 8.21
C ASP B 128 -9.49 4.46 7.02
N LYS B 129 -9.21 5.33 6.07
CA LYS B 129 -8.15 5.05 5.11
C LYS B 129 -7.49 6.38 4.77
N GLN B 130 -7.92 7.45 5.44
CA GLN B 130 -7.44 8.77 5.07
C GLN B 130 -5.93 8.86 5.22
N SER B 131 -5.40 8.32 6.30
CA SER B 131 -3.97 8.34 6.56
C SER B 131 -3.33 7.06 6.03
N THR B 132 -2.27 7.22 5.25
CA THR B 132 -1.55 6.08 4.72
C THR B 132 -0.90 5.30 5.86
N GLY B 133 -0.75 3.99 5.66
CA GLY B 133 -0.05 3.16 6.62
C GLY B 133 1.32 3.66 7.01
N THR B 134 1.84 4.65 6.30
CA THR B 134 3.09 5.31 6.66
C THR B 134 2.88 6.46 7.61
N LEU B 135 1.80 6.47 8.39
CA LEU B 135 1.63 7.49 9.42
C LEU B 135 2.80 7.45 10.39
N LEU B 136 3.09 6.28 10.93
CA LEU B 136 4.19 6.15 11.89
C LEU B 136 5.51 6.56 11.26
N SER B 137 5.77 6.10 10.04
CA SER B 137 7.02 6.45 9.39
C SER B 137 7.11 7.95 9.15
N ARG B 138 6.01 8.59 8.76
CA ARG B 138 6.06 10.02 8.52
C ARG B 138 6.33 10.77 9.81
N ILE B 139 5.67 10.42 10.90
CA ILE B 139 5.93 11.19 12.12
C ILE B 139 7.35 10.94 12.60
N THR B 140 7.84 9.70 12.50
CA THR B 140 9.17 9.43 13.03
C THR B 140 10.25 10.07 12.17
N TYR B 141 10.06 10.10 10.85
CA TYR B 141 11.06 10.73 10.00
C TYR B 141 11.01 12.24 10.10
N ASP B 142 9.82 12.83 10.21
CA ASP B 142 9.74 14.27 10.45
C ASP B 142 10.46 14.64 11.73
N SER B 143 10.19 13.91 12.82
CA SER B 143 10.79 14.27 14.10
C SER B 143 12.29 14.01 14.11
N GLU B 144 12.72 12.86 13.59
CA GLU B 144 14.15 12.59 13.52
C GLU B 144 14.88 13.62 12.69
N GLN B 145 14.32 14.02 11.54
CA GLN B 145 15.01 14.99 10.71
C GLN B 145 14.94 16.41 11.26
N VAL B 146 13.88 16.79 11.98
CA VAL B 146 13.92 18.10 12.61
C VAL B 146 14.96 18.14 13.72
N ALA B 147 15.04 17.09 14.52
CA ALA B 147 16.08 17.05 15.54
C ALA B 147 17.46 17.10 14.90
N SER B 148 17.66 16.30 13.84
CA SER B 148 18.96 16.26 13.18
C SER B 148 19.33 17.63 12.63
N SER B 149 18.41 18.27 11.92
CA SER B 149 18.73 19.54 11.30
C SER B 149 19.03 20.61 12.33
N SER B 150 18.18 20.74 13.36
CA SER B 150 18.43 21.79 14.33
C SER B 150 19.71 21.53 15.12
N SER B 151 19.95 20.28 15.52
CA SER B 151 21.17 19.99 16.27
C SER B 151 22.41 20.22 15.43
N GLY B 152 22.37 19.85 14.16
CA GLY B 152 23.49 20.14 13.28
C GLY B 152 23.71 21.63 13.10
N ALA B 153 22.63 22.39 13.03
CA ALA B 153 22.79 23.84 12.95
C ALA B 153 23.51 24.37 14.18
N LEU B 154 23.12 23.88 15.35
CA LEU B 154 23.79 24.34 16.58
C LEU B 154 25.26 23.98 16.57
N ILE B 155 25.57 22.72 16.24
CA ILE B 155 26.96 22.28 16.22
C ILE B 155 27.77 23.16 15.29
N THR B 156 27.27 23.37 14.07
CA THR B 156 28.00 24.14 13.09
C THR B 156 28.21 25.57 13.55
N VAL B 157 27.13 26.25 13.97
CA VAL B 157 27.28 27.67 14.29
C VAL B 157 28.27 27.85 15.44
N VAL B 158 28.13 27.06 16.51
CA VAL B 158 28.99 27.29 17.66
C VAL B 158 30.43 26.92 17.35
N ARG B 159 30.67 25.73 16.80
CA ARG B 159 32.05 25.32 16.59
C ARG B 159 32.75 26.22 15.58
N GLU B 160 32.10 26.49 14.44
CA GLU B 160 32.77 27.29 13.44
C GLU B 160 32.85 28.76 13.82
N GLY B 161 31.93 29.27 14.62
CA GLY B 161 32.14 30.59 15.18
C GLY B 161 33.38 30.63 16.05
N ALA B 162 33.55 29.62 16.90
CA ALA B 162 34.77 29.56 17.69
C ALA B 162 35.99 29.47 16.80
N SER B 163 35.89 28.68 15.72
CA SER B 163 37.04 28.51 14.84
C SER B 163 37.43 29.83 14.20
N ILE B 164 36.46 30.56 13.67
CA ILE B 164 36.77 31.82 13.01
C ILE B 164 37.35 32.81 14.01
N ILE B 165 36.74 32.90 15.20
CA ILE B 165 37.26 33.84 16.19
C ILE B 165 38.69 33.48 16.55
N GLY B 166 38.97 32.19 16.71
CA GLY B 166 40.31 31.78 17.08
C GLY B 166 41.33 32.08 16.00
N LEU B 167 40.98 31.81 14.75
CA LEU B 167 41.96 32.05 13.68
C LEU B 167 42.19 33.54 13.48
N PHE B 168 41.16 34.36 13.62
CA PHE B 168 41.39 35.79 13.47
C PHE B 168 42.17 36.34 14.66
N ILE B 169 42.01 35.77 15.84
CA ILE B 169 42.92 36.09 16.94
C ILE B 169 44.34 35.72 16.55
N MET B 170 44.50 34.57 15.90
CA MET B 170 45.81 34.16 15.41
C MET B 170 46.44 35.21 14.52
N MET B 171 45.68 35.73 13.56
CA MET B 171 46.32 36.58 12.57
C MET B 171 46.73 37.93 13.17
N PHE B 172 45.95 38.46 14.10
CA PHE B 172 46.31 39.73 14.76
C PHE B 172 47.60 39.59 15.56
N TYR B 173 47.66 38.64 16.48
CA TYR B 173 48.82 38.53 17.36
C TYR B 173 50.09 38.22 16.58
N TYR B 174 49.97 37.77 15.34
CA TYR B 174 51.12 37.40 14.54
C TYR B 174 51.36 38.33 13.36
N SER B 175 50.40 39.18 13.01
CA SER B 175 50.57 40.08 11.88
C SER B 175 49.70 41.31 12.06
N TRP B 176 49.86 42.23 11.14
CA TRP B 176 49.19 43.53 11.21
C TRP B 176 48.40 43.86 9.96
N GLN B 177 48.85 43.41 8.80
CA GLN B 177 48.23 43.86 7.56
C GLN B 177 47.48 42.73 6.84
N LEU B 178 48.09 41.55 6.75
CA LEU B 178 47.44 40.45 6.04
C LEU B 178 46.11 40.13 6.68
N SER B 179 46.02 40.24 8.00
CA SER B 179 44.78 39.94 8.69
C SER B 179 43.69 40.92 8.28
N ILE B 180 44.02 42.20 8.16
CA ILE B 180 43.02 43.17 7.73
C ILE B 180 42.65 42.96 6.28
N ILE B 181 43.62 42.58 5.45
CA ILE B 181 43.32 42.20 4.07
C ILE B 181 42.27 41.10 4.06
N LEU B 182 42.46 40.08 4.89
CA LEU B 182 41.51 38.97 4.93
C LEU B 182 40.18 39.39 5.54
N ILE B 183 40.19 40.24 6.56
CA ILE B 183 38.94 40.67 7.19
C ILE B 183 38.14 41.58 6.29
N VAL B 184 38.78 42.15 5.27
CA VAL B 184 38.04 42.85 4.22
C VAL B 184 37.64 41.90 3.11
N LEU B 185 38.42 40.85 2.89
CA LEU B 185 38.31 40.07 1.66
C LEU B 185 37.39 38.87 1.82
N ALA B 186 37.38 38.25 2.99
CA ALA B 186 36.56 37.07 3.21
C ALA B 186 35.07 37.30 3.00
N PRO B 187 34.47 38.42 3.46
CA PRO B 187 33.04 38.62 3.17
C PRO B 187 32.69 38.52 1.70
N ILE B 188 33.59 38.92 0.81
CA ILE B 188 33.39 38.68 -0.61
C ILE B 188 33.29 37.18 -0.87
N VAL B 189 34.17 36.40 -0.22
CA VAL B 189 34.13 34.95 -0.35
C VAL B 189 32.78 34.42 0.10
N SER B 190 32.27 34.94 1.22
CA SER B 190 31.00 34.47 1.75
C SER B 190 29.85 34.77 0.80
N ILE B 191 29.81 35.97 0.24
CA ILE B 191 28.68 36.25 -0.65
C ILE B 191 28.79 35.43 -1.91
N ALA B 192 30.01 35.14 -2.37
CA ALA B 192 30.16 34.20 -3.47
C ALA B 192 29.60 32.84 -3.09
N ILE B 193 29.87 32.39 -1.87
CA ILE B 193 29.33 31.12 -1.38
C ILE B 193 27.81 31.12 -1.49
N ARG B 194 27.19 32.19 -0.99
CA ARG B 194 25.73 32.25 -0.94
C ARG B 194 25.14 32.22 -2.33
N VAL B 195 25.70 33.01 -3.25
CA VAL B 195 25.13 33.07 -4.60
C VAL B 195 25.26 31.71 -5.29
N VAL B 196 26.40 31.05 -5.14
CA VAL B 196 26.59 29.79 -5.84
C VAL B 196 25.71 28.69 -5.25
N SER B 197 25.62 28.62 -3.91
CA SER B 197 24.73 27.63 -3.32
C SER B 197 23.28 27.88 -3.70
N LYS B 198 22.87 29.16 -3.80
CA LYS B 198 21.54 29.48 -4.29
C LYS B 198 21.34 28.93 -5.69
N ARG B 199 22.34 29.11 -6.55
CA ARG B 199 22.20 28.67 -7.93
C ARG B 199 22.03 27.17 -8.00
N PHE B 200 22.77 26.42 -7.17
CA PHE B 200 22.57 24.97 -7.18
C PHE B 200 21.20 24.59 -6.63
N ARG B 201 20.78 25.24 -5.54
CA ARG B 201 19.51 24.89 -4.92
C ARG B 201 18.34 25.09 -5.89
N ASN B 202 18.38 26.13 -6.71
CA ASN B 202 17.29 26.32 -7.68
C ASN B 202 17.25 25.20 -8.71
N ILE B 203 18.42 24.79 -9.22
CA ILE B 203 18.47 23.69 -10.17
C ILE B 203 17.92 22.43 -9.53
N SER B 204 18.04 22.31 -8.21
CA SER B 204 17.48 21.15 -7.53
C SER B 204 15.99 21.00 -7.81
N LYS B 205 15.20 22.06 -7.58
CA LYS B 205 13.75 21.95 -7.78
C LYS B 205 13.40 21.91 -9.25
N ASN B 206 14.15 22.63 -10.09
CA ASN B 206 13.86 22.60 -11.52
C ASN B 206 14.06 21.21 -12.11
N MET B 207 15.06 20.45 -11.64
CA MET B 207 15.15 19.07 -12.06
C MET B 207 14.07 18.23 -11.37
N GLN B 208 13.68 18.62 -10.16
CA GLN B 208 12.72 17.85 -9.39
C GLN B 208 11.39 17.71 -10.10
N ASN B 209 10.93 18.78 -10.74
CA ASN B 209 9.64 18.72 -11.46
C ASN B 209 9.63 17.61 -12.51
N THR B 210 10.49 17.72 -13.52
CA THR B 210 10.53 16.72 -14.57
C THR B 210 10.92 15.36 -14.04
N MET B 211 11.67 15.31 -12.93
CA MET B 211 12.01 14.02 -12.34
C MET B 211 10.76 13.30 -11.87
N GLY B 212 9.90 14.01 -11.11
CA GLY B 212 8.63 13.41 -10.71
C GLY B 212 7.79 13.02 -11.91
N GLN B 213 7.75 13.88 -12.92
CA GLN B 213 6.93 13.60 -14.10
C GLN B 213 7.37 12.30 -14.78
N VAL B 214 8.67 12.12 -14.95
CA VAL B 214 9.15 10.96 -15.70
C VAL B 214 9.07 9.70 -14.85
N THR B 215 9.18 9.84 -13.52
CA THR B 215 8.89 8.69 -12.67
C THR B 215 7.44 8.22 -12.83
N THR B 216 6.50 9.17 -12.87
CA THR B 216 5.10 8.80 -13.09
C THR B 216 4.90 8.18 -14.47
N SER B 217 5.53 8.74 -15.50
CA SER B 217 5.38 8.18 -16.84
C SER B 217 6.02 6.80 -16.93
N ALA B 218 7.00 6.52 -16.07
CA ALA B 218 7.54 5.18 -15.99
C ALA B 218 6.57 4.23 -15.30
N GLU B 219 5.92 4.71 -14.24
CA GLU B 219 4.93 3.88 -13.55
C GLU B 219 3.75 3.52 -14.44
N GLN B 220 3.39 4.41 -15.36
CA GLN B 220 2.14 4.22 -16.11
C GLN B 220 2.09 2.90 -16.86
N MET B 221 3.23 2.43 -17.37
CA MET B 221 3.20 1.33 -18.33
C MET B 221 2.68 0.04 -17.72
N LEU B 222 3.15 -0.31 -16.53
CA LEU B 222 3.00 -1.67 -16.02
C LEU B 222 1.86 -1.83 -15.03
N LYS B 223 0.91 -0.89 -14.98
CA LYS B 223 -0.31 -1.14 -14.22
C LYS B 223 -1.22 -2.09 -14.97
N GLY B 224 -1.26 -1.96 -16.29
CA GLY B 224 -2.10 -2.78 -17.13
C GLY B 224 -1.27 -3.68 -18.02
N HIS B 225 -0.25 -4.31 -17.42
CA HIS B 225 0.62 -5.18 -18.19
C HIS B 225 -0.18 -6.25 -18.92
N LYS B 226 -1.32 -6.65 -18.36
CA LYS B 226 -2.20 -7.59 -19.04
C LYS B 226 -2.39 -7.22 -20.50
N GLU B 227 -2.91 -6.03 -20.75
CA GLU B 227 -3.24 -5.65 -22.11
C GLU B 227 -2.02 -5.62 -23.00
N VAL B 228 -0.85 -5.29 -22.46
CA VAL B 228 0.36 -5.27 -23.29
C VAL B 228 0.61 -6.64 -23.89
N LEU B 229 0.45 -7.69 -23.10
CA LEU B 229 0.56 -9.04 -23.65
C LEU B 229 -0.61 -9.35 -24.56
N ILE B 230 -1.82 -8.98 -24.15
CA ILE B 230 -2.98 -9.51 -24.84
C ILE B 230 -3.11 -8.92 -26.22
N PHE B 231 -2.55 -7.74 -26.46
CA PHE B 231 -2.54 -7.16 -27.79
C PHE B 231 -1.25 -7.42 -28.54
N GLY B 232 -0.33 -8.17 -27.95
CA GLY B 232 0.95 -8.44 -28.60
C GLY B 232 1.75 -7.18 -28.82
N GLY B 233 1.69 -6.25 -27.89
CA GLY B 233 2.32 -4.96 -28.09
C GLY B 233 3.63 -4.78 -27.37
N GLN B 234 4.46 -5.81 -27.33
CA GLN B 234 5.76 -5.64 -26.71
C GLN B 234 6.70 -4.78 -27.55
N GLU B 235 6.36 -4.53 -28.80
CA GLU B 235 7.22 -3.71 -29.64
C GLU B 235 7.09 -2.24 -29.32
N VAL B 236 5.89 -1.78 -28.97
CA VAL B 236 5.63 -0.36 -28.77
C VAL B 236 5.64 -0.15 -27.26
N GLU B 237 6.35 -1.02 -26.55
CA GLU B 237 6.61 -0.81 -25.14
C GLU B 237 8.08 -0.59 -24.84
N THR B 238 8.96 -1.39 -25.44
CA THR B 238 10.38 -1.20 -25.25
C THR B 238 10.83 0.16 -25.76
N LYS B 239 10.34 0.59 -26.92
CA LYS B 239 10.74 1.89 -27.44
C LYS B 239 10.28 3.02 -26.55
N ARG B 240 9.05 2.88 -26.02
CA ARG B 240 8.49 3.91 -25.12
C ARG B 240 9.39 4.00 -23.87
N PHE B 241 9.82 2.86 -23.31
CA PHE B 241 10.70 2.92 -22.15
C PHE B 241 12.09 3.39 -22.53
N ASP B 242 12.52 3.18 -23.77
CA ASP B 242 13.79 3.74 -24.22
C ASP B 242 13.75 5.26 -24.13
N LYS B 243 12.67 5.86 -24.65
CA LYS B 243 12.54 7.31 -24.55
C LYS B 243 12.53 7.76 -23.09
N VAL B 244 11.78 7.06 -22.25
CA VAL B 244 11.69 7.45 -20.84
C VAL B 244 13.05 7.34 -20.16
N SER B 245 13.77 6.25 -20.40
CA SER B 245 15.05 6.04 -19.73
C SER B 245 16.09 7.03 -20.22
N ASN B 246 16.06 7.37 -21.51
CA ASN B 246 16.96 8.40 -22.00
C ASN B 246 16.66 9.73 -21.34
N ARG B 247 15.37 10.04 -21.12
CA ARG B 247 15.03 11.25 -20.38
C ARG B 247 15.55 11.18 -18.94
N MET B 248 15.46 10.00 -18.32
CA MET B 248 15.97 9.86 -16.96
C MET B 248 17.47 10.09 -16.89
N ARG B 249 18.23 9.47 -17.81
CA ARG B 249 19.68 9.65 -17.78
C ARG B 249 20.05 11.09 -18.11
N LEU B 250 19.32 11.73 -19.02
CA LEU B 250 19.60 13.14 -19.30
C LEU B 250 19.29 14.03 -18.11
N GLN B 251 18.23 13.73 -17.35
CA GLN B 251 17.95 14.51 -16.16
C GLN B 251 19.02 14.31 -15.10
N GLY B 252 19.44 13.07 -14.88
CA GLY B 252 20.54 12.83 -13.96
C GLY B 252 21.80 13.54 -14.41
N MET B 253 22.01 13.60 -15.72
CA MET B 253 23.15 14.32 -16.26
C MET B 253 23.08 15.79 -15.92
N LYS B 254 21.90 16.40 -16.09
CA LYS B 254 21.77 17.83 -15.82
C LYS B 254 22.01 18.11 -14.34
N MET B 255 21.45 17.28 -13.45
CA MET B 255 21.70 17.49 -12.02
C MET B 255 23.18 17.35 -11.67
N VAL B 256 23.84 16.29 -12.12
CA VAL B 256 25.24 16.13 -11.76
C VAL B 256 26.09 17.25 -12.35
N SER B 257 25.83 17.61 -13.62
CA SER B 257 26.57 18.69 -14.23
C SER B 257 26.33 20.01 -13.52
N ALA B 258 25.20 20.15 -12.85
CA ALA B 258 25.03 21.32 -12.00
C ALA B 258 25.88 21.20 -10.74
N SER B 259 25.87 20.05 -10.09
CA SER B 259 26.50 19.91 -8.78
C SER B 259 28.01 20.01 -8.84
N SER B 260 28.63 19.81 -9.99
CA SER B 260 30.08 19.78 -10.09
C SER B 260 30.65 21.17 -10.36
N ILE B 261 29.79 22.18 -10.45
CA ILE B 261 30.23 23.56 -10.57
C ILE B 261 30.14 24.33 -9.27
N SER B 262 29.18 24.00 -8.40
CA SER B 262 29.02 24.76 -7.18
C SER B 262 30.23 24.66 -6.27
N ASP B 263 31.01 23.59 -6.36
CA ASP B 263 32.22 23.51 -5.56
C ASP B 263 33.39 24.26 -6.17
N PRO B 264 33.80 24.00 -7.42
CA PRO B 264 35.07 24.55 -7.90
C PRO B 264 35.02 26.00 -8.34
N ILE B 265 33.97 26.74 -8.03
CA ILE B 265 33.94 28.18 -8.29
C ILE B 265 34.33 28.96 -7.05
N ILE B 266 33.73 28.61 -5.92
CA ILE B 266 34.10 29.24 -4.66
C ILE B 266 35.55 28.95 -4.33
N GLN B 267 36.04 27.78 -4.75
CA GLN B 267 37.47 27.51 -4.61
C GLN B 267 38.29 28.52 -5.39
N LEU B 268 37.85 28.90 -6.57
CA LEU B 268 38.61 29.87 -7.36
C LEU B 268 38.53 31.25 -6.75
N ILE B 269 37.37 31.63 -6.21
CA ILE B 269 37.28 32.92 -5.53
C ILE B 269 38.25 32.97 -4.36
N ALA B 270 38.23 31.93 -3.53
CA ALA B 270 39.14 31.91 -2.40
C ALA B 270 40.60 31.89 -2.84
N SER B 271 40.89 31.22 -3.95
CA SER B 271 42.27 31.19 -4.40
C SER B 271 42.71 32.53 -4.94
N LEU B 272 41.82 33.27 -5.57
CA LEU B 272 42.11 34.66 -5.89
C LEU B 272 42.47 35.42 -4.62
N ALA B 273 41.70 35.17 -3.55
CA ALA B 273 42.04 35.78 -2.27
C ALA B 273 43.46 35.39 -1.84
N LEU B 274 43.80 34.12 -2.02
CA LEU B 274 45.11 33.64 -1.60
C LEU B 274 46.23 34.31 -2.37
N ALA B 275 46.07 34.42 -3.69
CA ALA B 275 47.08 35.10 -4.49
C ALA B 275 47.21 36.55 -4.07
N PHE B 276 46.07 37.19 -3.79
CA PHE B 276 46.08 38.56 -3.35
C PHE B 276 46.85 38.71 -2.05
N VAL B 277 46.68 37.76 -1.14
CA VAL B 277 47.38 37.80 0.14
C VAL B 277 48.87 37.64 -0.06
N LEU B 278 49.28 36.71 -0.93
CA LEU B 278 50.71 36.64 -1.27
C LEU B 278 51.23 37.97 -1.80
N TYR B 279 50.50 38.56 -2.75
CA TYR B 279 50.90 39.84 -3.31
C TYR B 279 51.16 40.84 -2.20
N ALA B 280 50.13 41.13 -1.40
CA ALA B 280 50.28 42.10 -0.33
C ALA B 280 51.32 41.68 0.70
N ALA B 281 51.64 40.39 0.76
CA ALA B 281 52.66 39.91 1.68
C ALA B 281 54.06 40.13 1.16
N SER B 282 54.23 40.44 -0.12
CA SER B 282 55.56 40.92 -0.51
C SER B 282 55.53 42.04 -1.54
N PHE B 283 54.51 42.89 -1.54
CA PHE B 283 54.53 44.04 -2.45
C PHE B 283 55.43 45.15 -1.92
N PRO B 284 55.18 45.74 -0.74
CA PRO B 284 56.00 46.89 -0.33
C PRO B 284 57.18 46.49 0.54
N SER B 285 57.99 47.48 0.90
CA SER B 285 59.04 47.30 1.90
C SER B 285 58.53 47.59 3.32
N VAL B 286 57.38 48.26 3.44
CA VAL B 286 56.76 48.43 4.76
C VAL B 286 56.37 47.07 5.31
N MET B 287 56.02 46.14 4.43
CA MET B 287 55.81 44.74 4.77
C MET B 287 57.18 44.07 4.89
N ASP B 288 57.20 42.74 5.00
CA ASP B 288 58.38 41.87 5.08
C ASP B 288 58.94 41.82 6.50
N SER B 289 58.27 42.37 7.50
CA SER B 289 58.72 42.23 8.88
C SER B 289 58.42 40.86 9.45
N LEU B 290 57.69 40.02 8.72
CA LEU B 290 57.28 38.71 9.22
C LEU B 290 58.29 37.64 8.84
N THR B 291 58.81 36.95 9.85
CA THR B 291 59.83 35.93 9.66
C THR B 291 59.27 34.74 8.89
N ALA B 292 60.14 33.77 8.63
CA ALA B 292 59.74 32.57 7.91
C ALA B 292 58.74 31.75 8.70
N GLY B 293 58.64 31.97 10.01
CA GLY B 293 57.69 31.23 10.80
C GLY B 293 56.28 31.77 10.70
N THR B 294 56.06 32.98 11.19
CA THR B 294 54.71 33.53 11.29
C THR B 294 53.99 33.57 9.96
N ILE B 295 54.72 33.66 8.85
CA ILE B 295 54.06 33.58 7.55
C ILE B 295 53.38 32.22 7.40
N THR B 296 54.04 31.15 7.86
CA THR B 296 53.44 29.83 7.75
C THR B 296 52.21 29.73 8.63
N VAL B 297 52.24 30.34 9.80
CA VAL B 297 51.07 30.34 10.66
C VAL B 297 49.90 31.05 9.98
N VAL B 298 50.16 32.21 9.39
CA VAL B 298 49.06 32.93 8.75
C VAL B 298 48.50 32.14 7.57
N PHE B 299 49.36 31.54 6.74
CA PHE B 299 48.83 30.83 5.59
C PHE B 299 48.11 29.55 5.99
N SER B 300 48.63 28.84 7.00
CA SER B 300 47.92 27.66 7.49
C SER B 300 46.58 28.05 8.04
N SER B 301 46.52 29.12 8.82
CA SER B 301 45.24 29.59 9.33
C SER B 301 44.30 29.92 8.18
N MET B 302 44.84 30.47 7.09
CA MET B 302 43.99 30.71 5.93
C MET B 302 43.41 29.41 5.40
N ILE B 303 44.26 28.51 4.89
CA ILE B 303 43.74 27.32 4.23
C ILE B 303 43.01 26.39 5.18
N ALA B 304 42.99 26.70 6.48
CA ALA B 304 42.10 26.01 7.40
C ALA B 304 40.88 26.83 7.78
N LEU B 305 40.87 28.11 7.42
CA LEU B 305 39.72 28.96 7.67
C LEU B 305 38.58 28.71 6.70
N MET B 306 38.83 28.04 5.58
CA MET B 306 37.80 27.97 4.56
C MET B 306 36.61 27.14 5.02
N ARG B 307 36.85 25.96 5.57
CA ARG B 307 35.74 25.09 5.96
C ARG B 307 34.79 25.78 6.93
N PRO B 308 35.25 26.47 7.97
CA PRO B 308 34.32 27.35 8.68
C PRO B 308 33.66 28.36 7.78
N LEU B 309 34.39 28.98 6.86
CA LEU B 309 33.81 30.05 6.07
C LEU B 309 32.79 29.54 5.07
N LYS B 310 32.69 28.23 4.87
CA LYS B 310 31.64 27.65 4.05
C LYS B 310 30.49 27.13 4.89
N SER B 311 30.80 26.37 5.95
CA SER B 311 29.73 25.85 6.79
C SER B 311 28.96 26.98 7.45
N LEU B 312 29.66 27.98 7.99
CA LEU B 312 29.01 29.07 8.68
C LEU B 312 28.07 29.86 7.78
N THR B 313 28.36 29.91 6.49
CA THR B 313 27.55 30.67 5.56
C THR B 313 26.48 29.83 4.88
N ASN B 314 26.58 28.51 4.95
CA ASN B 314 25.45 27.68 4.58
C ASN B 314 24.60 27.23 5.76
N VAL B 315 24.92 27.68 6.98
CA VAL B 315 24.07 27.41 8.13
C VAL B 315 22.61 27.72 7.82
N ASN B 316 22.36 28.89 7.25
CA ASN B 316 20.98 29.37 7.12
C ASN B 316 20.10 28.33 6.44
N ALA B 317 20.67 27.54 5.53
CA ALA B 317 19.91 26.46 4.92
C ALA B 317 19.55 25.37 5.91
N GLN B 318 20.41 25.09 6.88
CA GLN B 318 20.14 24.00 7.81
C GLN B 318 18.95 24.28 8.71
N PHE B 319 18.84 25.50 9.24
CA PHE B 319 17.66 25.84 10.02
C PHE B 319 16.39 25.65 9.21
N GLN B 320 16.45 25.90 7.90
CA GLN B 320 15.25 25.79 7.08
C GLN B 320 14.80 24.35 6.88
N ARG B 321 15.73 23.41 6.80
CA ARG B 321 15.34 22.00 6.90
C ARG B 321 14.53 21.75 8.16
N GLY B 322 15.09 22.17 9.29
CA GLY B 322 14.46 21.91 10.57
C GLY B 322 13.15 22.64 10.73
N MET B 323 13.12 23.93 10.39
CA MET B 323 11.87 24.65 10.57
C MET B 323 10.82 24.22 9.56
N ALA B 324 11.23 23.76 8.38
CA ALA B 324 10.27 23.23 7.44
C ALA B 324 9.60 21.97 7.99
N ALA B 325 10.41 21.01 8.43
CA ALA B 325 9.81 19.80 8.99
C ALA B 325 9.03 20.12 10.25
N CYS B 326 9.46 21.12 11.02
CA CYS B 326 8.74 21.45 12.25
C CYS B 326 7.42 22.13 11.94
N GLN B 327 7.33 22.87 10.84
CA GLN B 327 6.02 23.36 10.41
C GLN B 327 5.14 22.22 9.95
N THR B 328 5.71 21.26 9.22
CA THR B 328 4.95 20.07 8.85
C THR B 328 4.37 19.40 10.08
N LEU B 329 5.15 19.32 11.15
CA LEU B 329 4.63 18.76 12.40
C LEU B 329 3.58 19.66 13.03
N PHE B 330 3.87 20.96 13.17
CA PHE B 330 2.99 21.85 13.92
C PHE B 330 1.66 22.10 13.22
N THR B 331 1.53 21.79 11.93
CA THR B 331 0.19 21.71 11.37
C THR B 331 -0.57 20.53 11.97
N ILE B 332 0.09 19.39 12.09
CA ILE B 332 -0.59 18.18 12.54
C ILE B 332 -0.89 18.23 14.03
N LEU B 333 0.05 18.75 14.83
CA LEU B 333 0.01 18.54 16.27
C LEU B 333 -1.31 18.96 16.87
N ASP B 334 -1.75 20.19 16.61
CA ASP B 334 -3.05 20.66 17.09
C ASP B 334 -3.90 20.93 15.85
N SER B 335 -4.50 19.86 15.32
CA SER B 335 -5.29 20.00 14.10
C SER B 335 -6.78 19.94 14.36
N GLU B 336 -7.27 18.80 14.84
CA GLU B 336 -8.66 18.63 15.27
C GLU B 336 -8.76 17.27 15.93
N GLN B 337 -9.64 17.17 16.92
CA GLN B 337 -9.88 15.92 17.63
C GLN B 337 -11.34 15.54 17.55
N GLU B 338 -11.70 14.41 18.15
CA GLU B 338 -13.11 14.09 18.26
C GLU B 338 -13.83 15.14 19.08
N LYS B 339 -14.94 15.62 18.53
CA LYS B 339 -15.69 16.68 19.18
C LYS B 339 -16.26 16.17 20.48
N ASP B 340 -15.69 16.59 21.61
CA ASP B 340 -16.28 16.30 22.90
C ASP B 340 -17.19 17.45 23.31
N GLU B 341 -18.47 17.15 23.52
CA GLU B 341 -19.42 18.12 24.01
C GLU B 341 -20.30 17.43 25.04
N GLY B 342 -21.08 18.23 25.75
CA GLY B 342 -21.94 17.71 26.78
C GLY B 342 -21.17 17.40 28.04
N LYS B 343 -21.93 17.10 29.10
CA LYS B 343 -21.34 16.91 30.40
C LYS B 343 -21.92 15.69 31.12
N ARG B 344 -23.06 15.19 30.63
CA ARG B 344 -23.82 14.21 31.39
C ARG B 344 -23.05 12.90 31.44
N VAL B 345 -23.14 12.20 32.58
CA VAL B 345 -22.34 11.00 32.85
C VAL B 345 -23.29 9.83 33.08
N ILE B 346 -22.82 8.62 32.81
CA ILE B 346 -23.62 7.42 33.00
C ILE B 346 -22.81 6.40 33.78
N GLU B 347 -23.44 5.80 34.79
CA GLU B 347 -22.84 4.66 35.45
C GLU B 347 -23.03 3.44 34.56
N ARG B 348 -24.28 3.08 34.29
CA ARG B 348 -24.64 2.09 33.28
C ARG B 348 -26.01 2.43 32.74
N ALA B 349 -26.13 2.47 31.41
CA ALA B 349 -27.36 2.91 30.75
C ALA B 349 -28.23 1.70 30.39
N THR B 350 -28.61 0.95 31.42
CA THR B 350 -29.54 -0.15 31.23
C THR B 350 -30.89 0.39 30.75
N GLY B 351 -31.27 0.01 29.53
CA GLY B 351 -32.46 0.59 28.93
C GLY B 351 -32.59 0.19 27.49
N ASP B 352 -33.23 1.06 26.73
CA ASP B 352 -33.60 0.78 25.34
C ASP B 352 -33.16 1.90 24.40
N VAL B 353 -31.97 1.73 23.82
CA VAL B 353 -31.46 2.67 22.84
C VAL B 353 -32.39 2.70 21.63
N GLU B 354 -32.63 3.90 21.10
CA GLU B 354 -33.56 4.07 20.00
C GLU B 354 -32.94 4.95 18.92
N PHE B 355 -33.11 4.54 17.68
CA PHE B 355 -32.84 5.38 16.52
C PHE B 355 -34.13 6.11 16.14
N ARG B 356 -33.99 7.38 15.74
CA ARG B 356 -35.16 8.19 15.39
C ARG B 356 -34.79 9.07 14.21
N ASN B 357 -35.39 8.79 13.04
CA ASN B 357 -35.19 9.58 11.82
C ASN B 357 -33.73 9.75 11.49
N VAL B 358 -32.87 8.92 12.04
CA VAL B 358 -31.43 9.08 11.87
C VAL B 358 -31.05 8.85 10.43
N THR B 359 -30.10 9.63 9.94
CA THR B 359 -29.69 9.53 8.55
C THR B 359 -28.25 10.01 8.44
N PHE B 360 -27.36 9.10 8.13
CA PHE B 360 -25.93 9.35 8.22
C PHE B 360 -25.28 9.27 6.85
N THR B 361 -24.37 10.19 6.60
CA THR B 361 -23.63 10.27 5.35
C THR B 361 -22.16 10.02 5.60
N TYR B 362 -21.56 9.13 4.85
CA TYR B 362 -20.14 8.86 5.00
C TYR B 362 -19.32 10.07 4.57
N PRO B 363 -18.41 10.56 5.39
CA PRO B 363 -17.50 11.61 4.92
C PRO B 363 -16.67 11.12 3.75
N GLY B 364 -16.40 12.01 2.80
CA GLY B 364 -15.69 11.66 1.60
C GLY B 364 -16.56 11.05 0.52
N ARG B 365 -17.85 10.87 0.76
CA ARG B 365 -18.74 10.30 -0.24
C ARG B 365 -19.95 11.22 -0.40
N ASP B 366 -20.91 10.82 -1.24
CA ASP B 366 -22.13 11.58 -1.43
C ASP B 366 -23.38 10.77 -1.09
N VAL B 367 -23.46 9.53 -1.57
CA VAL B 367 -24.69 8.75 -1.33
C VAL B 367 -24.85 8.49 0.16
N PRO B 368 -25.99 8.82 0.76
CA PRO B 368 -26.22 8.46 2.16
C PRO B 368 -26.19 6.95 2.33
N ALA B 369 -25.64 6.50 3.44
CA ALA B 369 -25.62 5.07 3.75
C ALA B 369 -26.87 4.63 4.49
N LEU B 370 -27.39 5.47 5.38
CA LEU B 370 -28.61 5.17 6.12
C LEU B 370 -29.60 6.29 5.89
N ARG B 371 -30.69 6.00 5.18
CA ARG B 371 -31.78 6.97 5.05
C ARG B 371 -32.68 6.86 6.26
N ASN B 372 -33.88 7.44 6.20
CA ASN B 372 -34.79 7.48 7.34
C ASN B 372 -34.90 6.15 8.07
N ILE B 373 -34.50 6.12 9.34
CA ILE B 373 -34.50 4.92 10.17
C ILE B 373 -35.33 5.14 11.41
N ASN B 374 -36.20 4.19 11.71
CA ASN B 374 -36.98 4.18 12.95
C ASN B 374 -36.71 2.93 13.77
N LEU B 375 -35.44 2.56 13.90
CA LEU B 375 -35.09 1.30 14.55
C LEU B 375 -35.13 1.44 16.06
N LYS B 376 -35.91 0.57 16.71
CA LYS B 376 -36.07 0.58 18.16
C LYS B 376 -35.47 -0.68 18.76
N ILE B 377 -34.75 -0.54 19.86
CA ILE B 377 -34.12 -1.67 20.53
C ILE B 377 -34.67 -1.79 21.94
N PRO B 378 -35.74 -2.56 22.14
CA PRO B 378 -36.27 -2.73 23.49
C PRO B 378 -35.22 -3.23 24.47
N ALA B 379 -35.34 -2.76 25.71
CA ALA B 379 -34.42 -3.16 26.75
C ALA B 379 -34.47 -4.66 26.98
N GLY B 380 -33.30 -5.26 27.18
CA GLY B 380 -33.20 -6.68 27.38
C GLY B 380 -33.29 -7.48 26.09
N LYS B 381 -34.20 -7.06 25.21
CA LYS B 381 -34.46 -7.83 24.00
C LYS B 381 -33.27 -7.74 23.05
N THR B 382 -33.38 -8.46 21.94
CA THR B 382 -32.34 -8.52 20.93
C THR B 382 -32.93 -8.20 19.56
N VAL B 383 -32.30 -7.29 18.83
CA VAL B 383 -32.67 -7.03 17.46
C VAL B 383 -31.54 -7.45 16.55
N ALA B 384 -31.88 -8.02 15.41
CA ALA B 384 -30.90 -8.66 14.54
C ALA B 384 -31.02 -8.08 13.14
N LEU B 385 -29.92 -7.55 12.63
CA LEU B 385 -29.87 -6.99 11.28
C LEU B 385 -29.39 -8.04 10.29
N VAL B 386 -30.13 -8.23 9.22
CA VAL B 386 -29.77 -9.26 8.26
C VAL B 386 -29.79 -8.76 6.83
N GLY B 387 -28.63 -8.34 6.34
CA GLY B 387 -28.60 -7.74 5.02
C GLY B 387 -27.68 -8.42 4.04
N ARG B 388 -28.18 -8.69 2.83
CA ARG B 388 -27.37 -9.31 1.81
C ARG B 388 -26.23 -8.42 1.35
N SER B 389 -26.40 -7.11 1.43
CA SER B 389 -25.44 -6.21 0.80
C SER B 389 -24.05 -6.36 1.40
N GLY B 390 -23.96 -6.53 2.71
CA GLY B 390 -22.74 -6.17 3.41
C GLY B 390 -22.54 -4.67 3.48
N SER B 391 -23.51 -3.89 3.02
CA SER B 391 -23.45 -2.45 2.97
C SER B 391 -24.62 -1.90 3.75
N GLY B 392 -24.35 -0.99 4.68
CA GLY B 392 -25.38 -0.41 5.49
C GLY B 392 -25.66 -1.11 6.80
N LYS B 393 -25.00 -2.22 7.08
CA LYS B 393 -25.15 -2.85 8.38
C LYS B 393 -24.07 -2.41 9.34
N SER B 394 -22.81 -2.70 9.02
CA SER B 394 -21.71 -2.46 9.95
C SER B 394 -21.47 -0.98 10.15
N THR B 395 -22.33 -0.14 9.59
CA THR B 395 -22.30 1.29 9.88
C THR B 395 -23.46 1.72 10.75
N ILE B 396 -24.16 0.78 11.38
CA ILE B 396 -24.95 1.10 12.56
C ILE B 396 -24.14 0.83 13.81
N ALA B 397 -23.38 -0.23 13.83
CA ALA B 397 -22.43 -0.50 14.89
C ALA B 397 -21.34 0.48 14.92
N SER B 398 -21.36 1.47 14.04
CA SER B 398 -20.48 2.62 14.14
C SER B 398 -21.27 3.90 14.32
N LEU B 399 -22.48 3.81 14.86
CA LEU B 399 -23.23 4.98 15.27
C LEU B 399 -23.74 4.91 16.68
N ILE B 400 -23.99 3.71 17.20
CA ILE B 400 -24.45 3.57 18.58
C ILE B 400 -23.33 3.70 19.57
N THR B 401 -22.12 3.98 19.09
CA THR B 401 -20.97 4.20 19.96
C THR B 401 -20.17 5.44 19.56
N ARG B 402 -20.70 6.25 18.66
CA ARG B 402 -20.14 7.56 18.33
C ARG B 402 -18.74 7.47 17.75
N PHE B 403 -18.45 6.39 17.02
CA PHE B 403 -17.27 6.41 16.17
C PHE B 403 -17.34 7.59 15.21
N TYR B 404 -18.47 7.74 14.55
CA TYR B 404 -18.79 8.91 13.75
C TYR B 404 -19.84 9.72 14.49
N ASP B 405 -20.33 10.77 13.83
CA ASP B 405 -21.42 11.56 14.36
C ASP B 405 -22.46 11.78 13.26
N ILE B 406 -23.73 11.62 13.63
CA ILE B 406 -24.78 11.64 12.64
C ILE B 406 -24.94 13.04 12.06
N ASP B 407 -25.70 13.12 10.97
CA ASP B 407 -26.06 14.40 10.35
C ASP B 407 -27.46 14.87 10.72
N GLU B 408 -28.47 14.07 10.41
CA GLU B 408 -29.87 14.47 10.57
C GLU B 408 -30.58 13.38 11.37
N GLY B 409 -30.82 13.62 12.64
CA GLY B 409 -31.53 12.66 13.45
C GLY B 409 -31.21 12.85 14.93
N GLU B 410 -31.57 11.83 15.70
CA GLU B 410 -31.40 11.86 17.15
C GLU B 410 -31.39 10.43 17.65
N ILE B 411 -30.43 10.09 18.49
CA ILE B 411 -30.26 8.72 18.97
C ILE B 411 -30.48 8.75 20.48
N LEU B 412 -31.71 8.51 20.90
CA LEU B 412 -32.01 8.52 22.31
C LEU B 412 -31.35 7.33 23.00
N MET B 413 -30.82 7.57 24.20
CA MET B 413 -30.34 6.52 25.08
C MET B 413 -30.82 6.85 26.48
N ASP B 414 -31.88 6.15 26.91
CA ASP B 414 -32.52 6.40 28.21
C ASP B 414 -32.99 7.85 28.33
N GLY B 415 -33.58 8.36 27.25
CA GLY B 415 -34.11 9.71 27.25
C GLY B 415 -33.10 10.80 27.05
N HIS B 416 -31.87 10.48 26.67
CA HIS B 416 -30.83 11.46 26.44
C HIS B 416 -30.26 11.22 25.05
N ASP B 417 -29.51 12.19 24.54
CA ASP B 417 -28.92 12.07 23.22
C ASP B 417 -27.43 11.81 23.32
N LEU B 418 -26.92 10.98 22.41
CA LEU B 418 -25.52 10.58 22.44
C LEU B 418 -24.59 11.76 22.27
N ARG B 419 -25.04 12.81 21.60
CA ARG B 419 -24.20 13.98 21.47
C ARG B 419 -24.18 14.82 22.73
N GLU B 420 -24.93 14.42 23.76
CA GLU B 420 -24.90 15.11 25.04
C GLU B 420 -24.14 14.34 26.11
N TYR B 421 -24.11 13.01 26.02
CA TYR B 421 -23.28 12.21 26.90
C TYR B 421 -21.79 12.52 26.70
N THR B 422 -20.98 12.08 27.65
CA THR B 422 -19.55 12.25 27.54
C THR B 422 -18.91 10.97 27.01
N LEU B 423 -18.00 11.11 26.06
CA LEU B 423 -17.45 9.95 25.37
C LEU B 423 -16.83 8.97 26.35
N ALA B 424 -16.14 9.48 27.37
CA ALA B 424 -15.51 8.58 28.33
C ALA B 424 -16.54 7.71 29.01
N SER B 425 -17.77 8.18 29.14
CA SER B 425 -18.81 7.43 29.81
C SER B 425 -19.62 6.57 28.86
N LEU B 426 -20.04 7.14 27.72
CA LEU B 426 -20.92 6.42 26.82
C LEU B 426 -20.29 5.12 26.34
N ARG B 427 -19.04 5.18 25.91
CA ARG B 427 -18.41 3.99 25.38
C ARG B 427 -18.28 2.88 26.41
N ASN B 428 -18.45 3.20 27.69
CA ASN B 428 -18.27 2.19 28.72
C ASN B 428 -19.33 1.09 28.67
N GLN B 429 -20.40 1.27 27.91
CA GLN B 429 -21.46 0.28 27.85
C GLN B 429 -21.40 -0.60 26.61
N VAL B 430 -20.65 -0.22 25.59
CA VAL B 430 -20.67 -0.91 24.31
C VAL B 430 -19.57 -1.97 24.32
N ALA B 431 -19.89 -3.15 23.85
CA ALA B 431 -18.91 -4.23 23.79
C ALA B 431 -18.82 -4.77 22.37
N LEU B 432 -17.87 -4.27 21.59
CA LEU B 432 -17.68 -4.72 20.21
C LEU B 432 -17.07 -6.13 20.21
N VAL B 433 -17.93 -7.10 20.44
CA VAL B 433 -17.54 -8.51 20.55
C VAL B 433 -17.64 -9.19 19.20
N SER B 434 -16.57 -9.19 18.43
CA SER B 434 -16.67 -9.66 17.05
C SER B 434 -15.49 -10.58 16.78
N GLN B 435 -15.35 -11.08 15.58
CA GLN B 435 -14.06 -11.58 15.12
C GLN B 435 -13.15 -10.39 14.92
N ASN B 436 -11.91 -10.68 14.60
CA ASN B 436 -10.90 -9.70 14.19
C ASN B 436 -10.61 -8.69 15.29
N VAL B 437 -11.12 -8.87 16.50
CA VAL B 437 -10.86 -7.91 17.58
C VAL B 437 -9.36 -7.81 17.76
N HIS B 438 -8.84 -6.59 17.80
CA HIS B 438 -7.41 -6.43 17.91
C HIS B 438 -6.94 -6.96 19.25
N LEU B 439 -5.83 -7.73 19.23
CA LEU B 439 -5.31 -8.32 20.48
C LEU B 439 -4.02 -7.62 20.90
N PHE B 440 -4.06 -6.87 22.01
CA PHE B 440 -2.85 -6.27 22.53
C PHE B 440 -1.79 -7.34 22.70
N ASN B 441 -0.52 -6.96 22.47
CA ASN B 441 0.59 -7.92 22.59
C ASN B 441 1.06 -7.97 24.04
N ASP B 442 0.26 -8.59 24.90
CA ASP B 442 0.52 -8.61 26.32
C ASP B 442 0.19 -9.97 26.91
N THR B 443 0.06 -10.02 28.22
CA THR B 443 -0.38 -11.22 28.91
C THR B 443 -1.86 -11.42 28.63
N VAL B 444 -2.28 -12.69 28.60
CA VAL B 444 -3.67 -13.01 28.32
C VAL B 444 -4.60 -12.38 29.35
N ALA B 445 -4.27 -12.54 30.64
CA ALA B 445 -5.09 -11.97 31.69
C ALA B 445 -5.25 -10.48 31.47
N ASN B 446 -4.22 -9.82 30.96
CA ASN B 446 -4.33 -8.40 30.66
C ASN B 446 -5.40 -8.15 29.61
N ASN B 447 -5.44 -8.96 28.56
CA ASN B 447 -6.47 -8.79 27.55
C ASN B 447 -7.85 -8.93 28.17
N ILE B 448 -8.08 -10.02 28.89
CA ILE B 448 -9.43 -10.28 29.41
C ILE B 448 -9.70 -9.38 30.61
N ALA B 449 -8.75 -8.49 30.94
CA ALA B 449 -9.06 -7.48 31.93
C ALA B 449 -8.51 -6.11 31.56
N TYR B 450 -8.57 -5.76 30.28
CA TYR B 450 -7.82 -4.61 29.78
C TYR B 450 -8.19 -3.30 30.46
N ALA B 451 -7.15 -2.54 30.79
CA ALA B 451 -7.16 -1.20 31.34
C ALA B 451 -7.63 -1.13 32.79
N ARG B 452 -8.12 -2.22 33.37
CA ARG B 452 -8.57 -2.22 34.76
C ARG B 452 -8.08 -3.42 35.54
N THR B 453 -6.89 -3.92 35.22
CA THR B 453 -6.25 -4.84 36.15
C THR B 453 -6.07 -4.19 37.51
N GLU B 454 -5.99 -2.86 37.54
CA GLU B 454 -6.01 -2.12 38.79
C GLU B 454 -7.27 -2.42 39.59
N GLN B 455 -8.44 -2.26 38.96
CA GLN B 455 -9.70 -2.38 39.67
C GLN B 455 -10.19 -3.81 39.79
N TYR B 456 -9.80 -4.70 38.90
CA TYR B 456 -10.32 -6.05 38.88
C TYR B 456 -9.26 -7.02 39.40
N SER B 457 -9.67 -7.87 40.33
CA SER B 457 -8.80 -8.89 40.91
C SER B 457 -8.81 -10.16 40.06
N ARG B 458 -7.72 -10.91 40.14
CA ARG B 458 -7.54 -12.06 39.25
C ARG B 458 -8.62 -13.11 39.43
N GLU B 459 -9.35 -13.08 40.54
CA GLU B 459 -10.47 -14.00 40.70
C GLU B 459 -11.54 -13.81 39.63
N GLN B 460 -11.89 -12.57 39.29
CA GLN B 460 -12.87 -12.35 38.24
C GLN B 460 -12.36 -12.84 36.90
N ILE B 461 -11.09 -12.61 36.59
CA ILE B 461 -10.52 -13.09 35.33
C ILE B 461 -10.61 -14.60 35.26
N GLU B 462 -10.21 -15.28 36.33
CA GLU B 462 -10.19 -16.74 36.28
C GLU B 462 -11.60 -17.31 36.26
N GLU B 463 -12.58 -16.60 36.84
CA GLU B 463 -13.96 -17.07 36.77
C GLU B 463 -14.53 -16.87 35.36
N ALA B 464 -14.31 -15.69 34.78
CA ALA B 464 -14.87 -15.40 33.47
C ALA B 464 -14.25 -16.27 32.39
N ALA B 465 -12.94 -16.49 32.47
CA ALA B 465 -12.28 -17.33 31.47
C ALA B 465 -12.95 -18.69 31.38
N ARG B 466 -13.36 -19.25 32.52
CA ARG B 466 -14.22 -20.43 32.48
C ARG B 466 -15.60 -20.10 31.93
N MET B 467 -16.20 -18.99 32.41
CA MET B 467 -17.56 -18.63 31.99
C MET B 467 -17.65 -18.57 30.48
N ALA B 468 -16.62 -18.04 29.83
CA ALA B 468 -16.58 -17.99 28.38
C ALA B 468 -16.24 -19.33 27.78
N TYR B 469 -16.10 -20.36 28.61
CA TYR B 469 -15.59 -21.65 28.15
C TYR B 469 -14.25 -21.46 27.44
N ALA B 470 -13.44 -20.54 27.96
CA ALA B 470 -12.23 -20.14 27.26
C ALA B 470 -10.96 -20.80 27.81
N MET B 471 -11.07 -21.73 28.76
CA MET B 471 -9.88 -22.29 29.37
C MET B 471 -9.09 -23.16 28.40
N ASP B 472 -9.76 -23.77 27.41
CA ASP B 472 -9.06 -24.62 26.47
C ASP B 472 -8.03 -23.87 25.63
N PHE B 473 -8.09 -22.54 25.70
CA PHE B 473 -7.09 -21.71 25.02
C PHE B 473 -6.21 -21.08 26.10
N ILE B 474 -6.26 -21.63 27.32
CA ILE B 474 -5.43 -21.11 28.40
C ILE B 474 -4.50 -22.20 28.91
N ASN B 475 -5.08 -23.27 29.46
CA ASN B 475 -4.28 -24.31 30.08
C ASN B 475 -3.36 -25.00 29.08
N LYS B 476 -3.83 -25.24 27.86
CA LYS B 476 -3.01 -25.91 26.87
C LYS B 476 -1.81 -25.06 26.45
N MET B 477 -1.85 -23.78 26.78
CA MET B 477 -0.73 -22.88 26.41
C MET B 477 0.42 -23.10 27.40
N ASP B 478 1.55 -22.43 27.17
CA ASP B 478 2.72 -22.64 28.01
C ASP B 478 2.48 -22.18 29.44
N ASN B 479 2.22 -20.89 29.63
CA ASN B 479 1.99 -20.35 30.96
C ASN B 479 0.54 -19.95 31.22
N GLY B 480 -0.25 -19.75 30.17
CA GLY B 480 -1.62 -19.33 30.36
C GLY B 480 -1.70 -17.88 30.79
N LEU B 481 -2.01 -17.66 32.06
CA LEU B 481 -2.30 -16.32 32.58
C LEU B 481 -1.10 -15.40 32.47
N ASP B 482 -0.03 -15.89 31.88
CA ASP B 482 1.13 -15.07 31.58
C ASP B 482 1.65 -15.27 30.17
N THR B 483 0.98 -16.08 29.36
CA THR B 483 1.47 -16.37 28.01
C THR B 483 1.35 -15.14 27.11
N VAL B 484 2.45 -14.77 26.46
CA VAL B 484 2.40 -13.67 25.51
C VAL B 484 1.59 -14.12 24.30
N ILE B 485 0.59 -13.32 23.90
CA ILE B 485 -0.32 -13.85 22.83
C ILE B 485 -0.54 -12.85 21.68
N GLY B 486 -0.13 -11.58 21.83
CA GLY B 486 -0.30 -10.69 20.70
C GLY B 486 0.74 -10.91 19.62
N GLU B 487 0.75 -10.00 18.65
CA GLU B 487 1.82 -10.01 17.67
C GLU B 487 3.16 -9.81 18.37
N ASN B 488 4.18 -10.49 17.84
CA ASN B 488 5.48 -10.67 18.50
C ASN B 488 5.33 -11.56 19.74
N GLY B 489 4.13 -12.10 19.94
CA GLY B 489 3.91 -13.17 20.89
C GLY B 489 3.68 -14.48 20.17
N VAL B 490 2.82 -15.31 20.79
CA VAL B 490 2.55 -16.66 20.23
C VAL B 490 1.46 -16.54 19.18
N LEU B 491 0.56 -15.56 19.30
CA LEU B 491 -0.54 -15.29 18.32
C LEU B 491 -1.48 -16.50 18.16
N LEU B 492 -2.68 -16.45 18.74
CA LEU B 492 -3.54 -17.67 18.64
C LEU B 492 -4.48 -17.58 17.43
N SER B 493 -5.46 -18.49 17.32
CA SER B 493 -6.36 -18.54 16.14
C SER B 493 -7.32 -17.34 16.10
N GLY B 494 -7.82 -17.00 14.91
CA GLY B 494 -8.80 -15.91 14.79
C GLY B 494 -10.07 -16.23 15.57
N GLY B 495 -10.51 -17.49 15.55
CA GLY B 495 -11.67 -17.89 16.36
C GLY B 495 -11.38 -17.70 17.83
N GLN B 496 -10.14 -18.02 18.25
CA GLN B 496 -9.74 -17.79 19.66
C GLN B 496 -9.77 -16.29 19.98
N ARG B 497 -9.37 -15.45 19.02
CA ARG B 497 -9.37 -13.98 19.24
C ARG B 497 -10.82 -13.57 19.52
N GLN B 498 -11.78 -14.14 18.78
CA GLN B 498 -13.21 -13.85 19.06
C GLN B 498 -13.53 -14.37 20.47
N ARG B 499 -13.02 -15.54 20.84
CA ARG B 499 -13.32 -16.13 22.18
C ARG B 499 -12.82 -15.18 23.27
N ILE B 500 -11.64 -14.57 23.07
CA ILE B 500 -11.13 -13.57 24.04
C ILE B 500 -12.12 -12.39 24.07
N ALA B 501 -12.65 -12.01 22.90
CA ALA B 501 -13.67 -10.95 22.86
C ALA B 501 -14.90 -11.35 23.70
N ILE B 502 -15.33 -12.62 23.67
CA ILE B 502 -16.46 -12.94 24.53
C ILE B 502 -16.04 -12.94 25.98
N ALA B 503 -14.85 -13.47 26.25
CA ALA B 503 -14.38 -13.40 27.63
C ALA B 503 -14.40 -11.96 28.15
N ARG B 504 -13.85 -11.05 27.36
CA ARG B 504 -13.72 -9.66 27.80
C ARG B 504 -15.08 -9.01 27.98
N ALA B 505 -16.03 -9.36 27.12
CA ALA B 505 -17.39 -8.88 27.34
C ALA B 505 -17.93 -9.40 28.66
N LEU B 506 -17.71 -10.68 28.96
CA LEU B 506 -18.26 -11.24 30.19
C LEU B 506 -17.73 -10.52 31.41
N LEU B 507 -16.43 -10.25 31.44
CA LEU B 507 -15.85 -9.62 32.62
C LEU B 507 -16.50 -8.27 32.91
N ARG B 508 -16.55 -7.41 31.88
CA ARG B 508 -17.06 -6.02 32.06
C ARG B 508 -18.58 -6.00 32.28
N ASP B 509 -19.31 -7.00 31.76
CA ASP B 509 -20.76 -7.06 31.89
C ASP B 509 -21.41 -5.77 31.39
N SER B 510 -20.95 -5.31 30.23
CA SER B 510 -21.47 -4.07 29.71
C SER B 510 -22.91 -4.26 29.23
N PRO B 511 -23.75 -3.22 29.32
CA PRO B 511 -25.18 -3.43 29.07
C PRO B 511 -25.57 -3.56 27.60
N ILE B 512 -24.77 -3.04 26.68
CA ILE B 512 -25.14 -3.02 25.27
C ILE B 512 -24.10 -3.77 24.47
N LEU B 513 -24.53 -4.70 23.63
CA LEU B 513 -23.63 -5.63 22.95
C LEU B 513 -23.89 -5.62 21.46
N ILE B 514 -22.82 -5.80 20.68
CA ILE B 514 -22.86 -5.66 19.22
C ILE B 514 -22.02 -6.78 18.61
N LEU B 515 -22.67 -7.85 18.17
CA LEU B 515 -21.93 -8.94 17.56
C LEU B 515 -21.72 -8.68 16.07
N ASP B 516 -20.81 -9.45 15.48
CA ASP B 516 -20.57 -9.39 14.04
C ASP B 516 -20.71 -10.73 13.35
N GLU B 517 -20.22 -11.81 13.96
CA GLU B 517 -20.36 -13.16 13.41
C GLU B 517 -19.74 -13.26 12.01
N ALA B 518 -18.49 -12.81 11.90
CA ALA B 518 -17.84 -12.63 10.61
C ALA B 518 -17.61 -13.91 9.81
N THR B 519 -16.76 -14.81 10.31
CA THR B 519 -16.23 -15.87 9.45
C THR B 519 -17.20 -17.03 9.31
N SER B 520 -17.61 -17.63 10.44
CA SER B 520 -18.54 -18.77 10.51
C SER B 520 -17.99 -20.03 9.87
N ALA B 521 -16.67 -20.19 9.79
CA ALA B 521 -16.08 -21.31 9.07
C ALA B 521 -15.64 -22.46 9.98
N LEU B 522 -15.26 -22.19 11.22
CA LEU B 522 -14.75 -23.22 12.12
C LEU B 522 -15.89 -23.97 12.79
N ASP B 523 -16.54 -24.83 12.00
CA ASP B 523 -17.63 -25.65 12.54
C ASP B 523 -17.10 -26.94 13.16
N THR B 524 -15.78 -27.13 13.15
CA THR B 524 -15.18 -28.33 13.69
C THR B 524 -15.20 -28.32 15.21
N GLU B 525 -16.41 -28.33 15.79
CA GLU B 525 -16.65 -28.29 17.23
C GLU B 525 -16.22 -26.93 17.81
N SER B 526 -15.67 -26.06 16.97
CA SER B 526 -15.36 -24.71 17.40
C SER B 526 -16.61 -23.84 17.36
N GLU B 527 -17.42 -23.98 16.31
CA GLU B 527 -18.68 -23.25 16.23
C GLU B 527 -19.59 -23.61 17.40
N ARG B 528 -19.58 -24.89 17.79
CA ARG B 528 -20.39 -25.30 18.94
C ARG B 528 -19.95 -24.55 20.18
N ALA B 529 -18.64 -24.40 20.38
CA ALA B 529 -18.13 -23.66 21.52
C ALA B 529 -18.53 -22.19 21.44
N ILE B 530 -18.44 -21.60 20.25
CA ILE B 530 -18.85 -20.21 20.09
C ILE B 530 -20.29 -20.02 20.50
N GLN B 531 -21.19 -20.84 19.95
CA GLN B 531 -22.61 -20.68 20.25
C GLN B 531 -22.87 -20.96 21.72
N ALA B 532 -22.17 -21.94 22.30
CA ALA B 532 -22.34 -22.23 23.72
C ALA B 532 -21.98 -21.04 24.57
N ALA B 533 -20.85 -20.40 24.27
CA ALA B 533 -20.44 -19.24 25.06
C ALA B 533 -21.41 -18.08 24.88
N LEU B 534 -21.76 -17.79 23.63
CA LEU B 534 -22.62 -16.64 23.37
C LEU B 534 -24.01 -16.83 23.97
N ASP B 535 -24.46 -18.08 24.07
CA ASP B 535 -25.84 -18.35 24.46
C ASP B 535 -26.21 -17.69 25.78
N GLU B 536 -25.25 -17.51 26.69
CA GLU B 536 -25.52 -16.78 27.91
C GLU B 536 -25.08 -15.33 27.82
N LEU B 537 -24.22 -14.99 26.86
CA LEU B 537 -23.77 -13.62 26.73
C LEU B 537 -24.92 -12.70 26.34
N GLN B 538 -25.88 -13.19 25.56
CA GLN B 538 -27.06 -12.42 25.20
C GLN B 538 -28.30 -12.89 25.95
N LYS B 539 -28.10 -13.58 27.07
CA LYS B 539 -29.21 -13.89 27.96
C LYS B 539 -29.75 -12.64 28.64
N ASN B 540 -28.96 -11.59 28.68
CA ASN B 540 -29.35 -10.29 29.20
C ASN B 540 -28.71 -9.27 28.25
N ARG B 541 -28.55 -8.03 28.72
CA ARG B 541 -27.75 -7.07 27.96
C ARG B 541 -28.34 -6.77 26.59
N THR B 542 -29.41 -5.98 26.53
CA THR B 542 -29.99 -5.57 25.26
C THR B 542 -28.92 -5.34 24.20
N SER B 543 -29.05 -6.03 23.08
CA SER B 543 -27.92 -6.28 22.19
C SER B 543 -28.35 -6.17 20.74
N LEU B 544 -27.73 -5.23 20.02
CA LEU B 544 -27.83 -5.11 18.57
C LEU B 544 -26.87 -6.11 17.96
N VAL B 545 -27.39 -7.11 17.25
CA VAL B 545 -26.54 -8.16 16.70
C VAL B 545 -26.63 -8.17 15.18
N ILE B 546 -25.59 -7.64 14.53
CA ILE B 546 -25.42 -7.88 13.10
C ILE B 546 -25.37 -9.38 12.91
N ALA B 547 -25.97 -9.87 11.83
CA ALA B 547 -26.22 -11.30 11.77
C ALA B 547 -26.02 -11.87 10.38
N HIS B 548 -25.57 -13.13 10.34
CA HIS B 548 -25.68 -13.96 9.16
C HIS B 548 -25.88 -15.44 9.49
N ARG B 549 -26.02 -15.80 10.77
CA ARG B 549 -26.10 -17.19 11.19
C ARG B 549 -27.54 -17.53 11.52
N LEU B 550 -28.01 -18.67 11.00
CA LEU B 550 -29.42 -19.02 11.14
C LEU B 550 -29.83 -19.17 12.60
N SER B 551 -28.93 -19.73 13.42
CA SER B 551 -29.27 -19.99 14.82
C SER B 551 -29.58 -18.70 15.58
N THR B 552 -28.66 -17.73 15.53
CA THR B 552 -28.85 -16.50 16.29
C THR B 552 -30.00 -15.67 15.75
N ILE B 553 -30.18 -15.64 14.43
CA ILE B 553 -31.33 -14.94 13.87
C ILE B 553 -32.62 -15.58 14.36
N GLU B 554 -32.66 -16.91 14.39
CA GLU B 554 -33.88 -17.61 14.79
C GLU B 554 -34.31 -17.22 16.20
N LYS B 555 -33.36 -17.14 17.12
CA LYS B 555 -33.68 -16.82 18.50
C LYS B 555 -33.98 -15.34 18.71
N ALA B 556 -34.04 -14.56 17.63
CA ALA B 556 -34.12 -13.11 17.77
C ALA B 556 -35.45 -12.69 18.38
N ASP B 557 -35.52 -11.42 18.75
CA ASP B 557 -36.71 -10.83 19.35
C ASP B 557 -37.40 -9.85 18.42
N GLU B 558 -36.64 -9.13 17.60
CA GLU B 558 -37.19 -8.27 16.55
C GLU B 558 -36.16 -8.26 15.45
N ILE B 559 -36.52 -8.69 14.25
CA ILE B 559 -35.56 -8.73 13.16
C ILE B 559 -35.82 -7.56 12.22
N VAL B 560 -34.74 -6.90 11.82
CA VAL B 560 -34.79 -5.69 11.00
C VAL B 560 -33.83 -5.89 9.86
N VAL B 561 -34.34 -5.95 8.64
CA VAL B 561 -33.54 -6.20 7.45
C VAL B 561 -33.29 -4.88 6.75
N VAL B 562 -32.06 -4.63 6.38
CA VAL B 562 -31.76 -3.42 5.64
C VAL B 562 -31.46 -3.78 4.20
N GLU B 563 -31.83 -2.90 3.28
CA GLU B 563 -31.52 -3.09 1.85
C GLU B 563 -30.90 -1.81 1.31
N ASP B 564 -29.58 -1.74 1.45
CA ASP B 564 -28.71 -0.85 0.71
C ASP B 564 -28.82 0.59 1.17
N GLY B 565 -29.93 0.96 1.81
CA GLY B 565 -29.90 2.24 2.45
C GLY B 565 -30.83 2.44 3.62
N VAL B 566 -31.68 1.48 3.92
CA VAL B 566 -32.88 1.82 4.68
C VAL B 566 -33.53 0.57 5.21
N ILE B 567 -34.13 0.70 6.39
CA ILE B 567 -34.95 -0.37 6.94
C ILE B 567 -35.99 -0.75 5.90
N VAL B 568 -36.20 -2.04 5.72
CA VAL B 568 -37.13 -2.50 4.70
C VAL B 568 -38.34 -3.17 5.35
N GLU B 569 -38.12 -4.28 6.04
CA GLU B 569 -39.22 -4.93 6.72
C GLU B 569 -38.73 -5.48 8.04
N ARG B 570 -39.53 -5.32 9.08
CA ARG B 570 -39.13 -5.70 10.42
C ARG B 570 -40.14 -6.67 11.00
N GLY B 571 -39.65 -7.66 11.73
CA GLY B 571 -40.52 -8.68 12.28
C GLY B 571 -39.73 -9.71 13.05
N THR B 572 -40.41 -10.79 13.42
CA THR B 572 -39.80 -11.90 14.13
C THR B 572 -39.77 -13.13 13.22
N HIS B 573 -38.66 -13.86 13.27
CA HIS B 573 -38.44 -14.94 12.31
C HIS B 573 -39.59 -15.92 12.26
N ASN B 574 -40.22 -16.18 13.40
CA ASN B 574 -41.35 -17.11 13.40
C ASN B 574 -42.58 -16.49 12.76
N ASP B 575 -42.76 -15.18 12.89
CA ASP B 575 -43.91 -14.50 12.33
C ASP B 575 -43.54 -13.64 11.12
N LEU B 576 -42.53 -14.04 10.36
CA LEU B 576 -42.14 -13.32 9.15
C LEU B 576 -42.18 -14.19 7.92
N LEU B 577 -41.78 -15.47 8.03
CA LEU B 577 -41.74 -16.34 6.86
C LEU B 577 -43.09 -16.42 6.18
N GLU B 578 -44.17 -16.32 6.95
CA GLU B 578 -45.50 -16.25 6.34
C GLU B 578 -45.63 -15.01 5.46
N HIS B 579 -44.92 -13.94 5.80
CA HIS B 579 -44.92 -12.71 5.01
C HIS B 579 -43.67 -12.75 4.13
N ARG B 580 -43.86 -13.16 2.88
CA ARG B 580 -42.73 -13.53 2.02
C ARG B 580 -41.66 -12.45 1.96
N GLY B 581 -42.06 -11.21 1.70
CA GLY B 581 -41.21 -10.04 1.87
C GLY B 581 -39.82 -10.23 1.30
N VAL B 582 -38.84 -9.67 1.99
CA VAL B 582 -37.46 -9.73 1.58
C VAL B 582 -36.66 -10.73 2.40
N TYR B 583 -36.94 -10.80 3.70
CA TYR B 583 -36.14 -11.66 4.57
C TYR B 583 -36.28 -13.12 4.17
N ALA B 584 -37.50 -13.57 3.88
CA ALA B 584 -37.66 -14.93 3.38
C ALA B 584 -36.99 -15.10 2.03
N GLN B 585 -37.13 -14.10 1.15
CA GLN B 585 -36.47 -14.17 -0.15
C GLN B 585 -34.96 -14.28 -0.04
N LEU B 586 -34.38 -13.82 1.07
CA LEU B 586 -32.98 -14.06 1.34
C LEU B 586 -32.75 -15.36 2.09
N HIS B 587 -33.70 -15.75 2.94
CA HIS B 587 -33.61 -17.03 3.62
C HIS B 587 -33.52 -18.16 2.62
N LYS B 588 -34.17 -18.02 1.47
CA LYS B 588 -34.10 -19.06 0.46
C LYS B 588 -32.68 -19.28 -0.02
N MET B 589 -32.00 -18.21 -0.44
CA MET B 589 -30.65 -18.40 -0.97
C MET B 589 -29.67 -18.76 0.12
N GLN B 590 -29.83 -18.22 1.33
CA GLN B 590 -28.95 -18.55 2.42
C GLN B 590 -29.43 -19.74 3.23
N PHE B 591 -30.25 -20.60 2.64
CA PHE B 591 -30.79 -21.76 3.33
C PHE B 591 -29.68 -22.77 3.64
N GLN C 4 -42.69 9.98 11.43
CA GLN C 4 -43.48 8.78 11.18
C GLN C 4 -44.11 8.81 9.79
N MET C 5 -44.30 7.64 9.20
CA MET C 5 -44.98 7.56 7.91
C MET C 5 -46.49 7.61 8.13
N GLN C 6 -47.22 7.86 7.04
CA GLN C 6 -48.68 7.78 7.08
C GLN C 6 -49.16 6.96 5.91
N LEU C 7 -50.31 6.32 6.09
CA LEU C 7 -50.90 5.48 5.06
C LEU C 7 -52.42 5.62 5.11
N VAL C 8 -53.02 5.66 3.92
CA VAL C 8 -54.46 5.82 3.76
C VAL C 8 -54.97 4.75 2.81
N GLU C 9 -56.03 4.05 3.21
CA GLU C 9 -56.59 2.95 2.43
C GLU C 9 -57.89 3.38 1.78
N SER C 10 -58.02 3.10 0.49
CA SER C 10 -59.27 3.30 -0.25
C SER C 10 -59.74 1.95 -0.76
N GLY C 11 -60.99 1.60 -0.42
CA GLY C 11 -61.54 0.32 -0.82
C GLY C 11 -63.04 0.37 -0.96
N GLY C 12 -63.59 -0.68 -1.57
CA GLY C 12 -65.01 -0.80 -1.78
C GLY C 12 -65.73 -1.42 -0.60
N GLY C 13 -67.02 -1.68 -0.80
CA GLY C 13 -67.84 -2.24 0.25
C GLY C 13 -68.38 -3.62 -0.07
N LEU C 14 -69.69 -3.71 -0.31
CA LEU C 14 -70.36 -4.98 -0.56
C LEU C 14 -70.66 -5.10 -2.05
N VAL C 15 -70.20 -6.20 -2.65
CA VAL C 15 -70.47 -6.51 -4.05
C VAL C 15 -70.81 -7.99 -4.16
N GLN C 16 -71.45 -8.34 -5.27
CA GLN C 16 -71.86 -9.73 -5.50
C GLN C 16 -70.64 -10.63 -5.66
N ALA C 17 -70.81 -11.88 -5.27
CA ALA C 17 -69.73 -12.86 -5.39
C ALA C 17 -69.43 -13.16 -6.84
N GLY C 18 -68.17 -13.52 -7.11
CA GLY C 18 -67.74 -13.86 -8.45
C GLY C 18 -67.31 -12.68 -9.30
N GLY C 19 -67.29 -11.47 -8.74
CA GLY C 19 -66.94 -10.28 -9.49
C GLY C 19 -65.45 -9.98 -9.43
N SER C 20 -65.14 -8.70 -9.61
CA SER C 20 -63.76 -8.23 -9.59
C SER C 20 -63.72 -6.78 -9.15
N LEU C 21 -62.66 -6.41 -8.43
CA LEU C 21 -62.51 -5.06 -7.92
C LEU C 21 -61.03 -4.72 -7.85
N ARG C 22 -60.74 -3.45 -7.55
CA ARG C 22 -59.38 -3.00 -7.32
C ARG C 22 -59.34 -2.15 -6.07
N LEU C 23 -58.29 -2.33 -5.27
CA LEU C 23 -58.11 -1.61 -4.02
C LEU C 23 -56.79 -0.84 -4.07
N SER C 24 -56.75 0.30 -3.39
CA SER C 24 -55.58 1.17 -3.39
C SER C 24 -55.29 1.66 -1.98
N CYS C 25 -54.01 1.70 -1.62
CA CYS C 25 -53.56 2.25 -0.35
C CYS C 25 -52.51 3.32 -0.64
N ALA C 26 -52.74 4.53 -0.14
CA ALA C 26 -51.83 5.64 -0.33
C ALA C 26 -50.89 5.74 0.86
N VAL C 27 -49.59 5.70 0.59
CA VAL C 27 -48.55 5.74 1.62
C VAL C 27 -47.64 6.93 1.33
N SER C 28 -47.39 7.75 2.35
CA SER C 28 -46.59 8.94 2.18
C SER C 28 -45.83 9.23 3.47
N GLY C 29 -44.78 10.05 3.34
CA GLY C 29 -43.98 10.45 4.46
C GLY C 29 -42.69 9.68 4.67
N SER C 30 -42.26 8.88 3.70
CA SER C 30 -41.12 8.00 3.90
C SER C 30 -40.57 7.58 2.55
N ILE C 31 -39.58 6.68 2.59
CA ILE C 31 -38.94 6.20 1.39
C ILE C 31 -39.82 5.11 0.80
N PHE C 32 -40.75 5.49 -0.07
CA PHE C 32 -41.70 4.54 -0.63
C PHE C 32 -41.04 3.60 -1.63
N SER C 33 -39.95 4.00 -2.25
CA SER C 33 -39.48 3.28 -3.43
C SER C 33 -38.93 1.90 -3.09
N ILE C 34 -38.40 1.72 -1.89
CA ILE C 34 -37.67 0.50 -1.55
C ILE C 34 -38.42 -0.35 -0.53
N ILE C 35 -39.14 0.28 0.41
CA ILE C 35 -39.72 -0.49 1.50
C ILE C 35 -40.67 -1.56 0.98
N THR C 36 -40.82 -2.61 1.77
CA THR C 36 -41.76 -3.67 1.44
C THR C 36 -43.19 -3.21 1.73
N LEU C 37 -44.10 -3.57 0.84
CA LEU C 37 -45.52 -3.27 1.00
C LEU C 37 -46.29 -4.56 0.87
N ALA C 38 -47.39 -4.66 1.61
CA ALA C 38 -48.15 -5.90 1.63
C ALA C 38 -49.58 -5.62 2.06
N TRP C 39 -50.44 -6.61 1.84
CA TRP C 39 -51.84 -6.54 2.24
C TRP C 39 -52.17 -7.75 3.11
N TYR C 40 -52.90 -7.51 4.19
CA TYR C 40 -53.29 -8.55 5.12
C TYR C 40 -54.79 -8.53 5.32
N ARG C 41 -55.37 -9.71 5.52
CA ARG C 41 -56.80 -9.84 5.77
C ARG C 41 -57.02 -10.53 7.10
N GLN C 42 -58.11 -10.19 7.77
CA GLN C 42 -58.45 -10.76 9.06
C GLN C 42 -59.93 -11.05 9.11
N ALA C 43 -60.28 -12.31 9.37
CA ALA C 43 -61.67 -12.68 9.53
C ALA C 43 -62.20 -12.12 10.85
N PRO C 44 -63.52 -11.98 10.98
CA PRO C 44 -64.08 -11.55 12.28
C PRO C 44 -63.69 -12.45 13.43
N GLY C 45 -63.58 -13.75 13.19
CA GLY C 45 -63.16 -14.67 14.22
C GLY C 45 -61.69 -15.05 14.12
N LYS C 46 -61.25 -15.36 12.91
CA LYS C 46 -59.87 -15.78 12.72
C LYS C 46 -58.92 -14.57 12.80
N PRO C 47 -57.67 -14.78 13.19
CA PRO C 47 -56.74 -13.66 13.32
C PRO C 47 -56.26 -13.12 11.99
N ARG C 48 -55.31 -12.18 12.04
CA ARG C 48 -54.77 -11.58 10.83
C ARG C 48 -54.12 -12.64 9.94
N GLU C 49 -54.29 -12.48 8.63
CA GLU C 49 -53.64 -13.36 7.67
C GLU C 49 -53.15 -12.54 6.49
N ASN C 50 -51.94 -12.85 6.04
CA ASN C 50 -51.35 -12.15 4.91
C ASN C 50 -52.04 -12.54 3.61
N VAL C 51 -51.98 -11.66 2.63
CA VAL C 51 -52.61 -11.89 1.33
C VAL C 51 -51.55 -11.86 0.23
N ALA C 52 -50.90 -10.71 0.05
CA ALA C 52 -49.92 -10.55 -1.01
C ALA C 52 -48.86 -9.55 -0.56
N THR C 53 -47.74 -9.53 -1.28
CA THR C 53 -46.60 -8.73 -0.88
C THR C 53 -45.81 -8.30 -2.11
N ILE C 54 -45.17 -7.15 -2.02
CA ILE C 54 -44.27 -6.64 -3.04
C ILE C 54 -42.98 -6.23 -2.35
N THR C 55 -41.87 -6.26 -3.07
CA THR C 55 -40.57 -5.91 -2.52
C THR C 55 -39.92 -4.83 -3.37
N ARG C 56 -38.64 -4.56 -3.11
CA ARG C 56 -37.95 -3.49 -3.80
C ARG C 56 -37.75 -3.82 -5.28
N GLY C 57 -37.62 -5.10 -5.60
CA GLY C 57 -37.41 -5.51 -6.98
C GLY C 57 -38.69 -5.94 -7.66
N SER C 58 -39.82 -5.51 -7.11
CA SER C 58 -41.14 -5.90 -7.60
C SER C 58 -41.32 -7.41 -7.60
N ARG C 59 -40.65 -8.10 -6.68
CA ARG C 59 -40.68 -9.56 -6.60
C ARG C 59 -41.95 -9.97 -5.87
N THR C 60 -43.08 -9.70 -6.50
CA THR C 60 -44.37 -9.88 -5.86
C THR C 60 -44.63 -11.36 -5.53
N SER C 61 -45.51 -11.57 -4.55
CA SER C 61 -45.86 -12.92 -4.14
C SER C 61 -47.28 -12.93 -3.61
N TYR C 62 -47.95 -14.08 -3.77
CA TYR C 62 -49.29 -14.30 -3.28
C TYR C 62 -49.30 -15.59 -2.49
N ALA C 63 -49.77 -15.53 -1.24
CA ALA C 63 -49.33 -16.50 -0.24
C ALA C 63 -49.71 -17.94 -0.54
N ASP C 64 -50.99 -18.31 -0.37
CA ASP C 64 -51.39 -19.70 -0.61
C ASP C 64 -52.68 -19.88 -1.39
N SER C 65 -53.68 -19.06 -1.10
CA SER C 65 -55.05 -19.33 -1.51
C SER C 65 -55.41 -18.71 -2.84
N VAL C 66 -54.81 -17.58 -3.19
CA VAL C 66 -55.16 -16.87 -4.41
C VAL C 66 -53.99 -16.81 -5.38
N LYS C 67 -53.09 -17.77 -5.29
CA LYS C 67 -51.95 -17.82 -6.20
C LYS C 67 -52.43 -17.96 -7.64
N GLY C 68 -52.03 -17.00 -8.48
CA GLY C 68 -52.52 -16.92 -9.83
C GLY C 68 -53.89 -16.29 -9.98
N ARG C 69 -54.48 -15.82 -8.89
CA ARG C 69 -55.81 -15.19 -8.91
C ARG C 69 -55.76 -13.69 -8.74
N PHE C 70 -54.94 -13.19 -7.82
CA PHE C 70 -54.85 -11.76 -7.53
C PHE C 70 -53.53 -11.20 -8.05
N CYS C 71 -53.46 -9.88 -8.09
CA CYS C 71 -52.28 -9.18 -8.56
C CYS C 71 -52.11 -7.88 -7.78
N ILE C 72 -50.89 -7.35 -7.79
CA ILE C 72 -50.54 -6.15 -7.05
C ILE C 72 -49.48 -5.39 -7.81
N SER C 73 -49.54 -4.06 -7.75
CA SER C 73 -48.53 -3.21 -8.36
C SER C 73 -48.55 -1.85 -7.68
N LYS C 74 -47.45 -1.12 -7.81
CA LYS C 74 -47.28 0.18 -7.18
C LYS C 74 -46.90 1.22 -8.21
N ASP C 75 -47.32 2.46 -7.96
CA ASP C 75 -47.08 3.58 -8.86
C ASP C 75 -46.01 4.47 -8.26
N ASN C 76 -44.87 4.57 -8.95
CA ASN C 76 -43.77 5.38 -8.44
C ASN C 76 -44.13 6.87 -8.44
N ALA C 77 -44.62 7.37 -9.56
CA ALA C 77 -44.97 8.79 -9.65
C ALA C 77 -46.12 9.13 -8.71
N LYS C 78 -47.15 8.29 -8.68
CA LYS C 78 -48.30 8.55 -7.83
C LYS C 78 -48.04 8.24 -6.36
N SER C 79 -46.92 7.57 -6.05
CA SER C 79 -46.57 7.22 -4.69
C SER C 79 -47.68 6.41 -4.02
N THR C 80 -48.30 5.52 -4.80
CA THR C 80 -49.46 4.76 -4.34
C THR C 80 -49.38 3.35 -4.92
N VAL C 81 -49.98 2.40 -4.20
CA VAL C 81 -49.99 1.00 -4.59
C VAL C 81 -51.41 0.62 -5.02
N TYR C 82 -51.51 -0.12 -6.11
CA TYR C 82 -52.79 -0.66 -6.56
C TYR C 82 -52.86 -2.16 -6.26
N LEU C 83 -54.07 -2.62 -5.94
CA LEU C 83 -54.32 -4.01 -5.58
C LEU C 83 -55.60 -4.44 -6.31
N GLN C 84 -55.43 -5.19 -7.40
CA GLN C 84 -56.53 -5.54 -8.29
C GLN C 84 -56.99 -6.98 -8.04
N MET C 85 -58.31 -7.13 -7.89
CA MET C 85 -58.93 -8.36 -7.42
C MET C 85 -59.84 -8.93 -8.50
N ASN C 86 -59.97 -10.26 -8.51
CA ASN C 86 -60.84 -10.95 -9.44
C ASN C 86 -61.35 -12.24 -8.82
N LYS C 87 -62.50 -12.72 -9.32
CA LYS C 87 -63.07 -14.01 -8.94
C LYS C 87 -63.32 -14.07 -7.42
N LEU C 88 -64.21 -13.19 -6.96
CA LEU C 88 -64.53 -13.11 -5.54
C LEU C 88 -65.32 -14.34 -5.10
N LYS C 89 -65.22 -14.65 -3.82
CA LYS C 89 -65.96 -15.74 -3.20
C LYS C 89 -66.60 -15.25 -1.91
N PRO C 90 -67.74 -15.84 -1.52
CA PRO C 90 -68.37 -15.43 -0.25
C PRO C 90 -67.50 -15.65 0.97
N GLU C 91 -66.66 -16.67 0.95
CA GLU C 91 -65.75 -16.93 2.07
C GLU C 91 -64.66 -15.89 2.20
N ASP C 92 -64.47 -15.04 1.20
CA ASP C 92 -63.41 -14.03 1.22
C ASP C 92 -63.83 -12.75 1.94
N THR C 93 -65.06 -12.67 2.43
CA THR C 93 -65.52 -11.50 3.16
C THR C 93 -64.86 -11.45 4.52
N ALA C 94 -64.01 -10.46 4.74
CA ALA C 94 -63.28 -10.30 6.00
C ALA C 94 -62.79 -8.87 6.11
N ASP C 95 -61.94 -8.61 7.10
CA ASP C 95 -61.35 -7.30 7.30
C ASP C 95 -59.98 -7.26 6.64
N TYR C 96 -59.79 -6.35 5.69
CA TYR C 96 -58.60 -6.29 4.86
C TYR C 96 -57.86 -4.99 5.12
N TYR C 97 -56.55 -5.09 5.31
CA TYR C 97 -55.70 -3.93 5.61
C TYR C 97 -54.53 -3.87 4.63
N CYS C 98 -54.04 -2.66 4.42
CA CYS C 98 -52.78 -2.44 3.73
C CYS C 98 -51.67 -2.23 4.76
N ASN C 99 -50.54 -2.88 4.54
CA ASN C 99 -49.47 -2.93 5.52
C ASN C 99 -48.14 -2.59 4.84
N ALA C 100 -47.21 -2.08 5.62
CA ALA C 100 -45.93 -1.66 5.11
C ALA C 100 -44.82 -2.12 6.05
N GLU C 101 -43.63 -2.27 5.50
CA GLU C 101 -42.42 -2.55 6.25
C GLU C 101 -42.60 -3.77 7.17
N GLY C 102 -43.05 -4.86 6.56
CA GLY C 102 -43.13 -6.13 7.26
C GLY C 102 -44.26 -6.18 8.26
N PRO C 103 -44.35 -7.28 9.00
CA PRO C 103 -45.48 -7.45 9.93
C PRO C 103 -45.33 -6.69 11.23
N ALA C 104 -44.12 -6.34 11.64
CA ALA C 104 -43.90 -5.62 12.88
C ALA C 104 -43.71 -4.14 12.62
N GLY C 105 -44.30 -3.66 11.54
CA GLY C 105 -44.15 -2.28 11.13
C GLY C 105 -45.34 -1.41 11.44
N TYR C 106 -46.18 -1.18 10.45
CA TYR C 106 -47.21 -0.16 10.51
C TYR C 106 -48.52 -0.69 9.93
N TRP C 107 -49.61 -0.06 10.33
CA TRP C 107 -50.94 -0.51 9.92
C TRP C 107 -51.83 0.68 9.68
N GLY C 108 -52.84 0.50 8.82
CA GLY C 108 -53.82 1.51 8.51
C GLY C 108 -55.19 1.20 9.09
N GLN C 109 -56.09 2.15 8.90
CA GLN C 109 -57.46 1.99 9.40
C GLN C 109 -58.17 0.83 8.70
N GLY C 110 -58.03 0.73 7.39
CA GLY C 110 -58.62 -0.36 6.66
C GLY C 110 -60.10 -0.14 6.32
N THR C 111 -60.65 -1.15 5.64
CA THR C 111 -62.04 -1.12 5.21
C THR C 111 -62.54 -2.54 4.97
N PRO C 112 -63.62 -2.96 5.62
CA PRO C 112 -64.17 -4.29 5.35
C PRO C 112 -64.74 -4.38 3.95
N VAL C 113 -64.67 -5.59 3.38
CA VAL C 113 -65.14 -5.86 2.03
C VAL C 113 -66.01 -7.10 2.07
N THR C 114 -67.18 -7.03 1.43
CA THR C 114 -68.09 -8.17 1.37
C THR C 114 -68.40 -8.55 -0.08
N GLN D 4 -15.63 -37.67 -18.40
CA GLN D 4 -17.04 -37.61 -18.81
C GLN D 4 -17.94 -38.09 -17.69
N MET D 5 -18.94 -37.28 -17.34
CA MET D 5 -19.84 -37.65 -16.26
C MET D 5 -20.90 -38.61 -16.79
N GLN D 6 -21.28 -39.59 -15.96
CA GLN D 6 -22.23 -40.61 -16.38
C GLN D 6 -23.22 -40.86 -15.25
N LEU D 7 -24.38 -41.41 -15.62
CA LEU D 7 -25.47 -41.63 -14.69
C LEU D 7 -26.20 -42.91 -15.05
N VAL D 8 -26.86 -43.50 -14.05
CA VAL D 8 -27.64 -44.73 -14.20
C VAL D 8 -29.00 -44.49 -13.59
N GLU D 9 -30.06 -44.87 -14.32
CA GLU D 9 -31.43 -44.64 -13.92
C GLU D 9 -32.08 -45.95 -13.50
N SER D 10 -32.76 -45.94 -12.35
CA SER D 10 -33.49 -47.09 -11.86
C SER D 10 -34.93 -46.67 -11.56
N GLY D 11 -35.89 -47.47 -12.02
CA GLY D 11 -37.28 -47.14 -11.81
C GLY D 11 -38.15 -48.36 -11.89
N GLY D 12 -39.43 -48.16 -11.60
CA GLY D 12 -40.42 -49.22 -11.61
C GLY D 12 -41.16 -49.31 -12.93
N GLY D 13 -42.29 -50.01 -12.90
CA GLY D 13 -43.11 -50.23 -14.08
C GLY D 13 -44.57 -49.93 -13.79
N LEU D 14 -45.44 -50.80 -14.31
CA LEU D 14 -46.87 -50.61 -14.14
C LEU D 14 -47.26 -50.79 -12.68
N VAL D 15 -48.06 -49.85 -12.16
CA VAL D 15 -48.57 -49.88 -10.80
C VAL D 15 -50.02 -49.41 -10.81
N GLN D 16 -50.67 -49.54 -9.65
CA GLN D 16 -52.06 -49.14 -9.52
C GLN D 16 -52.18 -47.62 -9.52
N ALA D 17 -53.40 -47.14 -9.73
CA ALA D 17 -53.67 -45.71 -9.73
C ALA D 17 -53.76 -45.19 -8.30
N GLY D 18 -53.18 -44.00 -8.08
CA GLY D 18 -53.22 -43.39 -6.77
C GLY D 18 -52.26 -43.98 -5.76
N GLY D 19 -51.33 -44.83 -6.18
CA GLY D 19 -50.40 -45.45 -5.28
C GLY D 19 -49.21 -44.57 -4.97
N SER D 20 -48.11 -45.22 -4.60
CA SER D 20 -46.88 -44.51 -4.28
C SER D 20 -45.69 -45.31 -4.79
N LEU D 21 -44.66 -44.60 -5.24
CA LEU D 21 -43.46 -45.23 -5.76
C LEU D 21 -42.24 -44.41 -5.38
N ARG D 22 -41.08 -45.07 -5.41
CA ARG D 22 -39.80 -44.44 -5.13
C ARG D 22 -38.84 -44.76 -6.26
N LEU D 23 -38.17 -43.73 -6.78
CA LEU D 23 -37.27 -43.87 -7.91
C LEU D 23 -35.88 -43.38 -7.52
N SER D 24 -34.86 -44.08 -8.01
CA SER D 24 -33.47 -43.77 -7.69
C SER D 24 -32.67 -43.58 -8.96
N CYS D 25 -31.65 -42.74 -8.89
CA CYS D 25 -30.80 -42.48 -10.04
C CYS D 25 -29.36 -42.32 -9.56
N ALA D 26 -28.49 -43.19 -10.05
CA ALA D 26 -27.08 -43.18 -9.66
C ALA D 26 -26.29 -42.28 -10.60
N VAL D 27 -25.31 -41.57 -10.03
CA VAL D 27 -24.48 -40.63 -10.76
C VAL D 27 -23.02 -40.98 -10.51
N SER D 28 -22.21 -41.01 -11.57
CA SER D 28 -20.82 -41.39 -11.48
C SER D 28 -19.95 -40.41 -12.25
N GLY D 29 -18.69 -40.31 -11.83
CA GLY D 29 -17.74 -39.42 -12.47
C GLY D 29 -18.18 -37.97 -12.42
N SER D 30 -18.57 -37.52 -11.22
CA SER D 30 -19.23 -36.23 -11.08
C SER D 30 -18.71 -35.52 -9.84
N ILE D 31 -18.84 -34.20 -9.85
CA ILE D 31 -18.85 -33.43 -8.61
C ILE D 31 -20.31 -33.36 -8.19
N PHE D 32 -20.76 -34.43 -7.52
CA PHE D 32 -22.18 -34.62 -7.29
C PHE D 32 -22.74 -33.64 -6.27
N SER D 33 -21.91 -33.17 -5.33
CA SER D 33 -22.45 -32.44 -4.20
C SER D 33 -23.00 -31.07 -4.57
N ILE D 34 -22.70 -30.55 -5.76
CA ILE D 34 -23.06 -29.17 -6.06
C ILE D 34 -23.94 -29.08 -7.30
N ILE D 35 -23.80 -30.02 -8.23
CA ILE D 35 -24.47 -29.87 -9.52
C ILE D 35 -25.97 -29.97 -9.34
N THR D 36 -26.69 -29.22 -10.17
CA THR D 36 -28.14 -29.30 -10.19
C THR D 36 -28.59 -30.64 -10.76
N LEU D 37 -29.58 -31.23 -10.11
CA LEU D 37 -30.18 -32.48 -10.56
C LEU D 37 -31.69 -32.30 -10.63
N ALA D 38 -32.31 -33.02 -11.56
CA ALA D 38 -33.75 -32.86 -11.77
C ALA D 38 -34.27 -34.10 -12.48
N TRP D 39 -35.59 -34.15 -12.60
CA TRP D 39 -36.28 -35.23 -13.29
C TRP D 39 -37.18 -34.65 -14.37
N TYR D 40 -37.24 -35.32 -15.51
CA TYR D 40 -38.05 -34.88 -16.63
C TYR D 40 -38.92 -36.03 -17.11
N ARG D 41 -40.13 -35.70 -17.54
CA ARG D 41 -41.05 -36.66 -18.12
C ARG D 41 -41.41 -36.23 -19.53
N GLN D 42 -41.58 -37.21 -20.40
CA GLN D 42 -41.91 -36.97 -21.82
C GLN D 42 -43.12 -37.82 -22.19
N ALA D 43 -44.22 -37.16 -22.52
CA ALA D 43 -45.42 -37.85 -22.94
C ALA D 43 -45.20 -38.45 -24.33
N PRO D 44 -45.98 -39.48 -24.70
CA PRO D 44 -45.88 -40.01 -26.06
C PRO D 44 -46.18 -38.98 -27.13
N GLY D 45 -47.05 -38.01 -26.85
CA GLY D 45 -47.36 -36.97 -27.81
C GLY D 45 -46.75 -35.63 -27.47
N LYS D 46 -46.52 -35.39 -26.17
CA LYS D 46 -45.95 -34.11 -25.75
C LYS D 46 -44.45 -34.23 -25.51
N PRO D 47 -43.70 -33.14 -25.68
CA PRO D 47 -42.24 -33.21 -25.52
C PRO D 47 -41.80 -33.34 -24.07
N ARG D 48 -40.49 -33.27 -23.84
CA ARG D 48 -39.95 -33.37 -22.50
C ARG D 48 -40.46 -32.22 -21.63
N GLU D 49 -40.56 -32.49 -20.33
CA GLU D 49 -40.90 -31.46 -19.37
C GLU D 49 -40.38 -31.86 -18.00
N ASN D 50 -39.84 -30.89 -17.28
CA ASN D 50 -39.36 -31.11 -15.93
C ASN D 50 -40.52 -31.29 -14.97
N VAL D 51 -40.24 -31.96 -13.84
CA VAL D 51 -41.25 -32.15 -12.81
C VAL D 51 -40.74 -31.60 -11.49
N ALA D 52 -39.51 -31.95 -11.11
CA ALA D 52 -38.92 -31.50 -9.87
C ALA D 52 -37.43 -31.27 -10.08
N THR D 53 -36.84 -30.48 -9.19
CA THR D 53 -35.44 -30.09 -9.34
C THR D 53 -34.84 -29.82 -7.98
N ILE D 54 -33.60 -30.26 -7.79
CA ILE D 54 -32.85 -30.01 -6.57
C ILE D 54 -31.71 -29.06 -6.92
N THR D 55 -31.05 -28.54 -5.88
CA THR D 55 -30.04 -27.52 -6.08
C THR D 55 -28.91 -27.77 -5.09
N ARG D 56 -27.85 -26.96 -5.17
CA ARG D 56 -26.69 -27.16 -4.31
C ARG D 56 -27.03 -26.96 -2.84
N GLY D 57 -28.00 -26.10 -2.53
CA GLY D 57 -28.40 -25.84 -1.18
C GLY D 57 -29.52 -26.72 -0.67
N SER D 58 -29.71 -27.89 -1.25
CA SER D 58 -30.83 -28.77 -0.92
C SER D 58 -32.16 -28.06 -1.14
N ARG D 59 -32.18 -27.05 -2.00
CA ARG D 59 -33.40 -26.39 -2.37
C ARG D 59 -34.23 -27.32 -3.24
N THR D 60 -35.55 -27.09 -3.27
CA THR D 60 -36.44 -27.90 -4.07
C THR D 60 -37.41 -27.00 -4.82
N SER D 61 -37.92 -27.53 -5.93
CA SER D 61 -38.91 -26.81 -6.71
C SER D 61 -39.73 -27.83 -7.49
N TYR D 62 -40.94 -27.41 -7.86
CA TYR D 62 -41.86 -28.29 -8.57
C TYR D 62 -42.66 -27.48 -9.58
N ALA D 63 -43.17 -28.17 -10.59
CA ALA D 63 -43.93 -27.52 -11.64
C ALA D 63 -45.33 -27.18 -11.14
N ASP D 64 -46.04 -26.36 -11.92
CA ASP D 64 -47.40 -25.98 -11.56
C ASP D 64 -48.34 -27.17 -11.57
N SER D 65 -48.17 -28.07 -12.54
CA SER D 65 -49.08 -29.21 -12.66
C SER D 65 -49.02 -30.10 -11.42
N VAL D 66 -47.82 -30.37 -10.92
CA VAL D 66 -47.64 -31.19 -9.74
C VAL D 66 -46.97 -30.32 -8.68
N LYS D 67 -47.74 -29.90 -7.69
CA LYS D 67 -47.25 -29.05 -6.60
C LYS D 67 -47.59 -29.72 -5.28
N GLY D 68 -46.57 -29.92 -4.44
CA GLY D 68 -46.79 -30.56 -3.16
C GLY D 68 -47.32 -31.97 -3.27
N ARG D 69 -46.91 -32.70 -4.30
CA ARG D 69 -47.40 -34.06 -4.54
C ARG D 69 -46.27 -35.09 -4.55
N PHE D 70 -45.11 -34.74 -5.09
CA PHE D 70 -43.94 -35.61 -5.08
C PHE D 70 -42.86 -34.99 -4.21
N CYS D 71 -41.88 -35.83 -3.84
CA CYS D 71 -40.79 -35.39 -2.98
C CYS D 71 -39.47 -35.93 -3.52
N ILE D 72 -38.43 -35.11 -3.42
CA ILE D 72 -37.12 -35.41 -3.98
C ILE D 72 -36.07 -35.24 -2.89
N SER D 73 -34.98 -36.01 -3.00
CA SER D 73 -33.88 -35.91 -2.06
C SER D 73 -32.61 -36.45 -2.70
N LYS D 74 -31.47 -36.12 -2.10
CA LYS D 74 -30.17 -36.58 -2.57
C LYS D 74 -29.42 -37.24 -1.43
N ASP D 75 -28.59 -38.22 -1.75
CA ASP D 75 -27.78 -38.93 -0.77
C ASP D 75 -26.33 -38.50 -0.94
N ASN D 76 -25.74 -37.98 0.14
CA ASN D 76 -24.36 -37.52 0.08
C ASN D 76 -23.39 -38.68 -0.09
N ALA D 77 -23.54 -39.71 0.74
CA ALA D 77 -22.59 -40.82 0.72
C ALA D 77 -22.77 -41.67 -0.54
N LYS D 78 -24.01 -42.02 -0.87
CA LYS D 78 -24.26 -42.93 -1.97
C LYS D 78 -24.22 -42.26 -3.34
N SER D 79 -24.20 -40.92 -3.38
CA SER D 79 -24.21 -40.17 -4.64
C SER D 79 -25.39 -40.59 -5.51
N THR D 80 -26.53 -40.79 -4.87
CA THR D 80 -27.74 -41.23 -5.55
C THR D 80 -28.91 -40.38 -5.06
N VAL D 81 -29.82 -40.06 -5.98
CA VAL D 81 -30.98 -39.25 -5.67
C VAL D 81 -32.19 -40.16 -5.52
N TYR D 82 -33.19 -39.67 -4.79
CA TYR D 82 -34.45 -40.36 -4.62
C TYR D 82 -35.59 -39.42 -4.95
N LEU D 83 -36.57 -39.93 -5.68
CA LEU D 83 -37.78 -39.20 -6.02
C LEU D 83 -38.98 -40.08 -5.72
N GLN D 84 -39.79 -39.68 -4.76
CA GLN D 84 -40.96 -40.44 -4.36
C GLN D 84 -42.22 -39.76 -4.90
N MET D 85 -43.07 -40.54 -5.56
CA MET D 85 -44.30 -40.06 -6.14
C MET D 85 -45.48 -40.63 -5.37
N ASN D 86 -46.43 -39.78 -5.02
CA ASN D 86 -47.61 -40.18 -4.27
C ASN D 86 -48.86 -39.66 -4.98
N LYS D 87 -49.97 -40.36 -4.75
CA LYS D 87 -51.26 -40.03 -5.37
C LYS D 87 -51.13 -39.98 -6.89
N LEU D 88 -50.79 -41.13 -7.46
CA LEU D 88 -50.54 -41.24 -8.89
C LEU D 88 -51.83 -41.01 -9.68
N LYS D 89 -51.66 -40.58 -10.93
CA LYS D 89 -52.78 -40.30 -11.82
C LYS D 89 -52.55 -41.04 -13.14
N PRO D 90 -53.61 -41.63 -13.72
CA PRO D 90 -53.45 -42.34 -14.99
C PRO D 90 -52.94 -41.45 -16.11
N GLU D 91 -53.32 -40.17 -16.13
CA GLU D 91 -52.87 -39.26 -17.16
C GLU D 91 -51.38 -38.95 -17.07
N ASP D 92 -50.73 -39.30 -15.96
CA ASP D 92 -49.30 -39.09 -15.81
C ASP D 92 -48.46 -40.22 -16.36
N THR D 93 -49.10 -41.24 -16.93
CA THR D 93 -48.36 -42.35 -17.55
C THR D 93 -47.58 -41.85 -18.76
N ALA D 94 -46.25 -41.78 -18.63
CA ALA D 94 -45.39 -41.30 -19.70
C ALA D 94 -43.99 -41.87 -19.47
N ASP D 95 -43.01 -41.34 -20.21
CA ASP D 95 -41.62 -41.75 -20.07
C ASP D 95 -40.91 -40.76 -19.16
N TYR D 96 -40.33 -41.27 -18.08
CA TYR D 96 -39.66 -40.45 -17.09
C TYR D 96 -38.16 -40.61 -17.21
N TYR D 97 -37.44 -39.49 -17.15
CA TYR D 97 -36.00 -39.44 -17.37
C TYR D 97 -35.29 -38.82 -16.19
N CYS D 98 -34.13 -39.38 -15.86
CA CYS D 98 -33.21 -38.75 -14.93
C CYS D 98 -32.35 -37.73 -15.69
N ASN D 99 -32.07 -36.60 -15.04
CA ASN D 99 -31.33 -35.54 -15.69
C ASN D 99 -30.36 -34.93 -14.68
N ALA D 100 -29.42 -34.15 -15.21
CA ALA D 100 -28.44 -33.50 -14.35
C ALA D 100 -27.88 -32.28 -15.07
N GLU D 101 -27.32 -31.37 -14.28
CA GLU D 101 -26.61 -30.20 -14.80
C GLU D 101 -27.46 -29.41 -15.79
N GLY D 102 -28.71 -29.19 -15.43
CA GLY D 102 -29.59 -28.36 -16.22
C GLY D 102 -30.17 -29.10 -17.40
N PRO D 103 -31.01 -28.43 -18.19
CA PRO D 103 -31.65 -29.12 -19.31
C PRO D 103 -30.72 -29.40 -20.49
N ALA D 104 -29.86 -28.47 -20.87
CA ALA D 104 -28.90 -28.72 -21.95
C ALA D 104 -27.63 -29.36 -21.42
N GLY D 105 -27.71 -30.07 -20.31
CA GLY D 105 -26.56 -30.78 -19.80
C GLY D 105 -26.58 -32.23 -20.23
N TYR D 106 -26.89 -33.13 -19.30
CA TYR D 106 -26.74 -34.55 -19.55
C TYR D 106 -28.08 -35.25 -19.30
N TRP D 107 -28.24 -36.42 -19.91
CA TRP D 107 -29.51 -37.16 -19.83
C TRP D 107 -29.23 -38.64 -19.59
N GLY D 108 -30.21 -39.31 -18.96
CA GLY D 108 -30.13 -40.72 -18.70
C GLY D 108 -30.85 -41.56 -19.75
N GLN D 109 -30.97 -42.86 -19.43
CA GLN D 109 -31.60 -43.79 -20.38
C GLN D 109 -33.10 -43.63 -20.43
N GLY D 110 -33.74 -43.43 -19.28
CA GLY D 110 -35.19 -43.28 -19.23
C GLY D 110 -35.93 -44.58 -18.98
N THR D 111 -36.83 -44.57 -18.00
CA THR D 111 -37.63 -45.75 -17.66
C THR D 111 -39.11 -45.37 -17.69
N PRO D 112 -39.90 -45.93 -18.60
CA PRO D 112 -41.33 -45.61 -18.62
C PRO D 112 -42.04 -46.15 -17.39
N VAL D 113 -43.10 -45.43 -16.99
CA VAL D 113 -43.93 -45.81 -15.85
C VAL D 113 -45.39 -45.80 -16.29
N THR D 114 -46.11 -46.86 -15.95
CA THR D 114 -47.51 -47.00 -16.32
C THR D 114 -48.40 -46.96 -15.08
N VAL D 115 -49.49 -46.21 -15.17
CA VAL D 115 -50.46 -46.05 -14.09
C VAL D 115 -51.76 -46.70 -14.52
N SER D 116 -52.33 -47.53 -13.65
CA SER D 116 -53.57 -48.23 -13.95
C SER D 116 -54.72 -47.25 -14.14
CAL EIW E . 40.21 23.63 0.01
CAP EIW E . 42.13 26.55 -0.28
CAR EIW E . 41.37 28.87 0.68
CAT EIW E . 41.32 31.16 2.04
CBA EIW E . 46.30 24.48 -0.21
CBB EIW E . 47.79 24.83 0.05
CBC EIW E . 48.15 26.23 -0.48
CBE EIW E . 50.23 27.69 -0.03
CBG EIW E . 51.04 30.05 -0.61
CBI EIW E . 31.13 13.91 2.41
CBK EIW E . 29.07 12.51 2.38
CBM EIW E . 29.82 13.74 0.32
CBV EIW E . 27.59 13.93 4.33
CBX EIW E . 28.70 14.16 6.55
CBZ EIW E . 27.69 11.97 5.84
CCB EIW E . 27.28 9.54 5.55
OAZ EIW E . 40.81 21.44 -0.73
OBH EIW E . 41.55 18.77 -1.21
OBS EIW E . 30.34 14.64 1.37
OBU EIW E . 29.72 16.25 -2.26
OB1 EIW E . 40.45 18.16 0.75
CB2 EIW E . 41.62 18.65 -0.02
CB3 EIW E . 42.98 19.01 0.72
C02 EIW E . 39.08 18.62 2.67
C03 EIW E . 37.77 17.93 2.36
C04 EIW E . 37.19 17.15 3.58
C06 EIW E . 38.31 17.18 5.80
C07 EIW E . 38.96 18.16 6.77
C09 EIW E . 41.05 19.22 5.59
C10 EIW E . 42.55 19.15 5.23
C11 EIW E . 43.16 20.52 5.04
C13 EIW E . 45.43 20.49 4.11
C14 EIW E . 46.28 21.77 3.82
C15 EIW E . 47.75 21.48 3.46
C16 EIW E . 48.71 22.26 4.39
C17 EIW E . 49.53 23.33 3.65
C18 EIW E . 50.29 24.23 4.63
C19 EIW E . 51.12 25.33 3.91
C20 EIW E . 50.83 26.76 4.45
C26 EIW E . 43.92 20.91 6.33
C27 EIW E . 43.74 22.43 6.69
C28 EIW E . 44.00 22.70 8.22
C29 EIW E . 45.36 23.42 8.47
C30 EIW E . 46.32 23.29 7.27
C31 EIW E . 47.75 23.72 7.61
C32 EIW E . 48.54 22.64 8.34
C33 EIW E . 49.77 23.22 9.08
C34 EIW E . 51.10 22.44 8.78
C35 EIW E . 52.22 23.39 8.26
C36 EIW E . 53.64 22.80 8.49
C39 EIW E . 36.83 16.35 7.62
C40 EIW E . 35.43 16.86 7.16
C42 EIW E . 33.69 15.55 5.74
C43 EIW E . 33.43 14.75 6.96
C46 EIW E . 33.64 14.59 4.54
C47 EIW E . 32.86 15.13 3.38
C64 EIW E . 33.07 16.58 3.17
C66 EIW E . 32.75 17.42 4.41
C67 EIW E . 31.44 18.11 4.21
C69 EIW E . 30.76 18.36 5.57
C72 EIW E . 37.50 17.33 8.60
C78 EIW E . 38.82 17.86 8.19
C80 EIW E . 40.29 19.34 9.74
C81 EIW E . 41.67 18.49 9.37
C82 EIW E . 42.50 18.04 10.67
C84 EIW E . 43.90 19.74 11.48
C85 EIW E . 45.28 20.07 12.04
C86 EIW E . 45.96 21.31 11.34
C87 EIW E . 47.40 21.64 11.93
C88 EIW E . 48.54 20.68 11.38
C89 EIW E . 49.71 20.37 12.43
C90 EIW E . 50.74 21.53 12.58
C91 EIW E . 51.65 21.36 13.87
C92 EIW E . 52.56 20.10 13.77
C99 EIW E . 42.62 16.49 10.65
CA0 EIW E . 43.24 15.91 11.97
CA1 EIW E . 44.56 15.16 11.71
CA2 EIW E . 45.76 16.00 12.05
CA3 EIW E . 47.02 15.18 12.23
CA4 EIW E . 46.99 13.84 11.49
CA5 EIW E . 48.38 13.49 10.88
CA6 EIW E . 48.32 12.37 9.86
CA7 EIW E . 49.69 11.74 9.61
CA8 EIW E . 49.58 10.27 9.18
CA9 EIW E . 50.73 9.85 8.27
CAC EIW E . 37.27 19.46 0.54
CAI EIW E . 38.77 19.86 0.47
CAK EIW E . 40.03 22.07 -0.09
CAM EIW E . 41.41 24.11 -0.84
CAO EIW E . 41.24 25.61 -1.19
CAQ EIW E . 41.91 28.10 -0.59
CAS EIW E . 41.78 30.42 0.69
CB0 EIW E . 39.70 19.23 1.44
CB4 EIW E . 44.23 18.56 -0.07
CB6 EIW E . 44.71 19.69 -1.00
CB7 EIW E . 44.37 21.13 -0.44
CB8 EIW E . 45.36 22.21 -0.94
CB9 EIW E . 45.96 23.03 0.22
CBD EIW E . 49.70 26.38 -0.66
CBF EIW E . 50.85 28.61 -1.10
N08 EIW E . 40.42 18.12 6.42
NAJ EIW E . 38.89 21.36 0.61
O01 EIW E . 40.00 17.64 3.16
O05 EIW E . 37.45 17.89 4.90
O12 EIW E . 44.00 20.52 3.91
O25 EIW E . 45.96 19.50 4.49
O37 EIW E . 40.40 20.13 5.21
O38 EIW E . 37.63 16.03 6.43
O41 EIW E . 35.06 16.14 5.83
O44 EIW E . 32.80 15.25 7.91
O45 EIW E . 33.83 13.56 7.02
O48 EIW E . 31.40 14.86 3.61
O65 EIW E . 32.23 17.00 2.08
O68 EIW E . 31.64 19.33 3.54
O70 EIW E . 29.73 17.43 5.74
O71 EIW E . 32.68 16.61 5.66
O73 EIW E . 37.70 16.61 9.82
O75 EIW E . 36.83 17.14 12.20
O76 EIW E . 36.22 14.99 11.19
O77 EIW E . 35.19 17.06 10.36
O79 EIW E . 39.04 19.18 8.95
O83 EIW E . 43.73 18.58 10.65
O98 EIW E . 42.98 20.45 11.72
OAA EIW E . 40.31 20.10 10.63
OAB EIW E . 36.82 18.95 1.88
OAD EIW E . 37.06 18.48 -0.36
OAF EIW E . 35.20 19.75 -1.63
OAG EIW E . 37.46 19.69 -2.60
OAH EIW E . 36.07 17.65 -2.61
OAN EIW E . 42.58 23.93 -0.12
OB5 EIW E . 45.24 18.26 0.82
P74 EIW E . 36.46 16.44 10.91
PAE EIW E . 36.43 18.90 -1.83
CBJ EIW E . 30.50 12.57 2.78
CBL EIW E . 28.89 12.67 0.91
CBN EIW E . 29.03 14.55 -0.68
CBO EIW E . 29.96 14.91 -1.87
OBP EIW E . 30.60 12.37 4.20
OBQ EIW E . 28.36 13.61 3.04
OBR EIW E . 29.20 11.42 0.27
OBT EIW E . 28.57 15.72 -0.08
CBW EIW E . 27.95 14.86 5.48
CBY EIW E . 28.03 12.90 7.01
CCA EIW E . 26.89 10.80 6.34
OCC EIW E . 26.73 15.40 6.05
OCD EIW E . 28.82 15.06 7.69
OCE EIW E . 28.88 12.22 7.92
OCF EIW E . 26.91 12.66 4.80
OCG EIW E . 25.53 11.07 6.18
OCH EIW E . 26.97 9.73 4.20
N2 88T F . -50.48 -11.52 -14.24
O2 88T F . -51.12 -9.42 -13.30
N3 88T F . -51.52 -9.90 -17.47
O3 88T F . -49.77 -13.83 -14.18
C4 88T F . -50.80 -11.32 -11.85
N4 88T F . -49.14 -7.43 -19.12
O4 88T F . -50.14 -8.22 -16.66
C5 88T F . -50.84 -10.57 -13.16
N5 88T F . -46.51 -8.66 -19.12
O5 88T F . -48.62 -11.46 -18.88
C6 88T F . -50.58 -12.80 -12.12
N6 88T F . -45.64 -6.77 -17.04
O6 88T F . -47.59 -10.48 -17.21
C7 88T F . -50.20 -12.88 -13.62
N7 88T F . -48.29 -5.67 -16.88
O7 88T F . -47.49 -6.25 -13.52
C8 88T F . -50.39 -11.21 -15.68
O8 88T F . -48.56 -7.64 -14.81
C9 88T F . -51.71 -10.54 -16.15
O9 88T F . -45.91 -9.52 -16.39
C10 88T F . -50.67 -8.70 -17.61
O10 88T F . -46.28 -8.63 -14.46
C11 88T F . -50.49 -8.04 -19.01
C12 88T F . -48.52 -7.90 -20.39
C13 88T F . -46.96 -7.83 -20.27
C14 88T F . -46.69 -10.10 -19.44
C15 88T F . -47.69 -10.71 -18.46
C16 88T F . -45.07 -8.38 -18.85
C17 88T F . -44.93 -6.92 -18.34
C18 88T F . -45.82 -5.33 -16.75
C19 88T F . -47.16 -4.84 -17.38
C20 88T F . -48.57 -5.31 -15.48
C21 88T F . -48.17 -6.48 -14.54
C22 88T F . -49.27 -5.95 -19.15
C23 88T F . -49.50 -5.41 -17.70
C24 88T F . -44.83 -7.40 -15.98
C25 88T F . -45.68 -8.60 -15.55
GD GD G . -47.81 -8.23 -16.86
N2 88T H . -43.41 -32.55 1.49
O2 88T H . -41.38 -32.40 0.23
N3 88T H . -42.20 -33.11 4.75
O3 88T H . -45.74 -33.09 1.83
C4 88T H . -43.30 -33.46 -0.76
N4 88T H . -40.64 -34.47 7.72
O4 88T H . -40.54 -34.71 4.81
C5 88T H . -42.51 -32.74 0.31
N5 88T H . -39.35 -31.83 8.10
O5 88T H . -42.30 -30.77 6.63
C6 88T H . -44.65 -33.84 -0.23
N6 88T H . -36.79 -33.01 6.96
O6 88T H . -40.38 -30.77 5.57
C7 88T H . -44.77 -33.14 1.15
N7 88T H . -38.31 -35.57 6.68
O7 88T H . -37.29 -34.72 3.46
C8 88T H . -43.05 -31.90 2.76
O8 88T H . -39.35 -34.67 4.17
C9 88T H . -41.85 -32.66 3.39
O9 88T H . -37.38 -31.94 4.33
C10 88T H . -41.44 -34.20 5.38
O10 88T H . -36.55 -30.06 5.08
C11 88T H . -41.81 -34.68 6.82
C12 88T H . -41.02 -33.54 8.82
C13 88T H . -39.77 -32.71 9.24
C14 88T H . -40.29 -30.69 8.00
C15 88T H . -41.03 -30.75 6.65
C16 88T H . -37.98 -31.32 8.35
C17 88T H . -36.97 -32.51 8.34
C18 88T H . -36.17 -34.36 7.02
C19 88T H . -37.18 -35.39 7.62
C20 88T H . -37.82 -36.11 5.39
C21 88T H . -38.18 -35.11 4.27
C22 88T H . -40.20 -35.77 8.29
C23 88T H . -39.31 -36.52 7.25
C24 88T H . -35.87 -32.10 6.23
C25 88T H . -36.65 -31.32 5.15
GD GD I . -39.22 -33.23 5.91
#